data_5U6Q
#
_entry.id   5U6Q
#
_cell.length_a   217.668
_cell.length_b   70.510
_cell.length_c   143.370
_cell.angle_alpha   90.000
_cell.angle_beta   104.770
_cell.angle_gamma   90.000
#
_symmetry.space_group_name_H-M   'C 1 2 1'
#
loop_
_entity.id
_entity.type
_entity.pdbx_description
1 polymer 'Major histocompatibility complex class I-related gene protein'
2 polymer 'MAIT T-cell receptor alpha chain'
3 polymer 'MAIT T-cell receptor beta chain'
4 polymer Beta-2-microglobulin
5 non-polymer '3-methanoyl-2-oxidanyl-benzoic acid'
6 non-polymer GLYCEROL
7 non-polymer 'ACETATE ION'
8 non-polymer 'SODIUM ION'
9 water water
#
loop_
_entity_poly.entity_id
_entity_poly.type
_entity_poly.pdbx_seq_one_letter_code
_entity_poly.pdbx_strand_id
1 'polypeptide(L)'
;MRTHSLRYFRLGVSDPIHGVPEFISVGYVDSHPITTYDSVTRQKEPRAPWMAENLAPDHWERYTQLLRGWQQMFKVELKR
LQRHYNHSGSHTYQRMIGCELLEDGSTTGFLQYAYDGQDFLIFNKDTLSWLAVDNVAHTIKQAWEANQHELLYQKNWLEE
ECIAWLKRFLEYGKDTLQRTEPPLVRVNRKETFPGVTALFCKAHGFYPPEIYMTWMKNGEEIVQEIDYGDILPSGDGTYQ
AWASIELDPQSSNLYSCHVEHSGVHMVLQVP
;
C,A
2 'polypeptide(L)'
;GQNIDQPTEMTATEGAIVQINCTYQTSGFNGLFWYQQHAGEAPTFLSYNVLDGLEEKGRFSSFLSRSKGYSYLLLKELQM
KDSASYLCAVKDSNYQLIWGAGTKLIIKPDIQNPDPAVYQLRDSKSSDKSVCLFTDFDSQTNVSQSKDSDVYITDKCVLD
MRSMDFKSNSAVAWSNKSDFACANAFNNSIIPEDTFFPSPESS
;
D,B
3 'polypeptide(L)'
;NAGVTQTPKFQVLKTGQSMTLQCAQDMNHNSMYWYRQDPGMGLRLIYYSASEGTTDKGEVPNGYNVSRLNKREFSLRLES
AAPSQTSVYFCASSVWTGEGSGELFFGEGSRLTVLEDLKNVFPPEVAVFEPSEAEISHTQKATLVCLATGFYPDHVELSW
WVNGKEVHSGVCTDPQPLKEQPALNDSRYALSSRLRVSATFWQNPRNHFRCQVQFYGLSENDEWTQDRAKPVTQIVSAEA
WGRAD
;
E,G
4 'polypeptide(L)'
;IQRTPKIQVYSRHPAENGKSNFLNCYVSGFHPSDIEVDLLKNGERIEKVEHSDLSFSKDWSFYLLYYTEFTPTEKDEYAC
RVNHVTLSQPKIVKWDRDM
;
F,H
#
# COMPACT_ATOMS: atom_id res chain seq x y z
N MET A 1 18.40 42.69 47.46
CA MET A 1 17.07 43.07 47.01
C MET A 1 16.07 42.95 48.14
N ARG A 2 14.91 43.59 47.98
CA ARG A 2 13.78 43.36 48.86
C ARG A 2 13.17 42.00 48.53
N THR A 3 12.23 41.55 49.36
CA THR A 3 11.46 40.33 49.06
C THR A 3 10.65 40.52 47.78
N HIS A 4 10.64 39.51 46.91
CA HIS A 4 9.86 39.54 45.69
C HIS A 4 9.12 38.22 45.53
N SER A 5 8.05 38.23 44.74
CA SER A 5 7.31 37.01 44.50
C SER A 5 6.77 36.93 43.08
N LEU A 6 6.54 35.69 42.70
CA LEU A 6 5.91 35.35 41.45
C LEU A 6 4.70 34.50 41.77
N ARG A 7 3.52 34.89 41.27
CA ARG A 7 2.26 34.17 41.53
C ARG A 7 1.48 34.03 40.23
N TYR A 8 0.93 32.84 39.95
CA TYR A 8 0.00 32.69 38.84
C TYR A 8 -1.37 32.23 39.34
N PHE A 9 -2.42 32.91 38.90
CA PHE A 9 -3.79 32.62 39.30
C PHE A 9 -4.61 32.06 38.14
N ARG A 10 -5.52 31.14 38.46
CA ARG A 10 -6.55 30.74 37.53
C ARG A 10 -7.93 30.92 38.17
N LEU A 11 -8.89 31.27 37.33
CA LEU A 11 -10.30 31.31 37.72
C LEU A 11 -11.14 30.59 36.68
N GLY A 12 -11.95 29.65 37.15
CA GLY A 12 -12.93 29.00 36.30
C GLY A 12 -14.30 29.31 36.89
N VAL A 13 -15.26 29.57 36.00
CA VAL A 13 -16.61 29.87 36.42
C VAL A 13 -17.55 28.93 35.67
N SER A 14 -18.47 28.27 36.36
CA SER A 14 -19.17 27.14 35.73
C SER A 14 -20.33 27.54 34.83
N ASP A 15 -21.01 28.62 35.17
CA ASP A 15 -22.15 29.07 34.37
C ASP A 15 -22.11 30.59 34.21
N PRO A 16 -21.07 31.11 33.55
CA PRO A 16 -20.91 32.57 33.57
C PRO A 16 -21.97 33.35 32.80
N ILE A 17 -22.23 34.57 33.28
CA ILE A 17 -23.07 35.54 32.61
C ILE A 17 -22.55 35.78 31.19
N HIS A 18 -23.44 36.10 30.27
CA HIS A 18 -23.12 36.31 28.85
C HIS A 18 -21.89 37.19 28.59
N GLY A 19 -20.99 36.69 27.74
CA GLY A 19 -19.80 37.42 27.34
C GLY A 19 -18.63 37.29 28.31
N VAL A 20 -18.95 37.11 29.59
CA VAL A 20 -17.96 36.97 30.65
C VAL A 20 -17.21 35.64 30.51
N PRO A 21 -15.87 35.67 30.59
CA PRO A 21 -15.08 34.45 30.34
C PRO A 21 -15.31 33.36 31.37
N GLU A 22 -15.41 32.11 30.92
CA GLU A 22 -15.46 30.97 31.82
C GLU A 22 -14.09 30.70 32.47
N PHE A 23 -13.03 31.22 31.87
CA PHE A 23 -11.69 30.95 32.36
C PHE A 23 -10.79 32.18 32.19
N ILE A 24 -10.10 32.55 33.27
CA ILE A 24 -9.16 33.66 33.29
C ILE A 24 -7.90 33.24 34.05
N SER A 25 -6.74 33.56 33.50
CA SER A 25 -5.48 33.33 34.21
C SER A 25 -4.57 34.54 34.16
N VAL A 26 -4.08 34.97 35.33
CA VAL A 26 -3.20 36.13 35.40
C VAL A 26 -1.98 35.82 36.28
N GLY A 27 -0.79 36.21 35.82
CA GLY A 27 0.42 36.10 36.62
C GLY A 27 0.85 37.48 37.17
N TYR A 28 1.54 37.47 38.31
CA TYR A 28 1.99 38.71 38.96
C TYR A 28 3.43 38.58 39.36
N VAL A 29 4.18 39.66 39.28
CA VAL A 29 5.43 39.72 40.03
C VAL A 29 5.22 40.81 41.07
N ASP A 30 5.28 40.46 42.35
CA ASP A 30 4.85 41.37 43.43
C ASP A 30 3.42 41.82 43.14
N SER A 31 3.18 43.13 43.05
CA SER A 31 1.83 43.60 42.79
C SER A 31 1.55 43.90 41.29
N HIS A 32 2.51 43.56 40.43
CA HIS A 32 2.44 43.93 39.02
C HIS A 32 1.91 42.76 38.19
N PRO A 33 0.78 42.94 37.51
CA PRO A 33 0.41 41.88 36.55
C PRO A 33 1.47 41.77 35.47
N ILE A 34 1.85 40.54 35.12
CA ILE A 34 2.85 40.34 34.08
C ILE A 34 2.28 39.60 32.84
N THR A 35 1.26 38.78 33.03
CA THR A 35 0.69 37.99 31.92
C THR A 35 -0.80 37.80 32.10
N THR A 36 -1.50 37.57 30.99
CA THR A 36 -2.92 37.32 31.09
C THR A 36 -3.35 36.38 29.95
N TYR A 37 -4.36 35.57 30.23
CA TYR A 37 -4.98 34.68 29.26
C TYR A 37 -6.46 34.57 29.67
N ASP A 38 -7.38 34.48 28.71
CA ASP A 38 -8.74 34.09 29.08
C ASP A 38 -9.43 33.35 27.93
N SER A 39 -10.59 32.77 28.23
CA SER A 39 -11.24 31.87 27.28
C SER A 39 -11.88 32.65 26.12
N VAL A 40 -11.91 33.98 26.23
CA VAL A 40 -12.50 34.81 25.19
C VAL A 40 -11.43 35.16 24.15
N THR A 41 -10.29 35.66 24.60
CA THR A 41 -9.18 35.94 23.67
C THR A 41 -8.49 34.68 23.18
N ARG A 42 -8.45 33.65 24.04
CA ARG A 42 -7.65 32.43 23.82
C ARG A 42 -6.20 32.72 23.46
N GLN A 43 -5.67 33.84 23.94
CA GLN A 43 -4.29 34.22 23.72
C GLN A 43 -3.64 34.56 25.04
N LYS A 44 -2.42 34.09 25.24
CA LYS A 44 -1.64 34.53 26.39
C LYS A 44 -0.84 35.76 25.98
N GLU A 45 -0.96 36.83 26.76
CA GLU A 45 -0.39 38.13 26.42
C GLU A 45 0.32 38.79 27.62
N PRO A 46 1.36 39.60 27.34
CA PRO A 46 2.02 40.35 28.42
C PRO A 46 1.10 41.41 29.02
N ARG A 47 1.25 41.67 30.32
CA ARG A 47 0.52 42.78 30.97
C ARG A 47 1.47 43.86 31.48
N ALA A 48 2.77 43.66 31.25
CA ALA A 48 3.77 44.68 31.59
C ALA A 48 4.68 44.85 30.38
N PRO A 49 5.06 46.11 30.08
CA PRO A 49 5.87 46.32 28.88
C PRO A 49 7.26 45.67 29.02
N TRP A 50 7.76 45.53 30.25
CA TRP A 50 9.05 44.90 30.39
C TRP A 50 8.97 43.37 30.24
N MET A 51 7.76 42.81 30.26
CA MET A 51 7.58 41.41 29.88
C MET A 51 7.56 41.32 28.35
N ALA A 52 6.78 42.18 27.70
CA ALA A 52 6.65 42.17 26.23
C ALA A 52 7.99 42.34 25.54
N GLU A 53 8.83 43.20 26.11
CA GLU A 53 10.09 43.60 25.47
C GLU A 53 11.21 42.59 25.64
N ASN A 54 10.99 41.57 26.47
CA ASN A 54 12.05 40.61 26.74
C ASN A 54 11.71 39.18 26.43
N LEU A 55 10.48 38.95 25.99
CA LEU A 55 10.02 37.60 25.67
C LEU A 55 9.48 37.61 24.25
N ALA A 56 10.18 36.86 23.39
CA ALA A 56 9.88 36.72 21.96
C ALA A 56 8.50 36.12 21.68
N PRO A 57 7.96 36.34 20.46
CA PRO A 57 6.65 35.78 20.09
C PRO A 57 6.53 34.27 20.35
N ASP A 58 7.61 33.51 20.23
CA ASP A 58 7.50 32.06 20.39
C ASP A 58 7.19 31.70 21.85
N HIS A 59 7.58 32.55 22.80
CA HIS A 59 7.21 32.37 24.19
C HIS A 59 5.70 32.45 24.32
N TRP A 60 5.11 33.54 23.82
CA TRP A 60 3.66 33.75 23.91
C TRP A 60 2.88 32.69 23.11
N GLU A 61 3.44 32.26 21.98
CA GLU A 61 2.76 31.22 21.18
C GLU A 61 2.68 29.92 21.95
N ARG A 62 3.80 29.53 22.57
CA ARG A 62 3.86 28.29 23.31
C ARG A 62 2.93 28.31 24.54
N TYR A 63 2.96 29.42 25.30
CA TYR A 63 2.12 29.49 26.50
C TYR A 63 0.66 29.68 26.14
N THR A 64 0.41 30.24 24.95
CA THR A 64 -0.97 30.26 24.45
C THR A 64 -1.50 28.82 24.30
N GLN A 65 -0.69 27.94 23.70
CA GLN A 65 -1.13 26.54 23.55
C GLN A 65 -1.34 25.89 24.93
N LEU A 66 -0.38 26.09 25.82
CA LEU A 66 -0.47 25.47 27.14
C LEU A 66 -1.73 25.90 27.88
N LEU A 67 -2.03 27.20 27.86
CA LEU A 67 -3.18 27.74 28.57
C LEU A 67 -4.49 27.26 27.96
N ARG A 68 -4.53 27.11 26.64
CA ARG A 68 -5.70 26.50 26.02
C ARG A 68 -5.96 25.10 26.58
N GLY A 69 -4.90 24.34 26.75
CA GLY A 69 -5.00 23.04 27.38
C GLY A 69 -5.40 23.14 28.85
N TRP A 70 -4.77 24.08 29.58
CA TRP A 70 -5.04 24.19 31.00
C TRP A 70 -6.46 24.69 31.25
N GLN A 71 -6.95 25.54 30.35
CA GLN A 71 -8.35 25.99 30.38
C GLN A 71 -9.31 24.80 30.37
N GLN A 72 -9.06 23.87 29.45
CA GLN A 72 -9.95 22.73 29.33
C GLN A 72 -9.88 21.87 30.59
N MET A 73 -8.68 21.66 31.11
CA MET A 73 -8.50 20.88 32.32
C MET A 73 -9.23 21.51 33.53
N PHE A 74 -9.20 22.83 33.61
CA PHE A 74 -9.89 23.55 34.67
C PHE A 74 -11.40 23.35 34.57
N LYS A 75 -11.92 23.36 33.35
CA LYS A 75 -13.34 23.13 33.14
C LYS A 75 -13.75 21.73 33.63
N VAL A 76 -13.01 20.72 33.17
CA VAL A 76 -13.22 19.34 33.63
C VAL A 76 -13.16 19.20 35.17
N GLU A 77 -12.14 19.77 35.82
CA GLU A 77 -12.05 19.70 37.29
C GLU A 77 -13.23 20.39 37.99
N LEU A 78 -13.63 21.56 37.49
CA LEU A 78 -14.77 22.27 38.09
C LEU A 78 -16.03 21.45 37.93
N LYS A 79 -16.21 20.89 36.75
CA LYS A 79 -17.38 20.08 36.48
C LYS A 79 -17.46 18.93 37.50
N ARG A 80 -16.32 18.28 37.76
CA ARG A 80 -16.27 17.18 38.73
C ARG A 80 -16.58 17.68 40.14
N LEU A 81 -16.01 18.82 40.54
CA LEU A 81 -16.28 19.37 41.87
C LEU A 81 -17.77 19.69 42.07
N GLN A 82 -18.38 20.32 41.08
CA GLN A 82 -19.75 20.79 41.27
C GLN A 82 -20.70 19.59 41.23
N ARG A 83 -20.31 18.57 40.48
CA ARG A 83 -21.03 17.30 40.49
C ARG A 83 -21.03 16.67 41.87
N HIS A 84 -19.87 16.67 42.54
CA HIS A 84 -19.76 15.96 43.80
C HIS A 84 -20.26 16.78 44.97
N TYR A 85 -20.28 18.10 44.81
CA TYR A 85 -20.95 18.94 45.78
C TYR A 85 -22.46 18.89 45.60
N ASN A 86 -22.91 18.43 44.43
CA ASN A 86 -24.34 18.42 44.11
C ASN A 86 -24.88 19.84 44.12
N HIS A 87 -24.15 20.75 43.49
CA HIS A 87 -24.49 22.17 43.45
C HIS A 87 -25.11 22.57 42.12
N SER A 88 -26.13 23.41 42.16
CA SER A 88 -26.65 23.98 40.92
C SER A 88 -26.18 25.42 40.77
N GLY A 89 -26.42 26.01 39.61
CA GLY A 89 -26.05 27.39 39.37
C GLY A 89 -24.57 27.56 39.05
N SER A 90 -24.11 28.80 39.04
CA SER A 90 -22.71 29.09 38.71
C SER A 90 -21.80 29.05 39.94
N HIS A 91 -20.71 28.30 39.84
CA HIS A 91 -19.74 28.21 40.94
C HIS A 91 -18.34 28.50 40.42
N THR A 92 -17.42 28.82 41.33
CA THR A 92 -16.08 29.18 40.92
C THR A 92 -15.01 28.21 41.40
N TYR A 93 -13.91 28.18 40.65
CA TYR A 93 -12.78 27.31 40.91
C TYR A 93 -11.55 28.16 40.73
N GLN A 94 -10.62 28.05 41.66
CA GLN A 94 -9.45 28.91 41.61
C GLN A 94 -8.21 28.14 41.97
N ARG A 95 -7.12 28.53 41.34
CA ARG A 95 -5.81 27.98 41.62
C ARG A 95 -4.86 29.15 41.85
N MET A 96 -3.93 28.97 42.78
CA MET A 96 -2.85 29.93 42.94
C MET A 96 -1.57 29.16 43.15
N ILE A 97 -0.55 29.47 42.35
CA ILE A 97 0.76 28.86 42.52
C ILE A 97 1.77 29.97 42.54
N GLY A 98 2.87 29.79 43.26
CA GLY A 98 3.84 30.86 43.36
C GLY A 98 4.98 30.61 44.31
N CYS A 99 5.90 31.55 44.38
CA CYS A 99 7.09 31.42 45.19
C CYS A 99 7.57 32.80 45.62
N GLU A 100 8.37 32.84 46.68
CA GLU A 100 8.99 34.09 47.10
C GLU A 100 10.47 33.89 47.23
N LEU A 101 11.21 34.93 46.87
CA LEU A 101 12.62 35.00 47.08
C LEU A 101 12.78 36.10 48.15
N LEU A 102 13.09 35.69 49.38
CA LEU A 102 13.14 36.62 50.52
C LEU A 102 14.40 37.44 50.48
N GLU A 103 14.40 38.58 51.19
CA GLU A 103 15.59 39.43 51.22
C GLU A 103 16.84 38.66 51.67
N ASP A 104 16.70 37.80 52.67
CA ASP A 104 17.83 37.02 53.18
C ASP A 104 18.26 35.85 52.29
N GLY A 105 17.64 35.70 51.12
CA GLY A 105 18.05 34.67 50.20
C GLY A 105 17.29 33.35 50.30
N SER A 106 16.47 33.21 51.34
CA SER A 106 15.64 32.03 51.49
C SER A 106 14.42 32.11 50.55
N THR A 107 13.77 30.96 50.35
CA THR A 107 12.65 30.87 49.43
C THR A 107 11.42 30.23 50.08
N THR A 108 10.24 30.55 49.56
CA THR A 108 9.02 29.84 49.89
C THR A 108 8.33 29.43 48.59
N GLY A 109 7.42 28.45 48.67
CA GLY A 109 6.69 28.01 47.50
C GLY A 109 5.34 27.56 47.98
N PHE A 110 4.31 27.77 47.18
CA PHE A 110 2.96 27.44 47.61
C PHE A 110 2.07 27.12 46.40
N LEU A 111 1.09 26.27 46.62
CA LEU A 111 0.16 25.87 45.59
C LEU A 111 -1.13 25.51 46.32
N GLN A 112 -2.24 26.11 45.92
CA GLN A 112 -3.51 25.79 46.53
C GLN A 112 -4.65 26.05 45.58
N TYR A 113 -5.82 25.53 45.95
CA TYR A 113 -7.02 25.63 45.16
C TYR A 113 -8.15 26.15 46.00
N ALA A 114 -9.14 26.76 45.35
CA ALA A 114 -10.36 27.15 46.04
C ALA A 114 -11.59 26.82 45.21
N TYR A 115 -12.67 26.48 45.92
CA TYR A 115 -14.00 26.35 45.32
C TYR A 115 -14.90 27.42 45.95
N ASP A 116 -15.61 28.16 45.12
CA ASP A 116 -16.38 29.33 45.58
C ASP A 116 -15.61 30.24 46.54
N GLY A 117 -14.35 30.50 46.20
CA GLY A 117 -13.55 31.46 46.94
C GLY A 117 -13.12 31.02 48.33
N GLN A 118 -13.26 29.73 48.63
CA GLN A 118 -12.82 29.20 49.92
C GLN A 118 -11.79 28.09 49.70
N ASP A 119 -10.76 28.06 50.54
CA ASP A 119 -9.73 27.03 50.49
C ASP A 119 -10.36 25.67 50.23
N PHE A 120 -9.77 24.95 49.30
CA PHE A 120 -10.25 23.61 48.94
C PHE A 120 -9.14 22.57 49.12
N LEU A 121 -7.99 22.80 48.49
CA LEU A 121 -6.85 21.91 48.63
C LEU A 121 -5.58 22.72 48.77
N ILE A 122 -4.74 22.35 49.71
CA ILE A 122 -3.51 23.11 49.94
C ILE A 122 -2.31 22.19 49.92
N PHE A 123 -1.36 22.50 49.06
CA PHE A 123 -0.21 21.63 48.87
C PHE A 123 0.83 21.88 49.97
N ASN A 124 1.38 20.79 50.50
CA ASN A 124 2.54 20.90 51.41
C ASN A 124 3.73 20.25 50.70
N LYS A 125 4.66 21.08 50.25
CA LYS A 125 5.76 20.55 49.44
C LYS A 125 6.88 19.93 50.30
N ASP A 126 6.66 19.89 51.61
CA ASP A 126 7.67 19.26 52.48
C ASP A 126 7.22 17.87 52.86
N THR A 127 5.95 17.74 53.24
CA THR A 127 5.42 16.43 53.57
C THR A 127 4.90 15.76 52.29
N LEU A 128 4.89 16.50 51.18
CA LEU A 128 4.42 15.99 49.88
C LEU A 128 3.01 15.40 49.99
N SER A 129 2.06 16.27 50.30
CA SER A 129 0.69 15.84 50.50
C SER A 129 -0.24 17.01 50.34
N TRP A 130 -1.53 16.71 50.19
CA TRP A 130 -2.54 17.73 50.03
C TRP A 130 -3.43 17.79 51.26
N LEU A 131 -3.70 18.99 51.77
CA LEU A 131 -4.63 19.18 52.87
C LEU A 131 -6.03 19.38 52.29
N ALA A 132 -6.95 18.49 52.65
CA ALA A 132 -8.32 18.54 52.17
C ALA A 132 -9.21 19.12 53.25
N VAL A 133 -10.04 20.09 52.88
CA VAL A 133 -10.92 20.77 53.83
C VAL A 133 -12.28 20.12 54.00
N ASP A 134 -12.65 19.23 53.09
CA ASP A 134 -13.93 18.54 53.20
C ASP A 134 -13.85 17.26 52.39
N ASN A 135 -14.96 16.55 52.25
CA ASN A 135 -14.89 15.21 51.67
C ASN A 135 -14.86 15.15 50.17
N VAL A 136 -15.26 16.23 49.51
CA VAL A 136 -15.09 16.33 48.09
C VAL A 136 -13.60 16.52 47.81
N ALA A 137 -12.97 17.41 48.57
CA ALA A 137 -11.53 17.63 48.49
C ALA A 137 -10.77 16.35 48.87
N HIS A 138 -11.28 15.66 49.88
CA HIS A 138 -10.65 14.43 50.32
C HIS A 138 -10.58 13.39 49.20
N THR A 139 -11.63 13.31 48.39
CA THR A 139 -11.65 12.40 47.25
C THR A 139 -10.58 12.78 46.22
N ILE A 140 -10.44 14.09 45.96
CA ILE A 140 -9.46 14.57 45.01
C ILE A 140 -8.05 14.37 45.57
N LYS A 141 -7.89 14.62 46.87
CA LYS A 141 -6.63 14.37 47.54
C LYS A 141 -6.14 12.94 47.25
N GLN A 142 -7.01 11.97 47.43
CA GLN A 142 -6.61 10.56 47.24
C GLN A 142 -6.16 10.32 45.81
N ALA A 143 -6.90 10.86 44.86
CA ALA A 143 -6.55 10.70 43.45
C ALA A 143 -5.22 11.40 43.12
N TRP A 144 -5.04 12.62 43.63
CA TRP A 144 -3.84 13.38 43.32
C TRP A 144 -2.62 12.79 44.03
N GLU A 145 -2.81 12.18 45.19
CA GLU A 145 -1.67 11.66 45.93
C GLU A 145 -1.31 10.26 45.44
N ALA A 146 -2.18 9.65 44.62
CA ALA A 146 -1.96 8.27 44.17
C ALA A 146 -0.66 8.10 43.38
N ASN A 147 -0.29 9.08 42.56
CA ASN A 147 1.01 8.98 41.90
C ASN A 147 1.97 9.99 42.52
N GLN A 148 2.88 9.48 43.32
CA GLN A 148 3.92 10.27 43.95
C GLN A 148 4.64 11.21 43.00
N HIS A 149 4.84 10.79 41.76
CA HIS A 149 5.60 11.61 40.80
C HIS A 149 5.04 13.01 40.60
N GLU A 150 3.73 13.11 40.68
CA GLU A 150 2.99 14.36 40.56
C GLU A 150 3.37 15.31 41.69
N LEU A 151 3.47 14.76 42.88
CA LEU A 151 3.83 15.54 44.05
C LEU A 151 5.28 16.01 43.93
N LEU A 152 6.15 15.08 43.57
CA LEU A 152 7.57 15.39 43.40
C LEU A 152 7.76 16.49 42.36
N TYR A 153 7.02 16.37 41.27
CA TYR A 153 7.05 17.37 40.21
C TYR A 153 6.75 18.80 40.69
N GLN A 154 5.72 18.95 41.51
CA GLN A 154 5.33 20.29 41.98
C GLN A 154 6.35 20.83 42.96
N LYS A 155 6.94 19.94 43.76
CA LYS A 155 7.98 20.37 44.68
C LYS A 155 9.12 20.97 43.87
N ASN A 156 9.58 20.22 42.87
CA ASN A 156 10.63 20.73 42.00
C ASN A 156 10.25 22.06 41.32
N TRP A 157 9.03 22.14 40.82
CA TRP A 157 8.63 23.37 40.12
C TRP A 157 8.68 24.56 41.08
N LEU A 158 8.05 24.37 42.24
CA LEU A 158 7.96 25.44 43.23
C LEU A 158 9.33 25.86 43.73
N GLU A 159 10.21 24.90 44.00
CA GLU A 159 11.49 25.23 44.65
C GLU A 159 12.57 25.66 43.66
N GLU A 160 12.53 25.18 42.42
CA GLU A 160 13.60 25.48 41.47
C GLU A 160 13.12 26.32 40.31
N GLU A 161 12.15 25.80 39.56
CA GLU A 161 11.67 26.47 38.37
C GLU A 161 11.07 27.85 38.67
N CYS A 162 10.14 27.91 39.62
CA CYS A 162 9.45 29.15 39.96
C CYS A 162 10.44 30.24 40.34
N ILE A 163 11.43 29.87 41.16
CA ILE A 163 12.39 30.85 41.65
C ILE A 163 13.26 31.30 40.47
N ALA A 164 13.59 30.37 39.58
CA ALA A 164 14.36 30.74 38.40
C ALA A 164 13.57 31.70 37.52
N TRP A 165 12.26 31.48 37.37
CA TRP A 165 11.42 32.38 36.57
C TRP A 165 11.39 33.77 37.23
N LEU A 166 11.19 33.75 38.53
CA LEU A 166 11.15 35.01 39.28
C LEU A 166 12.44 35.83 39.10
N LYS A 167 13.59 35.20 39.21
CA LYS A 167 14.85 35.92 39.07
C LYS A 167 15.00 36.52 37.67
N ARG A 168 14.58 35.76 36.66
CA ARG A 168 14.59 36.21 35.27
C ARG A 168 13.66 37.43 35.07
N PHE A 169 12.45 37.38 35.62
CA PHE A 169 11.51 38.45 35.46
C PHE A 169 11.93 39.69 36.27
N LEU A 170 12.59 39.45 37.40
CA LEU A 170 13.06 40.55 38.24
C LEU A 170 14.09 41.40 37.49
N GLU A 171 14.92 40.71 36.73
CA GLU A 171 15.95 41.40 35.96
C GLU A 171 15.28 42.17 34.82
N TYR A 172 14.33 41.52 34.13
CA TYR A 172 13.54 42.20 33.09
C TYR A 172 12.92 43.48 33.63
N GLY A 173 12.24 43.40 34.77
CA GLY A 173 11.53 44.57 35.27
C GLY A 173 12.25 45.41 36.31
N LYS A 174 13.57 45.32 36.38
CA LYS A 174 14.31 45.91 37.50
C LYS A 174 14.09 47.41 37.65
N ASP A 175 13.96 48.12 36.52
CA ASP A 175 13.78 49.57 36.58
C ASP A 175 12.48 49.91 37.28
N THR A 176 11.54 48.97 37.27
CA THR A 176 10.27 49.17 37.94
C THR A 176 10.28 48.55 39.34
N LEU A 177 10.66 47.29 39.39
CA LEU A 177 10.52 46.47 40.60
C LEU A 177 11.50 46.81 41.70
N GLN A 178 12.68 47.30 41.32
CA GLN A 178 13.74 47.51 42.31
C GLN A 178 13.96 48.97 42.65
N ARG A 179 13.10 49.84 42.13
CA ARG A 179 13.19 51.26 42.46
C ARG A 179 12.59 51.57 43.82
N THR A 180 12.83 52.79 44.29
CA THR A 180 12.26 53.26 45.53
C THR A 180 11.78 54.69 45.37
N GLU A 181 10.51 54.93 45.62
CA GLU A 181 10.02 56.29 45.68
C GLU A 181 9.57 56.53 47.11
N PRO A 182 10.25 57.43 47.82
CA PRO A 182 9.92 57.60 49.23
C PRO A 182 8.57 58.27 49.40
N PRO A 183 7.92 58.04 50.55
CA PRO A 183 6.60 58.64 50.74
C PRO A 183 6.69 60.12 51.12
N LEU A 184 5.67 60.86 50.72
CA LEU A 184 5.38 62.20 51.26
C LEU A 184 4.38 62.04 52.38
N VAL A 185 4.70 62.51 53.59
CA VAL A 185 3.87 62.18 54.74
C VAL A 185 3.45 63.46 55.46
N ARG A 186 2.18 63.53 55.87
CA ARG A 186 1.65 64.72 56.53
C ARG A 186 0.67 64.30 57.61
N VAL A 187 0.44 65.18 58.58
CA VAL A 187 -0.60 64.94 59.60
C VAL A 187 -1.68 66.01 59.46
N ASN A 188 -2.91 65.60 59.70
CA ASN A 188 -4.08 66.38 59.34
C ASN A 188 -5.15 66.24 60.41
N ALA A 198 -9.59 63.68 65.96
CA ALA A 198 -8.78 62.58 65.44
C ALA A 198 -7.62 63.05 64.57
N LEU A 199 -6.42 62.54 64.85
CA LEU A 199 -5.26 62.84 64.03
C LEU A 199 -5.12 61.81 62.91
N PHE A 200 -4.98 62.31 61.68
CA PHE A 200 -4.73 61.45 60.53
C PHE A 200 -3.31 61.64 60.04
N CYS A 201 -2.59 60.54 59.96
CA CYS A 201 -1.29 60.53 59.30
C CYS A 201 -1.44 59.98 57.89
N LYS A 202 -1.03 60.73 56.87
CA LYS A 202 -1.22 60.31 55.50
C LYS A 202 0.07 60.29 54.68
N ALA A 203 0.25 59.20 53.94
CA ALA A 203 1.40 59.04 53.05
C ALA A 203 0.94 58.80 51.63
N HIS A 204 1.66 59.37 50.68
CA HIS A 204 1.36 59.10 49.28
C HIS A 204 2.62 59.20 48.44
N GLY A 205 2.51 58.80 47.18
CA GLY A 205 3.62 58.90 46.26
C GLY A 205 4.72 57.87 46.45
N PHE A 206 4.46 56.79 47.18
CA PHE A 206 5.56 55.87 47.47
C PHE A 206 5.52 54.57 46.67
N TYR A 207 6.70 53.99 46.50
CA TYR A 207 6.88 52.67 45.86
C TYR A 207 8.15 52.07 46.47
N PRO A 208 8.13 50.76 46.85
CA PRO A 208 7.08 49.74 46.71
C PRO A 208 5.88 50.00 47.62
N PRO A 209 4.76 49.30 47.40
CA PRO A 209 3.55 49.54 48.20
C PRO A 209 3.70 49.16 49.68
N GLU A 210 4.64 48.29 50.02
CA GLU A 210 4.87 47.89 51.41
C GLU A 210 5.34 49.05 52.28
N ILE A 211 4.54 49.36 53.29
CA ILE A 211 4.81 50.50 54.15
C ILE A 211 4.21 50.19 55.51
N TYR A 212 4.78 50.74 56.57
CA TYR A 212 4.20 50.53 57.90
C TYR A 212 4.07 51.87 58.57
N MET A 213 2.82 52.26 58.81
CA MET A 213 2.50 53.51 59.47
C MET A 213 1.82 53.20 60.80
N THR A 214 2.14 53.98 61.82
CA THR A 214 1.47 53.79 63.08
C THR A 214 1.52 55.08 63.90
N TRP A 215 0.77 55.08 64.99
CA TRP A 215 0.77 56.18 65.92
C TRP A 215 1.35 55.72 67.25
N MET A 216 2.16 56.56 67.87
CA MET A 216 2.60 56.31 69.22
C MET A 216 2.10 57.44 70.09
N LYS A 217 1.70 57.10 71.31
CA LYS A 217 1.33 58.10 72.32
C LYS A 217 2.35 58.01 73.45
N ASN A 218 3.07 59.11 73.68
CA ASN A 218 4.14 59.16 74.68
C ASN A 218 5.16 58.04 74.49
N GLY A 219 5.59 57.82 73.25
CA GLY A 219 6.62 56.84 72.96
C GLY A 219 6.19 55.38 73.08
N GLU A 220 4.90 55.15 73.30
CA GLU A 220 4.39 53.78 73.37
C GLU A 220 3.35 53.55 72.26
N GLU A 221 3.36 52.37 71.66
CA GLU A 221 2.41 52.07 70.60
C GLU A 221 1.13 51.55 71.21
N ILE A 222 0.03 51.77 70.49
CA ILE A 222 -1.31 51.65 71.04
C ILE A 222 -2.20 50.85 70.12
N VAL A 223 -1.61 49.82 69.53
CA VAL A 223 -2.15 49.10 68.35
C VAL A 223 -3.67 49.09 68.14
N GLN A 224 -4.44 48.85 69.20
CA GLN A 224 -5.89 48.65 69.06
C GLN A 224 -6.69 49.92 69.35
N GLU A 225 -5.98 51.03 69.44
CA GLU A 225 -6.62 52.34 69.42
C GLU A 225 -6.33 53.02 68.08
N ILE A 226 -5.57 52.35 67.24
CA ILE A 226 -5.18 52.90 65.94
C ILE A 226 -6.04 52.33 64.83
N ASP A 227 -6.53 53.20 63.96
CA ASP A 227 -7.24 52.78 62.76
C ASP A 227 -6.28 52.75 61.57
N TYR A 228 -6.02 51.58 61.02
CA TYR A 228 -5.08 51.42 59.92
C TYR A 228 -5.79 51.41 58.57
N GLY A 229 -5.52 52.42 57.75
CA GLY A 229 -6.06 52.45 56.39
C GLY A 229 -5.34 51.48 55.46
N ASP A 230 -5.99 51.11 54.36
CA ASP A 230 -5.38 50.20 53.39
C ASP A 230 -4.32 50.89 52.53
N ILE A 231 -3.30 50.14 52.13
CA ILE A 231 -2.36 50.62 51.13
C ILE A 231 -3.04 50.57 49.75
N LEU A 232 -3.22 51.72 49.12
CA LEU A 232 -4.03 51.80 47.90
C LEU A 232 -3.27 52.32 46.70
N PRO A 233 -3.57 51.79 45.50
CA PRO A 233 -2.92 52.29 44.29
C PRO A 233 -3.42 53.69 43.96
N SER A 234 -2.51 54.61 43.69
CA SER A 234 -2.90 55.97 43.31
C SER A 234 -3.17 56.08 41.82
N GLY A 235 -2.74 55.06 41.06
CA GLY A 235 -3.03 55.01 39.64
C GLY A 235 -1.87 55.36 38.74
N ASP A 236 -0.81 55.90 39.31
CA ASP A 236 0.35 56.34 38.54
C ASP A 236 1.56 55.47 38.81
N GLY A 237 1.32 54.28 39.37
CA GLY A 237 2.41 53.39 39.74
C GLY A 237 2.78 53.50 41.21
N THR A 238 2.34 54.56 41.88
CA THR A 238 2.64 54.72 43.30
C THR A 238 1.43 54.45 44.18
N TYR A 239 1.66 54.51 45.49
CA TYR A 239 0.65 54.11 46.45
C TYR A 239 0.44 55.15 47.53
N GLN A 240 -0.67 55.04 48.24
CA GLN A 240 -0.98 55.91 49.36
C GLN A 240 -1.61 55.10 50.50
N ALA A 241 -1.50 55.63 51.72
CA ALA A 241 -2.00 54.93 52.89
C ALA A 241 -2.17 55.92 54.04
N TRP A 242 -2.89 55.53 55.09
CA TRP A 242 -3.06 56.41 56.24
C TRP A 242 -3.26 55.60 57.50
N ALA A 243 -3.12 56.26 58.63
CA ALA A 243 -3.46 55.68 59.92
C ALA A 243 -3.99 56.80 60.79
N SER A 244 -4.98 56.49 61.62
CA SER A 244 -5.60 57.52 62.45
C SER A 244 -5.66 57.11 63.90
N ILE A 245 -5.80 58.11 64.74
CA ILE A 245 -5.90 57.90 66.17
C ILE A 245 -6.75 59.02 66.78
N GLU A 246 -7.50 58.69 67.83
CA GLU A 246 -8.36 59.68 68.45
C GLU A 246 -7.69 60.42 69.62
N LEU A 247 -7.98 61.71 69.70
CA LEU A 247 -7.38 62.57 70.70
C LEU A 247 -8.11 62.47 72.05
N ASP A 248 -7.34 62.35 73.13
CA ASP A 248 -7.89 62.46 74.47
C ASP A 248 -7.91 63.93 74.89
N PRO A 249 -9.11 64.54 74.97
CA PRO A 249 -9.23 65.96 75.32
C PRO A 249 -9.13 66.21 76.81
N GLN A 250 -9.00 65.14 77.60
CA GLN A 250 -8.94 65.28 79.05
C GLN A 250 -7.51 65.18 79.59
N SER A 251 -6.57 64.85 78.71
CA SER A 251 -5.17 64.75 79.10
C SER A 251 -4.24 65.21 77.97
N SER A 252 -3.14 65.85 78.35
CA SER A 252 -2.11 66.19 77.38
C SER A 252 -1.27 64.96 77.07
N ASN A 253 -1.01 64.73 75.79
CA ASN A 253 -0.21 63.59 75.37
C ASN A 253 0.62 63.94 74.14
N LEU A 254 1.80 63.35 74.07
CA LEU A 254 2.63 63.52 72.89
C LEU A 254 2.19 62.44 71.89
N TYR A 255 1.75 62.87 70.71
CA TYR A 255 1.40 61.95 69.63
C TYR A 255 2.40 62.11 68.49
N SER A 256 2.81 60.98 67.92
CA SER A 256 3.75 61.00 66.83
C SER A 256 3.36 59.95 65.80
N CYS A 257 3.45 60.30 64.52
CA CYS A 257 3.27 59.34 63.45
C CYS A 257 4.61 58.76 63.06
N HIS A 258 4.65 57.43 62.97
CA HIS A 258 5.85 56.69 62.62
C HIS A 258 5.60 55.97 61.30
N VAL A 259 6.53 56.11 60.37
CA VAL A 259 6.40 55.50 59.03
C VAL A 259 7.68 54.80 58.68
N GLU A 260 7.60 53.51 58.32
CA GLU A 260 8.76 52.79 57.84
C GLU A 260 8.52 52.37 56.39
N HIS A 261 9.51 52.61 55.55
CA HIS A 261 9.37 52.34 54.14
C HIS A 261 10.74 52.09 53.57
N SER A 262 10.93 50.90 52.99
CA SER A 262 12.19 50.51 52.34
C SER A 262 13.45 50.88 53.10
N GLY A 263 13.52 50.52 54.38
CA GLY A 263 14.73 50.70 55.13
C GLY A 263 14.95 52.10 55.69
N VAL A 264 13.93 52.96 55.62
CA VAL A 264 14.02 54.32 56.17
C VAL A 264 12.86 54.52 57.13
N HIS A 265 13.15 55.07 58.32
N HIS A 265 13.15 55.09 58.31
CA HIS A 265 12.09 55.36 59.29
CA HIS A 265 12.14 55.39 59.31
C HIS A 265 11.85 56.87 59.33
C HIS A 265 11.86 56.88 59.35
N MET A 266 10.60 57.25 59.56
CA MET A 266 10.24 58.68 59.67
C MET A 266 9.36 58.87 60.89
N VAL A 267 9.56 59.99 61.60
CA VAL A 267 8.72 60.37 62.72
C VAL A 267 8.16 61.79 62.54
N LEU A 268 6.84 61.92 62.66
CA LEU A 268 6.22 63.24 62.62
C LEU A 268 5.56 63.49 63.98
N GLN A 269 6.17 64.36 64.76
CA GLN A 269 5.67 64.71 66.09
C GLN A 269 4.55 65.73 66.00
N VAL A 270 3.43 65.46 66.67
CA VAL A 270 2.34 66.41 66.68
C VAL A 270 2.35 67.23 67.98
N GLY B 1 15.33 23.67 26.38
CA GLY B 1 16.75 23.55 26.68
C GLY B 1 17.44 23.29 25.36
N GLN B 2 18.70 22.86 25.38
CA GLN B 2 19.40 22.76 24.11
C GLN B 2 20.11 21.44 23.78
N ASN B 3 20.62 20.65 24.73
CA ASN B 3 21.08 19.30 24.32
C ASN B 3 21.08 18.15 25.33
N ILE B 4 21.04 16.94 24.79
CA ILE B 4 20.99 15.77 25.64
C ILE B 4 21.86 14.68 25.00
N ASP B 5 22.65 13.98 25.82
CA ASP B 5 23.62 13.04 25.28
C ASP B 5 23.58 11.69 25.96
N GLN B 6 23.67 10.65 25.16
CA GLN B 6 23.71 9.30 25.71
C GLN B 6 24.50 8.46 24.72
N PRO B 7 25.22 7.45 25.21
CA PRO B 7 26.08 6.64 24.33
C PRO B 7 25.27 5.99 23.21
N THR B 8 25.89 5.79 22.04
CA THR B 8 25.17 5.25 20.87
C THR B 8 24.79 3.79 21.14
N GLU B 9 25.71 3.05 21.73
CA GLU B 9 25.50 1.63 21.86
C GLU B 9 26.24 1.08 23.07
N MET B 10 25.66 0.06 23.70
CA MET B 10 26.37 -0.68 24.74
C MET B 10 26.14 -2.19 24.60
N THR B 11 27.16 -2.97 24.94
CA THR B 11 27.04 -4.43 24.92
C THR B 11 27.43 -5.03 26.27
N ALA B 12 26.54 -5.84 26.83
CA ALA B 12 26.81 -6.54 28.07
C ALA B 12 26.38 -8.00 27.97
N THR B 13 26.73 -8.78 28.99
CA THR B 13 26.40 -10.19 29.02
C THR B 13 25.12 -10.52 29.78
N GLU B 14 24.37 -11.49 29.28
CA GLU B 14 23.22 -12.05 29.98
C GLU B 14 23.53 -12.32 31.47
N GLY B 15 22.62 -11.89 32.34
CA GLY B 15 22.75 -12.13 33.76
C GLY B 15 23.46 -11.01 34.50
N ALA B 16 24.11 -10.13 33.75
CA ALA B 16 24.92 -9.10 34.36
C ALA B 16 24.13 -7.80 34.56
N ILE B 17 24.85 -6.72 34.82
CA ILE B 17 24.22 -5.43 35.14
C ILE B 17 24.73 -4.42 34.15
N VAL B 18 23.88 -3.49 33.71
CA VAL B 18 24.38 -2.43 32.86
C VAL B 18 23.80 -1.09 33.29
N GLN B 19 24.61 -0.03 33.15
CA GLN B 19 24.20 1.31 33.52
C GLN B 19 24.19 2.23 32.30
N ILE B 20 23.02 2.71 31.88
CA ILE B 20 22.98 3.57 30.71
C ILE B 20 22.93 5.05 31.11
N ASN B 21 23.93 5.81 30.67
CA ASN B 21 24.10 7.20 31.08
C ASN B 21 23.37 8.18 30.19
N CYS B 22 22.89 9.27 30.78
CA CYS B 22 22.29 10.32 30.02
C CYS B 22 22.67 11.66 30.67
N THR B 23 23.24 12.57 29.89
CA THR B 23 23.53 13.92 30.45
C THR B 23 22.74 14.96 29.69
N TYR B 24 22.38 16.06 30.33
CA TYR B 24 21.58 17.03 29.63
C TYR B 24 22.01 18.42 30.04
N GLN B 25 21.87 19.34 29.10
CA GLN B 25 22.06 20.77 29.36
C GLN B 25 20.80 21.46 28.89
N THR B 26 20.02 21.99 29.81
CA THR B 26 18.77 22.62 29.40
C THR B 26 18.55 23.94 30.09
N SER B 27 17.77 24.78 29.41
CA SER B 27 17.14 25.92 30.03
C SER B 27 15.97 25.36 30.82
N GLY B 28 16.25 25.10 32.10
CA GLY B 28 15.25 24.64 33.04
C GLY B 28 14.97 23.15 32.99
N PHE B 29 14.31 22.65 34.03
CA PHE B 29 14.14 21.21 34.19
C PHE B 29 12.84 20.88 34.88
N ASN B 30 12.06 20.02 34.23
CA ASN B 30 10.76 19.62 34.74
C ASN B 30 10.60 18.10 34.71
N GLY B 31 11.71 17.39 34.65
CA GLY B 31 11.62 15.94 34.76
C GLY B 31 12.43 15.23 33.70
N LEU B 32 12.88 14.02 34.04
CA LEU B 32 13.65 13.20 33.11
C LEU B 32 12.96 11.86 32.94
N PHE B 33 12.74 11.46 31.68
CA PHE B 33 12.07 10.22 31.35
C PHE B 33 13.03 9.22 30.70
N TRP B 34 12.84 7.94 31.00
CA TRP B 34 13.43 6.90 30.18
C TRP B 34 12.35 6.12 29.48
N TYR B 35 12.56 5.84 28.19
CA TYR B 35 11.65 4.98 27.43
C TYR B 35 12.42 3.78 26.89
N GLN B 36 11.73 2.65 26.77
CA GLN B 36 12.28 1.48 26.07
C GLN B 36 11.70 1.40 24.66
N GLN B 37 12.53 1.11 23.66
CA GLN B 37 11.99 0.91 22.32
C GLN B 37 12.63 -0.29 21.66
N HIS B 38 11.90 -1.40 21.63
CA HIS B 38 12.36 -2.59 20.90
C HIS B 38 12.44 -2.28 19.42
N ALA B 39 13.38 -2.92 18.73
CA ALA B 39 13.58 -2.69 17.30
C ALA B 39 12.28 -2.85 16.54
N GLY B 40 11.93 -1.84 15.76
CA GLY B 40 10.71 -1.85 14.96
C GLY B 40 9.42 -1.68 15.74
N GLU B 41 9.54 -1.30 17.00
CA GLU B 41 8.37 -1.15 17.87
C GLU B 41 8.24 0.27 18.39
N ALA B 42 7.17 0.51 19.15
CA ALA B 42 6.90 1.82 19.75
C ALA B 42 7.70 2.03 21.03
N PRO B 43 8.15 3.27 21.28
CA PRO B 43 8.72 3.52 22.60
C PRO B 43 7.68 3.27 23.67
N THR B 44 8.08 2.76 24.83
CA THR B 44 7.17 2.64 25.96
C THR B 44 7.84 3.24 27.18
N PHE B 45 7.04 3.94 27.97
CA PHE B 45 7.50 4.57 29.20
C PHE B 45 8.13 3.59 30.18
N LEU B 46 9.32 3.91 30.67
CA LEU B 46 10.00 3.10 31.67
C LEU B 46 10.10 3.79 33.04
N SER B 47 10.52 5.05 33.08
CA SER B 47 10.77 5.66 34.39
C SER B 47 10.72 7.17 34.30
N TYR B 48 10.54 7.79 35.46
CA TYR B 48 10.52 9.25 35.60
C TYR B 48 11.27 9.63 36.87
N ASN B 49 12.14 10.63 36.79
CA ASN B 49 12.81 11.21 37.95
C ASN B 49 12.68 12.72 37.85
N VAL B 50 12.55 13.41 38.99
CA VAL B 50 12.48 14.87 38.92
C VAL B 50 13.15 15.49 40.16
N LEU B 51 13.19 14.77 41.27
CA LEU B 51 14.06 15.16 42.38
C LEU B 51 15.28 14.27 42.35
N ASP B 52 16.25 14.58 43.21
CA ASP B 52 17.51 13.85 43.15
C ASP B 52 17.41 12.50 43.83
N GLY B 53 18.10 11.51 43.26
CA GLY B 53 18.18 10.23 43.90
C GLY B 53 17.87 9.06 43.01
N LEU B 54 17.71 7.90 43.65
CA LEU B 54 17.53 6.65 42.93
C LEU B 54 16.12 6.13 43.17
N GLU B 55 15.49 5.64 42.12
CA GLU B 55 14.17 5.04 42.24
C GLU B 55 14.14 3.66 41.57
N GLU B 56 13.59 2.66 42.25
CA GLU B 56 13.63 1.29 41.73
C GLU B 56 12.27 0.82 41.23
N LYS B 57 12.30 0.03 40.16
CA LYS B 57 11.08 -0.57 39.63
C LYS B 57 11.39 -1.94 39.03
N GLY B 58 11.23 -3.00 39.81
CA GLY B 58 11.57 -4.32 39.34
C GLY B 58 13.07 -4.45 39.16
N ARG B 59 13.51 -4.89 38.00
CA ARG B 59 14.94 -5.07 37.73
C ARG B 59 15.61 -3.76 37.25
N PHE B 60 14.83 -2.69 37.15
CA PHE B 60 15.34 -1.43 36.60
C PHE B 60 15.33 -0.38 37.71
N SER B 61 16.35 0.44 37.74
CA SER B 61 16.36 1.60 38.63
C SER B 61 16.74 2.79 37.77
N SER B 62 16.31 3.98 38.18
CA SER B 62 16.75 5.16 37.50
C SER B 62 17.19 6.19 38.52
N PHE B 63 18.31 6.84 38.21
CA PHE B 63 18.95 7.79 39.10
C PHE B 63 18.93 9.17 38.47
N LEU B 64 18.86 10.22 39.29
CA LEU B 64 18.93 11.59 38.80
C LEU B 64 19.79 12.46 39.72
N SER B 65 20.65 13.29 39.12
CA SER B 65 21.28 14.40 39.84
C SER B 65 21.01 15.68 39.07
N ARG B 66 20.18 16.54 39.62
CA ARG B 66 19.81 17.75 38.89
C ARG B 66 21.02 18.69 38.75
N SER B 67 21.87 18.72 39.77
CA SER B 67 22.96 19.71 39.76
C SER B 67 24.05 19.32 38.77
N LYS B 68 24.20 18.01 38.55
CA LYS B 68 25.13 17.49 37.55
C LYS B 68 24.47 17.35 36.17
N GLY B 69 23.16 17.48 36.09
CA GLY B 69 22.46 17.35 34.82
C GLY B 69 22.67 15.94 34.30
N TYR B 70 22.42 14.97 35.18
CA TYR B 70 22.83 13.60 34.89
C TYR B 70 21.84 12.56 35.40
N SER B 71 21.60 11.53 34.58
CA SER B 71 20.75 10.43 34.97
C SER B 71 21.36 9.12 34.49
N TYR B 72 21.12 8.03 35.19
CA TYR B 72 21.37 6.73 34.56
C TYR B 72 20.18 5.81 34.75
N LEU B 73 20.08 4.89 33.81
CA LEU B 73 19.11 3.81 33.86
C LEU B 73 19.91 2.55 34.14
N LEU B 74 19.58 1.86 35.25
CA LEU B 74 20.35 0.70 35.70
C LEU B 74 19.51 -0.56 35.46
N LEU B 75 20.01 -1.50 34.66
CA LEU B 75 19.31 -2.75 34.38
C LEU B 75 20.06 -3.90 35.04
N LYS B 76 19.38 -4.62 35.92
CA LYS B 76 19.99 -5.73 36.64
C LYS B 76 19.56 -7.07 36.06
N GLU B 77 20.38 -8.09 36.29
CA GLU B 77 20.10 -9.45 35.85
C GLU B 77 19.61 -9.47 34.39
N LEU B 78 20.42 -8.96 33.49
CA LEU B 78 20.05 -8.79 32.08
C LEU B 78 19.50 -10.08 31.47
N GLN B 79 18.40 -9.95 30.74
CA GLN B 79 17.85 -11.04 29.93
C GLN B 79 17.91 -10.63 28.47
N MET B 80 17.86 -11.61 27.58
CA MET B 80 17.85 -11.32 26.15
C MET B 80 16.74 -10.33 25.75
N LYS B 81 15.62 -10.37 26.47
CA LYS B 81 14.50 -9.53 26.10
C LYS B 81 14.74 -8.07 26.46
N ASP B 82 15.84 -7.77 27.14
CA ASP B 82 16.23 -6.39 27.45
C ASP B 82 16.93 -5.71 26.26
N SER B 83 17.33 -6.52 25.28
CA SER B 83 17.90 -5.99 24.03
C SER B 83 16.90 -5.06 23.38
N ALA B 84 17.28 -3.78 23.29
CA ALA B 84 16.36 -2.75 22.85
C ALA B 84 17.11 -1.44 22.83
N SER B 85 16.49 -0.39 22.32
CA SER B 85 17.08 0.93 22.50
C SER B 85 16.45 1.56 23.73
N TYR B 86 17.22 2.41 24.40
CA TYR B 86 16.73 3.10 25.56
C TYR B 86 16.88 4.60 25.30
N LEU B 87 15.77 5.32 25.39
CA LEU B 87 15.74 6.75 25.07
C LEU B 87 15.61 7.60 26.33
N CYS B 88 16.51 8.59 26.45
CA CYS B 88 16.50 9.54 27.54
C CYS B 88 15.77 10.79 27.07
N ALA B 89 14.87 11.35 27.87
CA ALA B 89 14.21 12.59 27.47
C ALA B 89 13.99 13.54 28.64
N VAL B 90 14.26 14.83 28.41
CA VAL B 90 14.14 15.85 29.46
C VAL B 90 13.09 16.89 29.08
N LYS B 91 12.25 17.24 30.05
CA LYS B 91 11.28 18.31 29.92
C LYS B 91 11.96 19.61 30.30
N ASP B 92 11.92 20.63 29.43
CA ASP B 92 12.60 21.88 29.74
C ASP B 92 11.66 22.88 30.46
N SER B 93 12.10 24.12 30.58
N SER B 93 12.10 24.12 30.60
CA SER B 93 11.37 25.13 31.35
CA SER B 93 11.31 25.09 31.36
C SER B 93 10.00 25.48 30.75
C SER B 93 9.93 25.33 30.79
N ASN B 94 9.79 25.16 29.48
CA ASN B 94 8.52 25.41 28.82
C ASN B 94 7.81 24.09 28.55
N TYR B 95 8.25 23.08 29.29
CA TYR B 95 7.59 21.75 29.35
C TYR B 95 7.66 21.02 28.01
N GLN B 96 8.70 21.32 27.24
CA GLN B 96 8.81 20.77 25.89
C GLN B 96 9.78 19.60 26.11
N LEU B 97 9.58 18.46 25.49
CA LEU B 97 10.51 17.36 25.66
C LEU B 97 11.74 17.48 24.75
N ILE B 98 12.92 17.24 25.30
CA ILE B 98 14.10 17.15 24.45
C ILE B 98 14.61 15.71 24.49
N TRP B 99 14.74 15.08 23.32
CA TRP B 99 15.03 13.62 23.24
C TRP B 99 16.47 13.32 22.90
N GLY B 100 17.10 12.48 23.72
CA GLY B 100 18.40 11.92 23.41
C GLY B 100 18.30 11.00 22.18
N ALA B 101 19.41 10.74 21.52
CA ALA B 101 19.39 9.92 20.30
C ALA B 101 19.23 8.42 20.58
N GLY B 102 19.28 8.04 21.87
CA GLY B 102 19.03 6.66 22.25
C GLY B 102 20.28 5.81 22.37
N THR B 103 20.21 4.80 23.22
CA THR B 103 21.31 3.85 23.42
C THR B 103 20.82 2.47 23.05
N LYS B 104 21.46 1.86 22.06
CA LYS B 104 21.14 0.50 21.66
C LYS B 104 21.83 -0.47 22.60
N LEU B 105 21.05 -1.26 23.31
CA LEU B 105 21.61 -2.21 24.23
C LEU B 105 21.61 -3.59 23.60
N ILE B 106 22.81 -4.14 23.41
CA ILE B 106 22.98 -5.50 22.89
C ILE B 106 23.38 -6.44 24.02
N ILE B 107 22.70 -7.59 24.10
CA ILE B 107 22.97 -8.57 25.14
C ILE B 107 23.60 -9.83 24.57
N LYS B 108 24.76 -10.23 25.09
CA LYS B 108 25.39 -11.50 24.73
C LYS B 108 24.79 -12.66 25.52
N PRO B 109 24.21 -13.65 24.81
CA PRO B 109 23.71 -14.80 25.56
C PRO B 109 24.83 -15.60 26.23
N ASP B 110 24.50 -16.21 27.35
CA ASP B 110 25.41 -17.13 28.01
C ASP B 110 25.33 -18.51 27.35
N ILE B 111 26.29 -18.83 26.50
CA ILE B 111 26.26 -20.10 25.77
C ILE B 111 26.90 -21.19 26.61
N GLN B 112 26.06 -22.11 27.09
CA GLN B 112 26.45 -23.16 28.01
C GLN B 112 27.47 -24.14 27.44
N ASN B 113 27.14 -24.70 26.29
CA ASN B 113 27.94 -25.76 25.69
C ASN B 113 28.20 -25.43 24.23
N PRO B 114 29.17 -24.53 23.98
CA PRO B 114 29.55 -24.05 22.65
C PRO B 114 29.98 -25.21 21.76
N ASP B 115 29.41 -25.27 20.56
CA ASP B 115 29.68 -26.37 19.65
C ASP B 115 29.85 -25.77 18.25
N PRO B 116 30.80 -24.84 18.08
CA PRO B 116 30.92 -24.08 16.82
C PRO B 116 31.05 -24.98 15.61
N ALA B 117 30.29 -24.66 14.57
CA ALA B 117 30.29 -25.48 13.36
C ALA B 117 29.82 -24.65 12.17
N VAL B 118 30.27 -25.01 10.99
CA VAL B 118 29.74 -24.41 9.76
C VAL B 118 29.10 -25.54 8.96
N TYR B 119 27.81 -25.41 8.72
CA TYR B 119 27.04 -26.44 8.00
C TYR B 119 26.62 -25.92 6.64
N GLN B 120 26.60 -26.82 5.67
CA GLN B 120 26.00 -26.48 4.38
C GLN B 120 24.53 -26.91 4.38
N LEU B 121 23.64 -25.96 4.17
CA LEU B 121 22.22 -26.27 4.07
C LEU B 121 21.92 -26.91 2.72
N ARG B 122 20.82 -27.64 2.66
CA ARG B 122 20.44 -28.27 1.39
C ARG B 122 20.09 -27.21 0.36
N ASP B 123 20.53 -27.40 -0.89
CA ASP B 123 20.10 -26.52 -1.97
C ASP B 123 18.58 -26.52 -2.09
N SER B 124 18.03 -25.38 -2.51
CA SER B 124 16.63 -25.28 -2.91
C SER B 124 16.54 -25.44 -4.44
N LYS B 125 15.58 -26.19 -4.94
CA LYS B 125 15.46 -26.32 -6.40
C LYS B 125 15.02 -25.01 -7.05
N SER B 126 14.51 -24.07 -6.25
CA SER B 126 14.07 -22.77 -6.76
C SER B 126 15.09 -21.65 -6.58
N SER B 127 16.33 -21.98 -6.22
CA SER B 127 17.31 -20.92 -6.02
C SER B 127 18.68 -21.36 -6.48
N ASP B 128 19.43 -20.43 -7.04
CA ASP B 128 20.81 -20.71 -7.47
C ASP B 128 21.81 -20.53 -6.32
N LYS B 129 21.32 -20.20 -5.13
CA LYS B 129 22.20 -19.92 -3.99
C LYS B 129 22.72 -21.17 -3.25
N SER B 130 23.99 -21.14 -2.84
CA SER B 130 24.49 -22.09 -1.85
C SER B 130 24.48 -21.40 -0.50
N VAL B 131 24.07 -22.10 0.55
CA VAL B 131 23.86 -21.45 1.85
C VAL B 131 24.63 -22.16 2.97
N CYS B 132 25.32 -21.36 3.76
CA CYS B 132 26.17 -21.87 4.82
C CYS B 132 25.71 -21.27 6.15
N LEU B 133 25.63 -22.11 7.18
CA LEU B 133 25.24 -21.66 8.51
C LEU B 133 26.37 -21.84 9.52
N PHE B 134 26.91 -20.73 10.00
CA PHE B 134 27.89 -20.77 11.09
C PHE B 134 27.06 -20.71 12.37
N THR B 135 27.14 -21.73 13.24
CA THR B 135 26.24 -21.78 14.39
C THR B 135 26.90 -22.35 15.67
N ASP B 136 26.26 -22.09 16.81
CA ASP B 136 26.55 -22.73 18.10
C ASP B 136 27.88 -22.27 18.68
N PHE B 137 28.34 -21.11 18.21
CA PHE B 137 29.56 -20.52 18.76
C PHE B 137 29.24 -19.67 19.98
N ASP B 138 30.26 -19.51 20.80
CA ASP B 138 30.17 -18.74 22.01
C ASP B 138 30.06 -17.25 21.64
N SER B 139 29.49 -16.45 22.54
CA SER B 139 29.16 -15.06 22.19
C SER B 139 30.33 -14.08 22.03
N GLN B 140 31.55 -14.47 22.43
CA GLN B 140 32.75 -13.65 22.17
C GLN B 140 33.09 -13.59 20.69
N THR B 141 32.67 -14.59 19.93
CA THR B 141 32.90 -14.61 18.50
C THR B 141 32.16 -13.49 17.77
N ASN B 142 32.90 -12.77 16.92
CA ASN B 142 32.32 -11.74 16.07
C ASN B 142 32.32 -12.21 14.61
N VAL B 143 31.23 -11.90 13.92
CA VAL B 143 31.06 -12.32 12.52
C VAL B 143 31.39 -11.16 11.60
N SER B 144 32.42 -11.29 10.77
CA SER B 144 32.77 -10.18 9.88
C SER B 144 31.93 -10.19 8.62
N GLN B 145 31.78 -8.99 8.07
CA GLN B 145 31.16 -8.80 6.75
C GLN B 145 31.96 -9.52 5.68
N SER B 146 31.31 -9.78 4.56
CA SER B 146 31.99 -10.39 3.42
C SER B 146 33.01 -9.43 2.80
N LYS B 147 34.10 -9.96 2.27
CA LYS B 147 35.07 -9.15 1.52
C LYS B 147 34.88 -9.36 0.02
N ASP B 148 33.86 -10.14 -0.33
CA ASP B 148 33.52 -10.45 -1.71
C ASP B 148 32.13 -9.88 -2.00
N SER B 149 32.02 -9.11 -3.07
CA SER B 149 30.76 -8.45 -3.39
C SER B 149 29.65 -9.44 -3.77
N ASP B 150 29.99 -10.66 -4.12
CA ASP B 150 28.96 -11.64 -4.47
C ASP B 150 28.74 -12.69 -3.37
N VAL B 151 29.30 -12.43 -2.19
CA VAL B 151 28.99 -13.26 -1.03
C VAL B 151 28.30 -12.38 0.00
N TYR B 152 27.22 -12.89 0.58
CA TYR B 152 26.41 -12.14 1.54
C TYR B 152 26.48 -12.83 2.88
N ILE B 153 26.85 -12.08 3.91
CA ILE B 153 26.95 -12.62 5.27
C ILE B 153 26.17 -11.75 6.25
N THR B 154 25.25 -12.36 6.97
CA THR B 154 24.45 -11.61 7.92
C THR B 154 25.10 -11.77 9.28
N ASP B 155 24.73 -10.87 10.18
CA ASP B 155 25.35 -10.84 11.50
C ASP B 155 24.76 -11.93 12.38
N LYS B 156 25.37 -12.16 13.54
CA LYS B 156 24.89 -13.21 14.41
C LYS B 156 23.54 -12.83 14.94
N CYS B 157 22.73 -13.85 15.18
CA CYS B 157 21.35 -13.70 15.58
C CYS B 157 21.16 -14.73 16.68
N VAL B 158 20.50 -14.36 17.78
CA VAL B 158 20.34 -15.31 18.88
C VAL B 158 18.96 -15.94 18.85
N LEU B 159 18.89 -17.27 18.74
CA LEU B 159 17.60 -17.92 18.74
C LEU B 159 17.41 -18.68 20.05
N ASP B 160 16.16 -18.76 20.49
CA ASP B 160 15.80 -19.36 21.75
C ASP B 160 14.86 -20.53 21.51
N MET B 161 15.36 -21.75 21.74
CA MET B 161 14.47 -22.91 21.72
C MET B 161 13.97 -23.07 23.15
N ARG B 162 12.84 -22.44 23.43
CA ARG B 162 12.36 -22.28 24.81
C ARG B 162 12.02 -23.63 25.44
N SER B 163 11.35 -24.47 24.67
CA SER B 163 11.03 -25.83 25.08
C SER B 163 12.23 -26.58 25.66
N MET B 164 13.41 -26.30 25.15
CA MET B 164 14.63 -26.96 25.61
C MET B 164 15.50 -26.03 26.46
N ASP B 165 14.98 -24.83 26.74
CA ASP B 165 15.74 -23.79 27.43
C ASP B 165 17.13 -23.68 26.81
N PHE B 166 17.16 -23.56 25.49
CA PHE B 166 18.40 -23.63 24.73
C PHE B 166 18.52 -22.44 23.80
N LYS B 167 19.61 -21.69 23.93
CA LYS B 167 19.87 -20.57 23.04
C LYS B 167 21.09 -20.85 22.17
N SER B 168 21.12 -20.25 20.99
CA SER B 168 22.32 -20.40 20.15
C SER B 168 22.51 -19.24 19.18
N ASN B 169 23.78 -18.92 18.94
CA ASN B 169 24.13 -17.90 17.96
C ASN B 169 24.23 -18.51 16.57
N SER B 170 23.85 -17.75 15.56
CA SER B 170 24.21 -18.15 14.20
C SER B 170 24.28 -16.98 13.25
N ALA B 171 25.06 -17.19 12.19
CA ALA B 171 25.17 -16.26 11.09
C ALA B 171 25.01 -17.06 9.80
N VAL B 172 24.51 -16.41 8.76
CA VAL B 172 24.26 -17.06 7.47
C VAL B 172 25.13 -16.44 6.39
N ALA B 173 25.70 -17.30 5.56
CA ALA B 173 26.42 -16.84 4.38
C ALA B 173 25.86 -17.51 3.14
N TRP B 174 25.75 -16.75 2.05
CA TRP B 174 25.30 -17.34 0.78
C TRP B 174 25.90 -16.62 -0.42
N SER B 175 25.82 -17.31 -1.55
CA SER B 175 26.38 -16.82 -2.79
C SER B 175 25.93 -17.73 -3.93
N ASN B 176 25.94 -17.23 -5.15
CA ASN B 176 25.65 -18.12 -6.28
C ASN B 176 26.87 -18.39 -7.14
N LYS B 177 28.05 -18.00 -6.67
CA LYS B 177 29.30 -18.26 -7.39
C LYS B 177 29.78 -19.70 -7.32
N SER B 178 30.44 -20.15 -8.37
CA SER B 178 31.15 -21.43 -8.38
C SER B 178 32.27 -21.42 -7.34
N ASP B 179 32.82 -20.22 -7.09
CA ASP B 179 33.90 -20.00 -6.13
C ASP B 179 33.57 -20.44 -4.71
N PHE B 180 32.29 -20.31 -4.36
CA PHE B 180 31.85 -20.31 -2.97
C PHE B 180 31.76 -21.69 -2.33
N ALA B 181 32.39 -21.83 -1.16
CA ALA B 181 32.30 -23.06 -0.39
C ALA B 181 32.18 -22.73 1.08
N CYS B 182 31.43 -23.54 1.82
CA CYS B 182 31.21 -23.28 3.23
C CYS B 182 32.55 -23.29 3.99
N ALA B 183 33.52 -24.06 3.50
CA ALA B 183 34.82 -24.13 4.15
C ALA B 183 35.52 -22.78 4.13
N ASN B 184 35.15 -21.92 3.19
CA ASN B 184 35.79 -20.62 3.08
C ASN B 184 34.84 -19.44 3.22
N ALA B 185 33.56 -19.72 3.43
CA ALA B 185 32.54 -18.68 3.56
C ALA B 185 32.87 -17.60 4.59
N PHE B 186 33.32 -18.03 5.78
CA PHE B 186 33.57 -17.13 6.89
C PHE B 186 35.05 -16.86 7.09
N ASN B 187 35.83 -16.98 6.02
CA ASN B 187 37.27 -16.78 6.10
C ASN B 187 37.69 -15.40 6.61
N ASN B 188 36.84 -14.41 6.42
CA ASN B 188 37.17 -13.06 6.89
C ASN B 188 36.79 -12.85 8.36
N SER B 189 36.24 -13.88 8.99
CA SER B 189 35.95 -13.80 10.42
C SER B 189 37.03 -14.51 11.23
N ILE B 190 37.19 -14.08 12.48
CA ILE B 190 38.00 -14.87 13.42
C ILE B 190 37.07 -15.86 14.09
N ILE B 191 37.21 -17.13 13.73
CA ILE B 191 36.27 -18.15 14.23
C ILE B 191 37.02 -19.10 15.16
N PRO B 192 36.30 -19.81 16.04
CA PRO B 192 36.98 -20.70 16.97
C PRO B 192 37.83 -21.75 16.26
N GLU B 193 39.02 -22.00 16.82
CA GLU B 193 39.94 -23.00 16.30
C GLU B 193 39.31 -24.38 16.15
N ASP B 194 38.38 -24.70 17.05
CA ASP B 194 37.78 -26.03 17.07
C ASP B 194 36.49 -26.11 16.23
N THR B 195 36.24 -25.09 15.40
CA THR B 195 35.01 -25.04 14.61
C THR B 195 34.91 -26.32 13.77
N PHE B 196 33.75 -26.97 13.83
CA PHE B 196 33.48 -28.21 13.09
C PHE B 196 33.11 -27.91 11.64
N PHE B 197 33.90 -28.45 10.71
CA PHE B 197 33.56 -28.40 9.29
C PHE B 197 33.30 -29.82 8.77
N PRO B 198 32.03 -30.23 8.68
CA PRO B 198 31.80 -31.60 8.20
C PRO B 198 32.17 -31.75 6.74
N SER B 199 32.62 -32.94 6.34
CA SER B 199 33.04 -33.18 4.95
C SER B 199 31.88 -33.04 3.97
N PRO B 200 32.15 -32.41 2.82
CA PRO B 200 31.17 -32.25 1.73
C PRO B 200 31.00 -33.52 0.89
N ASN C 1 -10.21 -0.31 24.07
CA ASN C 1 -8.98 -0.36 24.87
C ASN C 1 -7.74 -0.63 24.02
N ALA C 2 -7.69 0.01 22.85
CA ALA C 2 -6.61 -0.24 21.88
C ALA C 2 -5.39 0.69 22.05
N GLY C 3 -5.54 1.76 22.84
CA GLY C 3 -4.45 2.70 23.01
C GLY C 3 -4.34 3.64 21.83
N VAL C 4 -3.15 3.71 21.22
CA VAL C 4 -2.93 4.62 20.09
C VAL C 4 -2.85 3.79 18.80
N THR C 5 -3.73 4.11 17.85
CA THR C 5 -3.86 3.38 16.59
C THR C 5 -3.51 4.31 15.43
N GLN C 6 -2.39 4.06 14.76
CA GLN C 6 -2.03 4.90 13.62
C GLN C 6 -1.87 4.03 12.39
N THR C 7 -2.16 4.61 11.24
CA THR C 7 -2.09 3.90 9.97
C THR C 7 -1.56 4.88 8.93
N PRO C 8 -0.92 4.37 7.86
CA PRO C 8 -0.56 2.97 7.63
C PRO C 8 0.77 2.59 8.26
N LYS C 9 1.05 1.30 8.35
CA LYS C 9 2.29 0.82 8.92
C LYS C 9 3.47 1.13 7.98
N PHE C 10 3.20 1.05 6.68
CA PHE C 10 4.21 1.20 5.67
C PHE C 10 3.64 1.96 4.50
N GLN C 11 4.45 2.79 3.86
CA GLN C 11 3.98 3.49 2.67
C GLN C 11 5.15 3.91 1.80
N VAL C 12 5.05 3.63 0.51
CA VAL C 12 6.03 4.15 -0.41
C VAL C 12 5.36 5.28 -1.20
N LEU C 13 6.10 6.34 -1.46
CA LEU C 13 5.58 7.55 -2.08
C LEU C 13 6.55 8.02 -3.13
N LYS C 14 6.00 8.64 -4.17
CA LYS C 14 6.80 9.31 -5.18
C LYS C 14 6.92 10.77 -4.78
N THR C 15 8.09 11.37 -5.02
CA THR C 15 8.28 12.80 -4.78
C THR C 15 7.10 13.57 -5.35
N GLY C 16 6.50 14.43 -4.53
CA GLY C 16 5.39 15.25 -5.00
C GLY C 16 4.01 14.68 -4.64
N GLN C 17 3.96 13.40 -4.32
CA GLN C 17 2.70 12.75 -3.96
C GLN C 17 2.20 13.23 -2.59
N SER C 18 0.88 13.23 -2.39
CA SER C 18 0.33 13.64 -1.10
C SER C 18 0.00 12.40 -0.25
N MET C 19 -0.04 12.58 1.06
CA MET C 19 -0.24 11.44 1.95
C MET C 19 -0.79 11.93 3.29
N THR C 20 -1.79 11.22 3.79
CA THR C 20 -2.29 11.45 5.13
C THR C 20 -2.04 10.24 6.01
N LEU C 21 -1.38 10.46 7.13
CA LEU C 21 -1.30 9.44 8.18
C LEU C 21 -2.42 9.66 9.19
N GLN C 22 -3.10 8.59 9.56
CA GLN C 22 -4.18 8.68 10.54
C GLN C 22 -3.68 8.33 11.93
N CYS C 23 -4.25 8.97 12.94
CA CYS C 23 -4.00 8.55 14.31
C CYS C 23 -5.24 8.74 15.17
N ALA C 24 -5.60 7.71 15.93
CA ALA C 24 -6.70 7.81 16.89
C ALA C 24 -6.23 7.27 18.23
N GLN C 25 -6.72 7.84 19.32
CA GLN C 25 -6.45 7.25 20.63
C GLN C 25 -7.77 7.08 21.37
N ASP C 26 -7.91 5.97 22.09
CA ASP C 26 -9.17 5.69 22.75
C ASP C 26 -9.00 5.77 24.25
N MET C 27 -8.03 6.55 24.69
CA MET C 27 -7.73 6.61 26.10
C MET C 27 -8.31 7.87 26.76
N ASN C 28 -9.17 8.58 26.04
CA ASN C 28 -9.74 9.87 26.49
C ASN C 28 -8.66 10.88 26.88
N HIS C 29 -7.54 10.81 26.17
CA HIS C 29 -6.46 11.78 26.29
C HIS C 29 -6.78 13.11 25.62
N ASN C 30 -6.17 14.19 26.11
CA ASN C 30 -6.40 15.54 25.54
C ASN C 30 -5.31 16.00 24.58
N SER C 31 -4.10 15.50 24.80
CA SER C 31 -2.94 15.94 24.01
C SER C 31 -2.48 14.89 23.01
N MET C 32 -2.19 15.32 21.78
CA MET C 32 -1.65 14.41 20.77
C MET C 32 -0.49 15.06 20.03
N TYR C 33 0.36 14.22 19.48
CA TYR C 33 1.66 14.62 18.95
C TYR C 33 1.99 13.84 17.70
N TRP C 34 2.72 14.44 16.78
CA TRP C 34 3.33 13.67 15.69
C TRP C 34 4.83 13.91 15.73
N TYR C 35 5.58 12.80 15.78
CA TYR C 35 7.03 12.81 15.78
C TYR C 35 7.58 12.17 14.52
N ARG C 36 8.79 12.53 14.13
CA ARG C 36 9.55 11.66 13.22
C ARG C 36 10.82 11.16 13.91
N GLN C 37 11.19 9.92 13.60
CA GLN C 37 12.38 9.29 14.15
C GLN C 37 13.35 8.96 13.02
N ASP C 38 14.57 9.47 13.12
CA ASP C 38 15.57 9.21 12.11
C ASP C 38 16.84 8.72 12.77
N PRO C 39 17.65 7.94 12.04
CA PRO C 39 18.89 7.39 12.60
C PRO C 39 19.83 8.48 13.06
N GLY C 40 20.44 8.29 14.23
CA GLY C 40 21.46 9.19 14.70
C GLY C 40 20.98 10.41 15.45
N MET C 41 19.68 10.53 15.68
CA MET C 41 19.16 11.71 16.37
C MET C 41 17.93 11.37 17.19
N GLY C 42 17.57 12.25 18.13
CA GLY C 42 16.41 12.00 18.95
C GLY C 42 15.15 12.31 18.18
N LEU C 43 14.01 11.80 18.67
CA LEU C 43 12.69 12.13 18.16
C LEU C 43 12.52 13.64 17.99
N ARG C 44 11.94 14.03 16.86
CA ARG C 44 11.70 15.44 16.62
C ARG C 44 10.20 15.66 16.44
N LEU C 45 9.67 16.61 17.20
CA LEU C 45 8.26 16.90 17.14
C LEU C 45 7.92 17.65 15.85
N ILE C 46 6.89 17.20 15.15
CA ILE C 46 6.48 17.86 13.91
C ILE C 46 5.40 18.91 14.18
N TYR C 47 4.28 18.45 14.75
CA TYR C 47 3.17 19.29 15.20
C TYR C 47 2.62 18.64 16.46
N TYR C 48 1.92 19.40 17.27
CA TYR C 48 1.22 18.82 18.41
C TYR C 48 -0.11 19.51 18.64
N SER C 49 -0.88 18.98 19.57
CA SER C 49 -2.23 19.46 19.81
C SER C 49 -2.48 19.30 21.30
N ALA C 50 -2.38 20.41 22.03
CA ALA C 50 -2.35 20.39 23.49
C ALA C 50 -3.71 19.99 24.03
N SER C 51 -4.71 20.23 23.22
CA SER C 51 -6.09 20.02 23.61
C SER C 51 -6.93 19.98 22.36
N GLU C 52 -8.14 19.45 22.50
CA GLU C 52 -9.09 19.50 21.38
C GLU C 52 -9.30 20.95 20.98
N GLY C 53 -9.28 21.24 19.69
CA GLY C 53 -9.52 22.60 19.24
C GLY C 53 -8.31 23.49 19.12
N THR C 54 -7.13 22.97 19.42
CA THR C 54 -5.92 23.74 19.17
C THR C 54 -4.76 22.84 18.71
N THR C 55 -3.92 23.40 17.83
CA THR C 55 -2.71 22.74 17.35
C THR C 55 -1.63 23.82 17.18
N ASP C 56 -0.37 23.38 17.13
CA ASP C 56 0.73 24.29 16.85
C ASP C 56 1.92 23.51 16.33
N LYS C 57 2.82 24.21 15.64
CA LYS C 57 4.05 23.63 15.13
C LYS C 57 4.93 23.08 16.23
N GLY C 58 5.70 22.04 15.90
CA GLY C 58 6.77 21.60 16.77
C GLY C 58 8.11 22.15 16.26
N GLU C 59 9.13 21.31 16.30
CA GLU C 59 10.47 21.66 15.82
C GLU C 59 10.63 21.57 14.28
N VAL C 60 9.95 20.63 13.65
CA VAL C 60 10.11 20.48 12.19
C VAL C 60 8.79 20.43 11.42
N PRO C 61 8.04 21.55 11.42
CA PRO C 61 6.72 21.60 10.78
C PRO C 61 6.75 21.74 9.26
N ASN C 62 7.88 22.13 8.68
CA ASN C 62 7.90 22.47 7.26
C ASN C 62 7.73 21.22 6.40
N GLY C 63 6.76 21.25 5.49
CA GLY C 63 6.43 20.11 4.66
C GLY C 63 5.24 19.32 5.16
N TYR C 64 4.75 19.71 6.34
CA TYR C 64 3.65 19.03 6.98
C TYR C 64 2.52 19.96 7.43
N ASN C 65 1.29 19.49 7.53
N ASN C 65 1.38 19.32 7.66
CA ASN C 65 0.28 20.01 8.43
CA ASN C 65 0.26 19.97 8.33
C ASN C 65 -0.50 18.93 9.14
C ASN C 65 -0.45 18.94 9.18
N VAL C 66 -1.32 19.40 10.08
CA VAL C 66 -2.13 18.51 10.92
C VAL C 66 -3.56 18.96 11.05
N SER C 67 -4.43 18.00 11.38
CA SER C 67 -5.79 18.32 11.76
C SER C 67 -6.17 17.55 13.00
N ARG C 68 -6.47 18.28 14.08
CA ARG C 68 -7.07 17.66 15.25
C ARG C 68 -8.55 17.58 14.94
N LEU C 69 -8.97 16.47 14.35
CA LEU C 69 -10.32 16.37 13.79
C LEU C 69 -11.36 16.38 14.90
N ASN C 70 -10.99 15.79 16.03
CA ASN C 70 -11.83 15.70 17.21
C ASN C 70 -10.95 15.27 18.35
N LYS C 71 -11.54 14.93 19.49
CA LYS C 71 -10.75 14.64 20.68
C LYS C 71 -9.89 13.39 20.47
N ARG C 72 -10.38 12.48 19.64
CA ARG C 72 -9.71 11.20 19.46
C ARG C 72 -8.69 11.18 18.32
N GLU C 73 -8.85 12.06 17.33
CA GLU C 73 -8.09 11.92 16.08
C GLU C 73 -7.19 13.09 15.68
N PHE C 74 -5.97 12.76 15.26
CA PHE C 74 -4.96 13.78 14.94
C PHE C 74 -4.25 13.30 13.67
N SER C 75 -4.60 13.88 12.54
CA SER C 75 -4.02 13.35 11.29
C SER C 75 -2.83 14.21 10.84
N LEU C 76 -1.88 13.56 10.17
CA LEU C 76 -0.69 14.23 9.68
C LEU C 76 -0.69 14.21 8.14
N ARG C 77 -0.52 15.37 7.55
CA ARG C 77 -0.59 15.50 6.12
C ARG C 77 0.79 15.89 5.58
N LEU C 78 1.19 15.16 4.54
CA LEU C 78 2.33 15.51 3.69
C LEU C 78 1.70 15.91 2.37
N GLU C 79 1.62 17.20 2.09
CA GLU C 79 0.96 17.64 0.88
C GLU C 79 1.73 17.28 -0.38
N SER C 80 3.04 17.48 -0.33
CA SER C 80 3.92 17.22 -1.46
C SER C 80 5.18 16.52 -0.97
N ALA C 81 5.17 15.19 -0.97
CA ALA C 81 6.23 14.44 -0.34
C ALA C 81 7.60 14.71 -0.95
N ALA C 82 8.59 14.76 -0.08
CA ALA C 82 9.98 14.95 -0.47
C ALA C 82 10.83 13.82 0.09
N PRO C 83 11.91 13.47 -0.61
CA PRO C 83 12.80 12.42 -0.15
C PRO C 83 13.26 12.61 1.30
N SER C 84 13.44 13.85 1.75
CA SER C 84 13.88 14.08 3.14
C SER C 84 12.85 13.63 4.18
N GLN C 85 11.61 13.39 3.75
CA GLN C 85 10.55 12.99 4.66
C GLN C 85 10.48 11.46 4.78
N THR C 86 11.40 10.79 4.12
CA THR C 86 11.63 9.37 4.38
C THR C 86 12.00 9.24 5.86
N SER C 87 11.21 8.53 6.63
CA SER C 87 11.42 8.52 8.07
C SER C 87 10.44 7.53 8.68
N VAL C 88 10.51 7.37 9.99
CA VAL C 88 9.46 6.63 10.68
C VAL C 88 8.67 7.60 11.54
N TYR C 89 7.36 7.65 11.33
CA TYR C 89 6.51 8.63 12.02
C TYR C 89 5.78 8.00 13.18
N PHE C 90 5.78 8.68 14.31
CA PHE C 90 5.11 8.17 15.49
C PHE C 90 4.04 9.14 15.95
N CYS C 91 2.83 8.63 16.12
CA CYS C 91 1.78 9.37 16.79
C CYS C 91 1.88 9.09 18.26
N ALA C 92 1.64 10.09 19.09
CA ALA C 92 1.63 9.83 20.53
C ALA C 92 0.55 10.66 21.21
N SER C 93 0.18 10.27 22.42
CA SER C 93 -0.82 11.02 23.16
C SER C 93 -0.48 11.02 24.65
N SER C 94 -0.97 12.03 25.37
CA SER C 94 -0.79 12.11 26.82
C SER C 94 -2.08 12.65 27.43
N VAL C 95 -2.29 12.47 28.72
CA VAL C 95 -3.56 12.90 29.30
C VAL C 95 -3.70 14.42 29.11
N TRP C 96 -2.65 15.15 29.46
CA TRP C 96 -2.58 16.61 29.29
C TRP C 96 -1.18 16.99 28.79
N THR C 97 -0.92 18.27 28.59
CA THR C 97 0.46 18.65 28.31
C THR C 97 0.86 19.80 29.22
N GLY C 98 2.14 19.82 29.61
CA GLY C 98 2.66 20.83 30.51
C GLY C 98 2.07 20.64 31.89
N GLU C 99 1.50 19.46 32.11
CA GLU C 99 0.85 19.19 33.37
C GLU C 99 1.52 18.03 34.07
N GLY C 100 2.39 18.37 35.02
CA GLY C 100 3.03 17.37 35.84
C GLY C 100 3.93 16.37 35.13
N SER C 101 3.86 15.13 35.61
CA SER C 101 4.80 14.06 35.28
C SER C 101 4.27 13.07 34.24
N GLY C 102 3.17 13.41 33.59
CA GLY C 102 2.51 12.47 32.68
C GLY C 102 3.35 12.04 31.50
N GLU C 103 3.36 10.74 31.21
CA GLU C 103 4.17 10.22 30.12
C GLU C 103 3.42 10.19 28.79
N LEU C 104 4.17 9.86 27.75
CA LEU C 104 3.60 9.72 26.41
C LEU C 104 3.25 8.27 26.14
N PHE C 105 2.19 8.07 25.35
CA PHE C 105 1.76 6.77 24.87
C PHE C 105 1.87 6.78 23.36
N PHE C 106 2.65 5.84 22.81
CA PHE C 106 3.02 5.87 21.40
C PHE C 106 2.22 4.91 20.55
N GLY C 107 1.94 5.33 19.31
CA GLY C 107 1.41 4.43 18.27
C GLY C 107 2.50 3.51 17.73
N GLU C 108 2.14 2.60 16.83
CA GLU C 108 3.07 1.57 16.39
C GLU C 108 4.09 2.07 15.38
N GLY C 109 3.94 3.30 14.90
CA GLY C 109 4.86 3.84 13.91
C GLY C 109 4.42 3.64 12.47
N SER C 110 4.75 4.60 11.59
CA SER C 110 4.44 4.49 10.16
C SER C 110 5.73 4.70 9.37
N ARG C 111 6.18 3.71 8.61
CA ARG C 111 7.44 3.87 7.90
C ARG C 111 7.16 4.39 6.50
N LEU C 112 7.68 5.56 6.20
CA LEU C 112 7.48 6.18 4.89
C LEU C 112 8.78 6.21 4.14
N THR C 113 8.74 5.86 2.86
CA THR C 113 9.92 6.01 2.02
C THR C 113 9.50 6.78 0.79
N VAL C 114 10.15 7.92 0.57
CA VAL C 114 9.80 8.80 -0.53
C VAL C 114 10.88 8.74 -1.58
N LEU C 115 10.50 8.40 -2.82
CA LEU C 115 11.44 8.16 -3.91
C LEU C 115 11.15 9.05 -5.12
N GLU C 116 12.22 9.51 -5.77
CA GLU C 116 12.14 10.26 -7.02
C GLU C 116 11.39 9.48 -8.08
N ASP C 117 11.57 8.16 -8.05
N ASP C 117 11.61 8.17 -8.14
CA ASP C 117 11.01 7.27 -9.05
CA ASP C 117 10.82 7.34 -9.04
C ASP C 117 10.69 5.92 -8.42
C ASP C 117 10.72 5.92 -8.51
N LEU C 118 9.59 5.29 -8.81
CA LEU C 118 9.29 3.98 -8.26
C LEU C 118 9.99 2.83 -9.02
N LYS C 119 10.88 3.15 -9.96
CA LYS C 119 11.65 2.14 -10.71
C LYS C 119 12.54 1.29 -9.83
N ASN C 120 12.76 1.75 -8.61
CA ASN C 120 13.68 1.12 -7.67
C ASN C 120 12.99 0.07 -6.81
N VAL C 121 11.67 -0.03 -6.93
CA VAL C 121 10.89 -0.80 -5.97
C VAL C 121 10.83 -2.24 -6.44
N PHE C 122 11.22 -3.18 -5.57
CA PHE C 122 11.15 -4.63 -5.90
C PHE C 122 10.64 -5.41 -4.72
N PRO C 123 9.78 -6.42 -4.97
CA PRO C 123 9.43 -7.37 -3.93
C PRO C 123 10.62 -8.29 -3.65
N PRO C 124 10.58 -9.03 -2.54
CA PRO C 124 11.69 -9.97 -2.31
C PRO C 124 11.51 -11.25 -3.11
N GLU C 125 12.61 -11.89 -3.44
CA GLU C 125 12.59 -13.32 -3.78
C GLU C 125 12.69 -14.06 -2.44
N VAL C 126 11.90 -15.12 -2.26
CA VAL C 126 11.97 -15.85 -0.99
C VAL C 126 12.32 -17.30 -1.27
N ALA C 127 13.36 -17.80 -0.60
CA ALA C 127 13.77 -19.19 -0.70
C ALA C 127 13.99 -19.82 0.69
N VAL C 128 13.69 -21.11 0.78
CA VAL C 128 13.88 -21.87 2.01
C VAL C 128 14.88 -22.99 1.76
N PHE C 129 15.82 -23.12 2.68
CA PHE C 129 16.87 -24.12 2.59
C PHE C 129 16.78 -25.09 3.75
N GLU C 130 16.70 -26.37 3.41
CA GLU C 130 16.50 -27.43 4.38
C GLU C 130 17.76 -27.70 5.20
N PRO C 131 17.56 -28.24 6.42
CA PRO C 131 18.65 -28.47 7.39
C PRO C 131 19.74 -29.39 6.88
N SER C 132 20.96 -29.08 7.28
CA SER C 132 22.10 -29.94 7.04
C SER C 132 21.98 -31.27 7.78
N GLU C 133 22.20 -32.37 7.06
CA GLU C 133 22.23 -33.68 7.69
C GLU C 133 23.34 -33.76 8.73
N ALA C 134 24.48 -33.15 8.45
CA ALA C 134 25.58 -33.11 9.43
C ALA C 134 25.16 -32.44 10.76
N GLU C 135 24.39 -31.36 10.66
CA GLU C 135 23.91 -30.67 11.86
C GLU C 135 23.01 -31.62 12.63
N ILE C 136 22.12 -32.28 11.90
CA ILE C 136 21.15 -33.15 12.52
C ILE C 136 21.87 -34.27 13.30
N SER C 137 22.90 -34.87 12.71
CA SER C 137 23.56 -35.99 13.36
C SER C 137 24.50 -35.54 14.48
N HIS C 138 25.00 -34.32 14.36
CA HIS C 138 25.96 -33.79 15.34
C HIS C 138 25.30 -33.18 16.57
N THR C 139 24.10 -32.61 16.40
CA THR C 139 23.45 -31.83 17.45
C THR C 139 22.07 -32.33 17.83
N GLN C 140 21.50 -33.21 17.01
CA GLN C 140 20.11 -33.65 17.15
C GLN C 140 19.14 -32.47 17.04
N LYS C 141 19.57 -31.42 16.36
CA LYS C 141 18.73 -30.28 16.03
C LYS C 141 18.80 -30.00 14.53
N ALA C 142 17.82 -29.26 14.02
CA ALA C 142 17.73 -28.99 12.58
C ALA C 142 17.38 -27.52 12.32
N THR C 143 18.26 -26.80 11.64
CA THR C 143 18.01 -25.39 11.34
C THR C 143 17.64 -25.19 9.88
N LEU C 144 16.42 -24.72 9.63
CA LEU C 144 16.02 -24.21 8.33
C LEU C 144 16.41 -22.75 8.20
N VAL C 145 16.78 -22.34 6.99
CA VAL C 145 17.03 -20.93 6.70
C VAL C 145 16.11 -20.41 5.63
N CYS C 146 15.62 -19.18 5.85
CA CYS C 146 14.87 -18.46 4.84
C CYS C 146 15.64 -17.23 4.43
N LEU C 147 15.77 -17.03 3.12
CA LEU C 147 16.41 -15.83 2.56
C LEU C 147 15.39 -15.03 1.77
N ALA C 148 15.26 -13.75 2.13
CA ALA C 148 14.43 -12.82 1.38
C ALA C 148 15.38 -11.82 0.77
N THR C 149 15.46 -11.79 -0.55
CA THR C 149 16.56 -11.06 -1.20
C THR C 149 16.09 -10.17 -2.34
N GLY C 150 16.85 -9.12 -2.64
CA GLY C 150 16.57 -8.22 -3.73
C GLY C 150 15.40 -7.26 -3.56
N PHE C 151 14.93 -7.07 -2.33
CA PHE C 151 13.75 -6.23 -2.15
C PHE C 151 14.13 -4.76 -1.88
N TYR C 152 13.19 -3.87 -2.16
CA TYR C 152 13.38 -2.43 -1.97
C TYR C 152 12.05 -1.73 -2.07
N PRO C 153 11.73 -0.82 -1.13
CA PRO C 153 12.49 -0.40 0.05
C PRO C 153 12.36 -1.44 1.16
N ASP C 154 12.92 -1.14 2.33
CA ASP C 154 12.90 -2.09 3.43
C ASP C 154 11.56 -2.04 4.12
N HIS C 155 10.53 -2.49 3.41
CA HIS C 155 9.18 -2.56 3.95
C HIS C 155 8.71 -4.02 3.92
N VAL C 156 9.26 -4.85 4.80
CA VAL C 156 8.90 -6.26 4.85
C VAL C 156 8.62 -6.79 6.24
N GLU C 157 7.72 -7.77 6.29
CA GLU C 157 7.48 -8.57 7.49
C GLU C 157 7.64 -10.06 7.19
N LEU C 158 8.65 -10.66 7.80
CA LEU C 158 8.94 -12.08 7.62
C LEU C 158 8.37 -12.90 8.77
N SER C 159 7.67 -13.99 8.45
CA SER C 159 7.19 -14.92 9.46
C SER C 159 7.35 -16.39 9.05
N TRP C 160 7.44 -17.27 10.06
CA TRP C 160 7.45 -18.70 9.82
C TRP C 160 6.13 -19.33 10.22
N TRP C 161 5.75 -20.32 9.46
CA TRP C 161 4.48 -21.00 9.63
C TRP C 161 4.73 -22.50 9.67
N VAL C 162 4.38 -23.11 10.81
CA VAL C 162 4.54 -24.55 10.95
C VAL C 162 3.17 -25.21 11.06
N ASN C 163 2.90 -26.12 10.13
CA ASN C 163 1.59 -26.74 10.01
C ASN C 163 0.48 -25.68 10.02
N GLY C 164 0.66 -24.64 9.22
CA GLY C 164 -0.35 -23.61 9.02
C GLY C 164 -0.57 -22.62 10.15
N LYS C 165 0.34 -22.63 11.13
CA LYS C 165 0.27 -21.69 12.24
C LYS C 165 1.58 -20.95 12.40
N GLU C 166 1.53 -19.63 12.59
CA GLU C 166 2.73 -18.85 12.79
C GLU C 166 3.43 -19.26 14.08
N VAL C 167 4.75 -19.34 14.06
CA VAL C 167 5.57 -19.67 15.22
C VAL C 167 6.64 -18.60 15.46
N HIS C 168 7.11 -18.52 16.70
CA HIS C 168 8.10 -17.54 17.10
C HIS C 168 9.22 -18.22 17.85
N SER C 169 8.87 -19.28 18.57
CA SER C 169 9.88 -20.06 19.27
C SER C 169 10.85 -20.69 18.29
N GLY C 170 12.14 -20.60 18.57
CA GLY C 170 13.14 -21.21 17.73
C GLY C 170 13.45 -20.38 16.48
N VAL C 171 12.86 -19.19 16.40
CA VAL C 171 13.04 -18.33 15.23
C VAL C 171 14.00 -17.16 15.53
N CYS C 172 14.94 -16.90 14.63
CA CYS C 172 15.68 -15.64 14.73
C CYS C 172 15.81 -15.04 13.35
N THR C 173 15.26 -13.84 13.20
CA THR C 173 15.29 -13.07 11.96
C THR C 173 16.18 -11.87 12.15
N ASP C 174 17.07 -11.61 11.19
CA ASP C 174 17.95 -10.45 11.31
C ASP C 174 17.16 -9.19 11.69
N PRO C 175 17.61 -8.46 12.71
CA PRO C 175 16.89 -7.24 13.09
C PRO C 175 17.01 -6.13 12.04
N GLN C 176 18.10 -6.11 11.30
CA GLN C 176 18.23 -5.16 10.20
C GLN C 176 18.63 -5.88 8.91
N PRO C 177 18.17 -5.37 7.76
CA PRO C 177 18.48 -6.01 6.48
C PRO C 177 19.92 -5.74 6.09
N LEU C 178 20.44 -6.59 5.24
CA LEU C 178 21.73 -6.40 4.64
C LEU C 178 21.56 -5.58 3.36
N LYS C 179 22.38 -4.55 3.16
CA LYS C 179 22.46 -3.91 1.85
C LYS C 179 23.25 -4.80 0.91
N GLU C 180 22.60 -5.26 -0.16
CA GLU C 180 23.26 -6.13 -1.12
C GLU C 180 24.41 -5.42 -1.83
N GLN C 181 24.32 -4.10 -1.95
CA GLN C 181 25.42 -3.30 -2.49
C GLN C 181 25.62 -2.09 -1.61
N PRO C 182 26.33 -2.28 -0.48
CA PRO C 182 26.49 -1.33 0.62
C PRO C 182 26.85 0.09 0.20
N ALA C 183 27.57 0.25 -0.91
CA ALA C 183 28.02 1.58 -1.31
C ALA C 183 26.99 2.33 -2.17
N LEU C 184 25.85 1.71 -2.46
CA LEU C 184 24.77 2.39 -3.19
C LEU C 184 23.66 2.88 -2.26
N ASN C 185 23.21 4.11 -2.49
CA ASN C 185 22.18 4.73 -1.67
C ASN C 185 20.82 4.06 -1.83
N ASP C 186 20.57 3.52 -3.03
CA ASP C 186 19.30 2.89 -3.35
C ASP C 186 19.40 1.36 -3.37
N SER C 187 20.48 0.83 -2.81
CA SER C 187 20.76 -0.62 -2.79
C SER C 187 19.54 -1.43 -2.41
N ARG C 188 19.31 -2.53 -3.12
CA ARG C 188 18.28 -3.48 -2.68
C ARG C 188 18.76 -4.21 -1.44
N TYR C 189 17.82 -4.85 -0.74
CA TYR C 189 18.08 -5.43 0.56
C TYR C 189 18.03 -6.95 0.57
N ALA C 190 18.67 -7.51 1.59
CA ALA C 190 18.53 -8.94 1.86
C ALA C 190 18.23 -9.13 3.35
N LEU C 191 17.49 -10.18 3.67
CA LEU C 191 17.12 -10.51 5.04
C LEU C 191 17.19 -12.03 5.21
N SER C 192 17.81 -12.48 6.28
CA SER C 192 17.86 -13.92 6.58
C SER C 192 17.11 -14.20 7.87
N SER C 193 16.55 -15.39 7.95
CA SER C 193 15.89 -15.88 9.14
C SER C 193 16.18 -17.36 9.29
N ARG C 194 16.17 -17.83 10.52
CA ARG C 194 16.32 -19.24 10.81
C ARG C 194 15.22 -19.70 11.73
N LEU C 195 14.90 -20.98 11.59
CA LEU C 195 13.93 -21.65 12.43
C LEU C 195 14.61 -22.95 12.80
N ARG C 196 14.82 -23.16 14.09
CA ARG C 196 15.52 -24.37 14.52
C ARG C 196 14.56 -25.25 15.29
N VAL C 197 14.59 -26.55 14.98
CA VAL C 197 13.65 -27.49 15.59
C VAL C 197 14.43 -28.72 16.01
N SER C 198 13.82 -29.60 16.80
CA SER C 198 14.48 -30.85 17.14
C SER C 198 14.61 -31.70 15.90
N ALA C 199 15.62 -32.57 15.87
CA ALA C 199 15.74 -33.51 14.78
C ALA C 199 14.48 -34.38 14.65
N THR C 200 13.90 -34.78 15.79
CA THR C 200 12.69 -35.61 15.73
C THR C 200 11.50 -34.87 15.10
N PHE C 201 11.41 -33.56 15.31
CA PHE C 201 10.37 -32.77 14.70
C PHE C 201 10.62 -32.66 13.20
N TRP C 202 11.88 -32.42 12.82
CA TRP C 202 12.21 -32.30 11.40
C TRP C 202 11.97 -33.63 10.67
N GLN C 203 12.17 -34.74 11.39
CA GLN C 203 12.13 -36.06 10.77
C GLN C 203 10.72 -36.68 10.67
N ASN C 204 9.71 -35.95 11.11
CA ASN C 204 8.34 -36.34 10.86
C ASN C 204 7.90 -35.83 9.49
N PRO C 205 7.68 -36.75 8.52
CA PRO C 205 7.40 -36.35 7.12
C PRO C 205 6.11 -35.57 6.93
N ARG C 206 5.27 -35.49 7.95
CA ARG C 206 4.06 -34.70 7.77
C ARG C 206 4.12 -33.28 8.38
N ASN C 207 5.25 -32.90 8.99
CA ASN C 207 5.39 -31.51 9.43
C ASN C 207 5.67 -30.59 8.26
N HIS C 208 5.01 -29.43 8.25
CA HIS C 208 5.10 -28.49 7.13
C HIS C 208 5.67 -27.16 7.59
N PHE C 209 6.63 -26.64 6.82
CA PHE C 209 7.30 -25.40 7.16
C PHE C 209 7.15 -24.38 6.03
N ARG C 210 6.77 -23.17 6.39
CA ARG C 210 6.68 -22.13 5.39
C ARG C 210 7.31 -20.85 5.90
N CYS C 211 8.11 -20.23 5.04
CA CYS C 211 8.62 -18.89 5.27
C CYS C 211 7.80 -17.94 4.42
N GLN C 212 7.17 -16.96 5.07
CA GLN C 212 6.34 -16.01 4.36
C GLN C 212 6.84 -14.60 4.56
N VAL C 213 6.88 -13.82 3.48
CA VAL C 213 7.29 -12.43 3.59
C VAL C 213 6.20 -11.54 3.02
N GLN C 214 5.67 -10.65 3.86
CA GLN C 214 4.73 -9.63 3.41
C GLN C 214 5.54 -8.44 2.95
N PHE C 215 5.33 -8.02 1.70
CA PHE C 215 6.00 -6.86 1.16
C PHE C 215 4.99 -5.75 0.98
N TYR C 216 5.35 -4.54 1.43
CA TYR C 216 4.52 -3.38 1.20
C TYR C 216 5.10 -2.55 0.07
N GLY C 217 4.36 -2.45 -1.03
CA GLY C 217 4.85 -1.77 -2.21
C GLY C 217 3.78 -0.87 -2.78
N LEU C 218 3.54 -1.02 -4.08
CA LEU C 218 2.67 -0.09 -4.79
C LEU C 218 1.21 -0.49 -4.68
N SER C 219 0.32 0.46 -4.93
CA SER C 219 -1.10 0.17 -5.01
C SER C 219 -1.63 0.48 -6.39
N GLU C 220 -2.92 0.23 -6.60
CA GLU C 220 -3.56 0.46 -7.90
C GLU C 220 -3.28 1.86 -8.47
N ASN C 221 -3.35 2.88 -7.64
CA ASN C 221 -3.20 4.25 -8.10
C ASN C 221 -1.78 4.66 -8.49
N ASP C 222 -0.77 3.96 -7.98
CA ASP C 222 0.60 4.26 -8.37
C ASP C 222 0.80 3.97 -9.84
N GLU C 223 1.44 4.90 -10.54
CA GLU C 223 1.73 4.71 -11.95
C GLU C 223 2.88 3.74 -12.17
N TRP C 224 2.73 2.82 -13.11
CA TRP C 224 3.81 1.91 -13.46
C TRP C 224 4.07 1.96 -14.94
N THR C 225 5.34 2.05 -15.32
CA THR C 225 5.72 2.16 -16.72
C THR C 225 6.89 1.25 -17.06
N GLN C 226 7.39 0.48 -16.09
CA GLN C 226 8.50 -0.43 -16.38
C GLN C 226 8.03 -1.69 -17.11
N ASP C 227 9.00 -2.42 -17.68
CA ASP C 227 8.74 -3.64 -18.43
C ASP C 227 8.43 -4.81 -17.52
N ARG C 228 8.96 -4.74 -16.31
CA ARG C 228 8.76 -5.79 -15.36
C ARG C 228 7.43 -5.59 -14.65
N ALA C 229 7.08 -6.57 -13.82
CA ALA C 229 5.78 -6.58 -13.17
C ALA C 229 5.73 -5.47 -12.13
N LYS C 230 4.58 -4.83 -12.03
CA LYS C 230 4.36 -3.78 -11.04
C LYS C 230 4.56 -4.35 -9.63
N PRO C 231 5.50 -3.77 -8.87
CA PRO C 231 5.83 -4.28 -7.54
C PRO C 231 4.79 -3.89 -6.48
N VAL C 232 3.59 -4.44 -6.62
CA VAL C 232 2.49 -4.19 -5.69
C VAL C 232 2.76 -4.86 -4.33
N THR C 233 2.11 -4.36 -3.30
CA THR C 233 1.99 -5.05 -2.02
C THR C 233 1.58 -6.52 -2.25
N GLN C 234 2.29 -7.45 -1.61
CA GLN C 234 2.10 -8.87 -1.92
C GLN C 234 2.81 -9.73 -0.90
N ILE C 235 2.37 -10.98 -0.80
CA ILE C 235 2.99 -11.97 0.06
C ILE C 235 3.77 -12.94 -0.82
N VAL C 236 5.05 -13.09 -0.50
CA VAL C 236 5.93 -14.03 -1.21
C VAL C 236 6.38 -15.09 -0.21
N SER C 237 6.30 -16.36 -0.59
CA SER C 237 6.63 -17.41 0.36
C SER C 237 7.39 -18.59 -0.25
N ALA C 238 7.95 -19.42 0.62
CA ALA C 238 8.57 -20.67 0.19
C ALA C 238 8.36 -21.72 1.27
N GLU C 239 8.46 -22.99 0.91
CA GLU C 239 8.10 -24.02 1.86
C GLU C 239 9.04 -25.20 1.87
N ALA C 240 8.88 -26.03 2.89
CA ALA C 240 9.58 -27.30 3.00
C ALA C 240 8.73 -28.23 3.85
N TRP C 241 8.85 -29.53 3.59
CA TRP C 241 8.24 -30.57 4.41
C TRP C 241 9.34 -31.30 5.16
N GLY C 242 9.01 -31.85 6.31
CA GLY C 242 9.93 -32.69 7.04
C GLY C 242 10.29 -33.91 6.19
N ARG C 243 11.41 -34.54 6.47
CA ARG C 243 11.73 -35.75 5.73
C ARG C 243 12.33 -36.77 6.67
N ALA C 244 11.88 -38.02 6.52
CA ALA C 244 12.34 -39.12 7.36
C ALA C 244 13.73 -39.60 6.91
N ILE D 1 -20.43 31.13 50.66
CA ILE D 1 -20.11 32.45 51.22
C ILE D 1 -19.71 33.44 50.12
N GLN D 2 -20.51 34.50 49.99
CA GLN D 2 -20.21 35.57 49.06
C GLN D 2 -19.69 36.76 49.86
N ARG D 3 -18.70 37.47 49.33
CA ARG D 3 -18.11 38.59 50.07
C ARG D 3 -18.41 39.91 49.37
N THR D 4 -18.89 40.88 50.14
CA THR D 4 -19.30 42.16 49.58
C THR D 4 -18.08 43.07 49.34
N PRO D 5 -18.13 43.90 48.30
CA PRO D 5 -16.98 44.75 48.02
C PRO D 5 -16.72 45.84 49.07
N LYS D 6 -15.45 45.98 49.44
CA LYS D 6 -14.98 47.17 50.11
C LYS D 6 -14.85 48.23 49.03
N ILE D 7 -15.25 49.46 49.34
CA ILE D 7 -15.33 50.50 48.32
C ILE D 7 -14.67 51.77 48.82
N GLN D 8 -13.59 52.18 48.18
CA GLN D 8 -12.85 53.35 48.67
C GLN D 8 -12.63 54.38 47.56
N VAL D 9 -13.01 55.62 47.87
CA VAL D 9 -13.01 56.71 46.90
C VAL D 9 -12.04 57.80 47.30
N TYR D 10 -11.12 58.16 46.42
CA TYR D 10 -10.01 59.02 46.81
C TYR D 10 -9.35 59.59 45.56
N SER D 11 -8.71 60.76 45.71
CA SER D 11 -7.96 61.35 44.62
C SER D 11 -6.55 60.78 44.56
N ARG D 12 -5.98 60.72 43.36
CA ARG D 12 -4.60 60.32 43.17
C ARG D 12 -3.62 61.11 44.03
N HIS D 13 -3.73 62.44 43.95
CA HIS D 13 -2.93 63.37 44.74
C HIS D 13 -3.83 64.10 45.72
N PRO D 14 -3.26 64.64 46.82
CA PRO D 14 -4.08 65.50 47.69
C PRO D 14 -4.80 66.57 46.88
N ALA D 15 -6.11 66.65 47.02
CA ALA D 15 -6.91 67.49 46.13
C ALA D 15 -6.72 68.97 46.46
N GLU D 16 -6.71 69.77 45.42
CA GLU D 16 -6.69 71.23 45.52
C GLU D 16 -7.59 71.76 44.42
N ASN D 17 -8.55 72.61 44.80
CA ASN D 17 -9.50 73.16 43.83
C ASN D 17 -8.79 73.84 42.66
N GLY D 18 -9.26 73.56 41.45
CA GLY D 18 -8.69 74.15 40.26
C GLY D 18 -7.45 73.45 39.76
N LYS D 19 -7.07 72.36 40.42
CA LYS D 19 -5.89 71.61 40.01
C LYS D 19 -6.29 70.24 39.49
N SER D 20 -5.82 69.90 38.29
CA SER D 20 -6.18 68.66 37.64
C SER D 20 -5.72 67.49 38.51
N ASN D 21 -6.52 66.43 38.54
CA ASN D 21 -6.26 65.29 39.42
C ASN D 21 -6.87 64.06 38.79
N PHE D 22 -6.82 62.95 39.53
CA PHE D 22 -7.54 61.74 39.15
C PHE D 22 -8.40 61.29 40.33
N LEU D 23 -9.66 60.97 40.05
CA LEU D 23 -10.56 60.43 41.05
C LEU D 23 -10.51 58.90 40.97
N ASN D 24 -10.18 58.26 42.08
CA ASN D 24 -10.05 56.79 42.12
C ASN D 24 -11.19 56.13 42.88
N CYS D 25 -11.66 55.00 42.38
CA CYS D 25 -12.53 54.17 43.19
C CYS D 25 -11.91 52.78 43.21
N TYR D 26 -11.48 52.36 44.39
CA TYR D 26 -10.85 51.06 44.55
C TYR D 26 -11.85 50.10 45.17
N VAL D 27 -12.14 49.03 44.45
CA VAL D 27 -13.13 48.08 44.89
C VAL D 27 -12.41 46.75 45.11
N SER D 28 -12.56 46.19 46.31
CA SER D 28 -11.75 45.04 46.68
C SER D 28 -12.46 44.10 47.64
N GLY D 29 -11.86 42.95 47.86
CA GLY D 29 -12.33 42.02 48.86
C GLY D 29 -13.58 41.26 48.49
N PHE D 30 -14.04 41.39 47.25
CA PHE D 30 -15.33 40.82 46.88
C PHE D 30 -15.21 39.45 46.19
N HIS D 31 -16.30 38.68 46.26
CA HIS D 31 -16.38 37.36 45.61
C HIS D 31 -17.87 37.00 45.50
N PRO D 32 -18.31 36.51 44.33
CA PRO D 32 -17.60 36.22 43.07
C PRO D 32 -17.20 37.48 42.30
N SER D 33 -16.72 37.30 41.07
CA SER D 33 -16.01 38.39 40.41
C SER D 33 -16.86 39.41 39.62
N ASP D 34 -18.09 39.06 39.25
CA ASP D 34 -18.90 39.99 38.46
C ASP D 34 -19.27 41.20 39.30
N ILE D 35 -19.12 42.38 38.72
CA ILE D 35 -19.33 43.59 39.49
C ILE D 35 -19.49 44.77 38.54
N GLU D 36 -20.25 45.76 38.94
CA GLU D 36 -20.35 46.94 38.11
C GLU D 36 -20.09 48.18 38.93
N VAL D 37 -19.35 49.10 38.33
CA VAL D 37 -18.82 50.25 39.01
C VAL D 37 -18.99 51.47 38.10
N ASP D 38 -19.56 52.54 38.65
CA ASP D 38 -19.64 53.82 37.96
C ASP D 38 -19.07 54.90 38.85
N LEU D 39 -18.48 55.92 38.24
CA LEU D 39 -18.11 57.13 38.97
C LEU D 39 -19.19 58.18 38.70
N LEU D 40 -19.56 58.91 39.75
CA LEU D 40 -20.61 59.93 39.62
C LEU D 40 -20.04 61.33 39.80
N LYS D 41 -20.57 62.25 39.00
CA LYS D 41 -20.34 63.68 39.20
C LYS D 41 -21.69 64.33 39.46
N ASN D 42 -21.86 64.87 40.67
CA ASN D 42 -23.12 65.50 41.06
C ASN D 42 -24.30 64.55 40.93
N GLY D 43 -24.03 63.25 41.13
CA GLY D 43 -25.08 62.26 41.15
C GLY D 43 -25.37 61.62 39.80
N GLU D 44 -24.60 61.98 38.78
CA GLU D 44 -24.78 61.36 37.47
C GLU D 44 -23.50 60.71 36.96
N ARG D 45 -23.66 59.69 36.13
CA ARG D 45 -22.57 58.83 35.68
C ARG D 45 -21.57 59.55 34.78
N ILE D 46 -20.30 59.52 35.16
CA ILE D 46 -19.21 60.00 34.31
C ILE D 46 -18.96 58.98 33.21
N GLU D 47 -18.80 59.42 31.97
CA GLU D 47 -18.71 58.45 30.87
C GLU D 47 -17.27 58.05 30.53
N LYS D 48 -16.33 58.98 30.53
CA LYS D 48 -14.95 58.55 30.30
C LYS D 48 -14.34 58.11 31.61
N VAL D 49 -14.48 56.81 31.89
CA VAL D 49 -13.93 56.22 33.12
C VAL D 49 -13.14 54.99 32.77
N GLU D 50 -11.89 54.93 33.21
CA GLU D 50 -11.03 53.79 32.94
C GLU D 50 -11.05 52.81 34.10
N HIS D 51 -10.58 51.59 33.85
CA HIS D 51 -10.41 50.64 34.93
C HIS D 51 -9.34 49.61 34.62
N SER D 52 -8.64 49.17 35.66
CA SER D 52 -7.67 48.10 35.54
C SER D 52 -8.40 46.80 35.24
N ASP D 53 -7.64 45.83 34.72
CA ASP D 53 -8.14 44.47 34.58
C ASP D 53 -8.46 43.90 35.97
N LEU D 54 -9.48 43.03 36.03
CA LEU D 54 -9.75 42.22 37.21
C LEU D 54 -8.45 41.69 37.81
N SER D 55 -8.31 41.85 39.11
CA SER D 55 -7.09 41.43 39.78
C SER D 55 -7.41 40.44 40.89
N PHE D 56 -6.44 39.60 41.23
CA PHE D 56 -6.67 38.47 42.12
C PHE D 56 -5.90 38.60 43.41
N SER D 57 -6.60 38.44 44.55
CA SER D 57 -5.91 38.38 45.84
C SER D 57 -5.63 36.98 46.33
N LYS D 58 -4.64 36.86 47.22
CA LYS D 58 -4.23 35.56 47.74
C LYS D 58 -5.35 34.90 48.54
N ASP D 59 -6.30 35.70 49.04
CA ASP D 59 -7.38 35.14 49.83
C ASP D 59 -8.57 34.76 48.95
N TRP D 60 -8.32 34.80 47.65
CA TRP D 60 -9.24 34.36 46.59
C TRP D 60 -10.23 35.44 46.18
N SER D 61 -10.26 36.56 46.89
CA SER D 61 -11.13 37.67 46.48
C SER D 61 -10.49 38.43 45.33
N PHE D 62 -11.23 39.42 44.83
CA PHE D 62 -10.86 40.15 43.62
C PHE D 62 -10.83 41.63 43.91
N TYR D 63 -10.09 42.37 43.11
CA TYR D 63 -10.10 43.82 43.23
C TYR D 63 -9.92 44.49 41.88
N LEU D 64 -10.30 45.77 41.83
CA LEU D 64 -10.35 46.56 40.61
C LEU D 64 -10.13 48.02 40.98
N LEU D 65 -9.45 48.77 40.12
CA LEU D 65 -9.37 50.23 40.25
C LEU D 65 -10.10 50.91 39.11
N TYR D 66 -11.06 51.76 39.45
CA TYR D 66 -11.76 52.59 38.47
C TYR D 66 -11.31 54.03 38.68
N TYR D 67 -11.08 54.76 37.60
CA TYR D 67 -10.55 56.12 37.72
C TYR D 67 -10.97 57.00 36.56
N THR D 68 -10.94 58.31 36.81
CA THR D 68 -11.20 59.29 35.77
C THR D 68 -10.47 60.57 36.14
N GLU D 69 -9.99 61.27 35.12
CA GLU D 69 -9.30 62.53 35.32
C GLU D 69 -10.34 63.58 35.69
N PHE D 70 -10.00 64.42 36.67
CA PHE D 70 -10.95 65.41 37.15
C PHE D 70 -10.24 66.61 37.77
N THR D 71 -10.91 67.76 37.69
CA THR D 71 -10.45 68.97 38.36
C THR D 71 -11.46 69.31 39.45
N PRO D 72 -11.10 69.03 40.71
CA PRO D 72 -12.00 69.27 41.83
C PRO D 72 -12.35 70.76 41.96
N THR D 73 -13.59 71.04 42.35
CA THR D 73 -14.03 72.38 42.72
C THR D 73 -14.78 72.23 44.04
N GLU D 74 -15.17 73.35 44.65
CA GLU D 74 -15.82 73.28 45.96
C GLU D 74 -17.28 72.85 45.85
N LYS D 75 -17.90 73.13 44.71
CA LYS D 75 -19.32 72.82 44.51
C LYS D 75 -19.54 71.36 44.09
N ASP D 76 -18.74 70.89 43.13
CA ASP D 76 -18.93 69.57 42.52
C ASP D 76 -18.83 68.42 43.51
N GLU D 77 -19.83 67.54 43.47
CA GLU D 77 -19.86 66.37 44.34
C GLU D 77 -19.59 65.10 43.55
N TYR D 78 -18.65 64.30 44.05
CA TYR D 78 -18.21 63.08 43.36
C TYR D 78 -18.51 61.80 44.16
N ALA D 79 -18.70 60.69 43.46
CA ALA D 79 -19.07 59.45 44.14
C ALA D 79 -18.74 58.18 43.34
N CYS D 80 -18.76 57.05 44.03
CA CYS D 80 -18.61 55.77 43.36
C CYS D 80 -19.84 54.92 43.63
N ARG D 81 -20.43 54.39 42.56
CA ARG D 81 -21.60 53.53 42.70
C ARG D 81 -21.25 52.11 42.24
N VAL D 82 -21.54 51.14 43.09
CA VAL D 82 -21.09 49.76 42.89
C VAL D 82 -22.26 48.80 43.05
N ASN D 83 -22.42 47.88 42.10
CA ASN D 83 -23.34 46.77 42.34
C ASN D 83 -22.66 45.43 42.18
N HIS D 84 -23.14 44.47 42.97
CA HIS D 84 -22.55 43.17 43.11
C HIS D 84 -23.65 42.26 43.61
N VAL D 85 -23.51 40.95 43.43
CA VAL D 85 -24.58 40.03 43.83
C VAL D 85 -24.84 40.10 45.34
N THR D 86 -23.84 40.50 46.13
CA THR D 86 -24.01 40.64 47.56
C THR D 86 -24.80 41.89 47.98
N LEU D 87 -25.12 42.75 47.01
CA LEU D 87 -25.80 44.01 47.30
C LEU D 87 -27.22 44.01 46.76
N SER D 88 -28.18 44.25 47.65
CA SER D 88 -29.59 44.32 47.27
C SER D 88 -29.82 45.48 46.31
N GLN D 89 -29.39 46.67 46.74
CA GLN D 89 -29.43 47.86 45.88
C GLN D 89 -28.00 48.37 45.67
N PRO D 90 -27.77 49.15 44.61
CA PRO D 90 -26.45 49.75 44.38
C PRO D 90 -25.96 50.57 45.58
N LYS D 91 -24.69 50.42 45.93
CA LYS D 91 -24.12 51.12 47.07
C LYS D 91 -23.32 52.32 46.62
N ILE D 92 -23.65 53.49 47.17
CA ILE D 92 -22.98 54.74 46.80
C ILE D 92 -22.06 55.19 47.92
N VAL D 93 -20.79 55.37 47.57
CA VAL D 93 -19.81 55.95 48.49
C VAL D 93 -19.34 57.28 47.91
N LYS D 94 -19.61 58.39 48.61
CA LYS D 94 -19.22 59.71 48.10
C LYS D 94 -17.76 59.97 48.38
N TRP D 95 -17.12 60.75 47.50
CA TRP D 95 -15.74 61.18 47.72
C TRP D 95 -15.68 62.16 48.89
N ASP D 96 -14.97 61.78 49.95
CA ASP D 96 -14.83 62.67 51.10
C ASP D 96 -13.48 63.39 51.10
N ARG D 97 -13.52 64.71 51.00
CA ARG D 97 -12.31 65.52 50.99
C ARG D 97 -12.17 66.32 52.28
N MET E 1 -11.16 -22.38 4.47
CA MET E 1 -11.07 -23.81 4.23
C MET E 1 -9.64 -24.33 4.46
N ARG E 2 -9.45 -25.62 4.26
CA ARG E 2 -8.11 -26.22 4.31
C ARG E 2 -7.31 -25.79 3.08
N THR E 3 -6.08 -26.28 2.98
CA THR E 3 -5.25 -25.96 1.82
C THR E 3 -5.63 -26.83 0.63
N HIS E 4 -5.82 -26.21 -0.53
CA HIS E 4 -6.12 -26.97 -1.76
C HIS E 4 -5.18 -26.59 -2.89
N SER E 5 -5.06 -27.46 -3.89
CA SER E 5 -4.19 -27.18 -5.02
C SER E 5 -4.77 -27.63 -6.37
N LEU E 6 -4.37 -26.95 -7.44
CA LEU E 6 -4.69 -27.34 -8.81
C LEU E 6 -3.36 -27.55 -9.51
N ARG E 7 -3.16 -28.72 -10.14
CA ARG E 7 -1.91 -29.00 -10.82
C ARG E 7 -2.21 -29.68 -12.16
N TYR E 8 -1.49 -29.29 -13.20
CA TYR E 8 -1.56 -30.02 -14.49
C TYR E 8 -0.20 -30.55 -14.88
N PHE E 9 -0.15 -31.85 -15.22
CA PHE E 9 1.08 -32.47 -15.67
C PHE E 9 1.03 -32.78 -17.15
N ARG E 10 2.19 -32.72 -17.79
CA ARG E 10 2.35 -33.29 -19.14
C ARG E 10 3.54 -34.23 -19.13
N LEU E 11 3.43 -35.33 -19.88
CA LEU E 11 4.50 -36.28 -20.05
C LEU E 11 4.67 -36.59 -21.54
N GLY E 12 5.87 -36.36 -22.05
CA GLY E 12 6.19 -36.70 -23.43
C GLY E 12 7.24 -37.80 -23.44
N VAL E 13 7.08 -38.75 -24.33
CA VAL E 13 8.04 -39.85 -24.47
C VAL E 13 8.39 -39.97 -25.95
N SER E 14 9.68 -39.94 -26.27
CA SER E 14 10.07 -40.11 -27.67
C SER E 14 10.26 -41.60 -27.93
N ASP E 15 9.91 -42.04 -29.14
CA ASP E 15 10.13 -43.43 -29.52
C ASP E 15 9.52 -44.39 -28.50
N PRO E 16 8.24 -44.20 -28.12
CA PRO E 16 7.70 -45.05 -27.06
C PRO E 16 7.46 -46.48 -27.52
N ILE E 17 7.27 -47.39 -26.57
CA ILE E 17 6.91 -48.77 -26.89
C ILE E 17 5.51 -49.08 -26.41
N VAL E 20 2.46 -47.57 -24.74
CA VAL E 20 2.87 -46.32 -24.12
C VAL E 20 2.65 -45.11 -25.05
N PRO E 21 1.69 -44.24 -24.70
CA PRO E 21 1.41 -43.05 -25.52
C PRO E 21 2.61 -42.13 -25.63
N GLU E 22 2.73 -41.46 -26.77
CA GLU E 22 3.74 -40.44 -26.96
C GLU E 22 3.53 -39.23 -26.00
N PHE E 23 2.28 -38.93 -25.67
CA PHE E 23 1.96 -37.76 -24.85
C PHE E 23 0.78 -38.04 -23.93
N ILE E 24 0.93 -37.70 -22.65
CA ILE E 24 -0.14 -37.83 -21.67
C ILE E 24 -0.21 -36.54 -20.83
N SER E 25 -1.41 -36.09 -20.53
CA SER E 25 -1.60 -34.95 -19.65
C SER E 25 -2.77 -35.20 -18.71
N VAL E 26 -2.53 -34.96 -17.42
CA VAL E 26 -3.56 -35.15 -16.40
C VAL E 26 -3.57 -33.96 -15.45
N GLY E 27 -4.77 -33.49 -15.10
CA GLY E 27 -4.94 -32.46 -14.10
C GLY E 27 -5.43 -33.04 -12.78
N TYR E 28 -5.09 -32.38 -11.67
CA TYR E 28 -5.47 -32.80 -10.34
C TYR E 28 -6.01 -31.65 -9.52
N VAL E 29 -7.04 -31.91 -8.74
CA VAL E 29 -7.32 -31.06 -7.60
C VAL E 29 -6.99 -31.88 -6.36
N ASP E 30 -6.10 -31.35 -5.51
CA ASP E 30 -5.55 -32.12 -4.40
C ASP E 30 -5.08 -33.49 -4.92
N SER E 31 -5.55 -34.58 -4.32
CA SER E 31 -5.16 -35.93 -4.76
C SER E 31 -6.08 -36.51 -5.84
N HIS E 32 -7.07 -35.75 -6.28
CA HIS E 32 -8.08 -36.28 -7.20
C HIS E 32 -7.76 -35.92 -8.64
N PRO E 33 -7.59 -36.95 -9.49
CA PRO E 33 -7.54 -36.70 -10.93
C PRO E 33 -8.82 -36.03 -11.38
N ILE E 34 -8.73 -34.95 -12.16
CA ILE E 34 -9.94 -34.31 -12.64
C ILE E 34 -10.07 -34.34 -14.17
N THR E 35 -8.96 -34.37 -14.89
CA THR E 35 -9.00 -34.37 -16.36
C THR E 35 -7.85 -35.19 -16.92
N THR E 36 -8.02 -35.65 -18.14
CA THR E 36 -7.00 -36.44 -18.81
C THR E 36 -7.04 -36.27 -20.33
N TYR E 37 -5.87 -36.38 -20.94
CA TYR E 37 -5.72 -36.31 -22.39
C TYR E 37 -4.52 -37.18 -22.77
N ASP E 38 -4.60 -37.90 -23.88
CA ASP E 38 -3.38 -38.52 -24.37
C ASP E 38 -3.42 -38.65 -25.89
N SER E 39 -2.26 -38.99 -26.45
CA SER E 39 -2.02 -38.98 -27.88
C SER E 39 -2.70 -40.16 -28.56
N VAL E 40 -3.27 -41.06 -27.78
CA VAL E 40 -4.01 -42.20 -28.33
C VAL E 40 -5.48 -41.84 -28.50
N THR E 41 -6.12 -41.39 -27.42
CA THR E 41 -7.52 -40.94 -27.49
C THR E 41 -7.65 -39.63 -28.28
N ARG E 42 -6.64 -38.78 -28.15
CA ARG E 42 -6.64 -37.42 -28.71
C ARG E 42 -7.86 -36.62 -28.28
N GLN E 43 -8.40 -36.96 -27.11
CA GLN E 43 -9.55 -36.26 -26.54
C GLN E 43 -9.26 -35.86 -25.10
N LYS E 44 -9.73 -34.69 -24.71
CA LYS E 44 -9.68 -34.31 -23.30
C LYS E 44 -10.98 -34.72 -22.63
N GLU E 45 -10.86 -35.47 -21.53
CA GLU E 45 -12.01 -36.05 -20.84
C GLU E 45 -11.95 -35.81 -19.33
N PRO E 46 -13.11 -35.78 -18.66
CA PRO E 46 -13.12 -35.67 -17.18
C PRO E 46 -12.66 -36.96 -16.50
N ARG E 47 -12.06 -36.85 -15.32
CA ARG E 47 -11.67 -38.02 -14.53
C ARG E 47 -12.39 -38.04 -13.19
N ALA E 48 -13.28 -37.08 -13.00
CA ALA E 48 -14.11 -37.05 -11.80
C ALA E 48 -15.53 -36.75 -12.23
N PRO E 49 -16.52 -37.41 -11.60
CA PRO E 49 -17.91 -37.14 -11.96
C PRO E 49 -18.34 -35.69 -11.72
N TRP E 50 -17.78 -34.99 -10.73
CA TRP E 50 -18.21 -33.62 -10.50
C TRP E 50 -17.59 -32.63 -11.49
N MET E 51 -16.61 -33.08 -12.28
CA MET E 51 -16.10 -32.27 -13.39
C MET E 51 -17.03 -32.47 -14.58
N ALA E 52 -17.39 -33.73 -14.82
CA ALA E 52 -18.24 -34.10 -15.94
C ALA E 52 -19.60 -33.44 -15.86
N GLU E 53 -20.16 -33.39 -14.65
CA GLU E 53 -21.51 -32.88 -14.42
C GLU E 53 -21.60 -31.37 -14.42
N ASN E 54 -20.46 -30.68 -14.31
CA ASN E 54 -20.49 -29.23 -14.19
C ASN E 54 -19.86 -28.49 -15.38
N LEU E 55 -19.26 -29.24 -16.30
CA LEU E 55 -18.61 -28.63 -17.47
C LEU E 55 -19.18 -29.15 -18.79
N ALA E 56 -19.70 -28.21 -19.59
CA ALA E 56 -20.43 -28.51 -20.83
C ALA E 56 -19.53 -29.11 -21.91
N PRO E 57 -20.14 -29.75 -22.91
CA PRO E 57 -19.36 -30.32 -24.01
C PRO E 57 -18.41 -29.31 -24.65
N ASP E 58 -18.80 -28.05 -24.80
CA ASP E 58 -17.92 -27.08 -25.43
C ASP E 58 -16.58 -26.94 -24.69
N HIS E 59 -16.58 -27.13 -23.37
CA HIS E 59 -15.33 -27.08 -22.59
C HIS E 59 -14.37 -28.19 -23.06
N TRP E 60 -14.86 -29.42 -23.08
CA TRP E 60 -14.02 -30.56 -23.45
C TRP E 60 -13.59 -30.42 -24.92
N GLU E 61 -14.49 -29.91 -25.75
CA GLU E 61 -14.17 -29.69 -27.16
C GLU E 61 -13.03 -28.72 -27.34
N ARG E 62 -13.11 -27.58 -26.64
CA ARG E 62 -12.10 -26.56 -26.74
C ARG E 62 -10.74 -27.05 -26.24
N TYR E 63 -10.71 -27.65 -25.06
CA TYR E 63 -9.45 -28.10 -24.49
C TYR E 63 -8.89 -29.33 -25.22
N THR E 64 -9.77 -30.09 -25.87
CA THR E 64 -9.28 -31.14 -26.76
C THR E 64 -8.40 -30.51 -27.87
N GLN E 65 -8.86 -29.40 -28.45
CA GLN E 65 -8.06 -28.73 -29.48
C GLN E 65 -6.76 -28.14 -28.91
N LEU E 66 -6.85 -27.47 -27.77
CA LEU E 66 -5.66 -26.94 -27.12
C LEU E 66 -4.64 -28.05 -26.84
N LEU E 67 -5.11 -29.15 -26.27
CA LEU E 67 -4.19 -30.21 -25.92
C LEU E 67 -3.57 -30.88 -27.15
N ARG E 68 -4.31 -31.01 -28.23
CA ARG E 68 -3.72 -31.49 -29.48
C ARG E 68 -2.54 -30.59 -29.89
N GLY E 69 -2.68 -29.28 -29.74
CA GLY E 69 -1.58 -28.37 -30.05
C GLY E 69 -0.42 -28.48 -29.05
N TRP E 70 -0.75 -28.58 -27.76
CA TRP E 70 0.27 -28.68 -26.72
C TRP E 70 1.05 -29.99 -26.86
N GLN E 71 0.36 -31.03 -27.30
CA GLN E 71 1.02 -32.30 -27.61
C GLN E 71 2.11 -32.09 -28.67
N GLN E 72 1.76 -31.36 -29.72
CA GLN E 72 2.69 -31.14 -30.82
C GLN E 72 3.85 -30.27 -30.33
N MET E 73 3.55 -29.28 -29.48
CA MET E 73 4.62 -28.48 -28.88
C MET E 73 5.57 -29.36 -28.06
N PHE E 74 5.02 -30.23 -27.22
CA PHE E 74 5.86 -31.18 -26.49
C PHE E 74 6.76 -32.02 -27.38
N LYS E 75 6.20 -32.49 -28.48
CA LYS E 75 6.94 -33.38 -29.38
C LYS E 75 8.19 -32.66 -29.90
N VAL E 76 8.00 -31.42 -30.34
CA VAL E 76 9.10 -30.67 -30.92
C VAL E 76 10.10 -30.18 -29.85
N GLU E 77 9.63 -29.80 -28.66
CA GLU E 77 10.58 -29.34 -27.63
C GLU E 77 11.47 -30.50 -27.20
N LEU E 78 10.88 -31.69 -27.09
CA LEU E 78 11.67 -32.84 -26.69
C LEU E 78 12.66 -33.19 -27.80
N LYS E 79 12.24 -33.13 -29.06
CA LYS E 79 13.18 -33.33 -30.17
C LYS E 79 14.35 -32.38 -30.03
N ARG E 80 14.03 -31.12 -29.76
CA ARG E 80 15.06 -30.11 -29.58
C ARG E 80 15.99 -30.40 -28.41
N LEU E 81 15.43 -30.79 -27.26
CA LEU E 81 16.24 -31.15 -26.11
C LEU E 81 17.21 -32.26 -26.45
N GLN E 82 16.71 -33.32 -27.07
CA GLN E 82 17.59 -34.43 -27.39
C GLN E 82 18.70 -33.98 -28.33
N ARG E 83 18.41 -33.05 -29.21
CA ARG E 83 19.42 -32.56 -30.12
C ARG E 83 20.50 -31.80 -29.33
N HIS E 84 20.06 -31.00 -28.36
CA HIS E 84 21.00 -30.26 -27.51
C HIS E 84 21.93 -31.20 -26.76
N TYR E 85 21.37 -32.27 -26.21
CA TYR E 85 22.14 -33.24 -25.44
C TYR E 85 22.90 -34.29 -26.27
N ASN E 86 22.69 -34.26 -27.57
CA ASN E 86 23.16 -35.32 -28.47
C ASN E 86 22.68 -36.70 -28.00
N HIS E 87 21.37 -36.80 -27.74
CA HIS E 87 20.75 -38.01 -27.21
C HIS E 87 19.93 -38.72 -28.25
N SER E 88 20.11 -40.03 -28.36
CA SER E 88 19.23 -40.87 -29.17
C SER E 88 18.42 -41.77 -28.26
N GLY E 89 17.54 -42.57 -28.85
CA GLY E 89 16.72 -43.48 -28.09
C GLY E 89 15.58 -42.76 -27.39
N SER E 90 14.93 -43.44 -26.45
CA SER E 90 13.75 -42.89 -25.82
C SER E 90 14.09 -42.06 -24.60
N HIS E 91 13.56 -40.84 -24.57
CA HIS E 91 13.74 -39.95 -23.43
C HIS E 91 12.40 -39.35 -23.03
N THR E 92 12.33 -38.80 -21.84
CA THR E 92 11.08 -38.24 -21.35
C THR E 92 11.19 -36.75 -21.09
N TYR E 93 10.07 -36.07 -21.26
CA TYR E 93 9.94 -34.61 -21.02
C TYR E 93 8.68 -34.43 -20.20
N GLN E 94 8.75 -33.63 -19.13
CA GLN E 94 7.61 -33.42 -18.25
C GLN E 94 7.46 -31.96 -17.88
N ARG E 95 6.22 -31.56 -17.65
CA ARG E 95 5.88 -30.21 -17.23
C ARG E 95 4.91 -30.33 -16.09
N MET E 96 5.03 -29.44 -15.09
CA MET E 96 4.05 -29.38 -14.04
C MET E 96 3.76 -27.92 -13.80
N ILE E 97 2.49 -27.57 -13.88
CA ILE E 97 2.10 -26.19 -13.54
C ILE E 97 0.98 -26.26 -12.51
N GLY E 98 0.88 -25.27 -11.64
CA GLY E 98 -0.19 -25.32 -10.67
C GLY E 98 -0.14 -24.24 -9.62
N CYS E 99 -1.11 -24.26 -8.73
CA CYS E 99 -1.25 -23.24 -7.72
C CYS E 99 -1.88 -23.84 -6.48
N GLU E 100 -1.69 -23.17 -5.34
CA GLU E 100 -2.27 -23.58 -4.08
C GLU E 100 -2.98 -22.39 -3.49
N LEU E 101 -4.13 -22.65 -2.89
CA LEU E 101 -4.85 -21.67 -2.11
C LEU E 101 -4.71 -22.12 -0.67
N LEU E 102 -3.93 -21.38 0.10
CA LEU E 102 -3.67 -21.73 1.49
C LEU E 102 -4.87 -21.36 2.36
N GLU E 103 -4.97 -21.99 3.52
CA GLU E 103 -5.99 -21.67 4.51
C GLU E 103 -6.09 -20.17 4.77
N ASP E 104 -4.95 -19.52 5.01
CA ASP E 104 -4.96 -18.09 5.37
C ASP E 104 -5.37 -17.20 4.19
N GLY E 105 -5.45 -17.78 3.01
CA GLY E 105 -5.98 -17.04 1.86
C GLY E 105 -4.87 -16.58 0.94
N SER E 106 -3.64 -16.80 1.37
CA SER E 106 -2.49 -16.52 0.53
C SER E 106 -2.37 -17.60 -0.56
N THR E 107 -1.54 -17.35 -1.55
CA THR E 107 -1.42 -18.27 -2.69
C THR E 107 0.03 -18.60 -3.01
N THR E 108 0.24 -19.75 -3.65
CA THR E 108 1.51 -20.09 -4.25
C THR E 108 1.24 -20.51 -5.69
N GLY E 109 2.28 -20.47 -6.53
CA GLY E 109 2.15 -20.83 -7.93
C GLY E 109 3.47 -21.43 -8.37
N PHE E 110 3.44 -22.40 -9.29
CA PHE E 110 4.67 -23.05 -9.69
C PHE E 110 4.53 -23.56 -11.12
N LEU E 111 5.66 -23.58 -11.80
CA LEU E 111 5.75 -24.04 -13.17
C LEU E 111 7.16 -24.60 -13.36
N GLN E 112 7.26 -25.89 -13.68
CA GLN E 112 8.54 -26.59 -13.74
C GLN E 112 8.57 -27.59 -14.89
N TYR E 113 9.76 -27.83 -15.42
CA TYR E 113 10.00 -28.86 -16.44
C TYR E 113 11.07 -29.82 -15.97
N ALA E 114 10.97 -31.07 -16.43
CA ALA E 114 11.97 -32.09 -16.17
C ALA E 114 12.30 -32.81 -17.45
N TYR E 115 13.55 -33.28 -17.54
CA TYR E 115 14.00 -34.08 -18.66
C TYR E 115 14.53 -35.39 -18.08
N ASP E 116 14.12 -36.50 -18.67
CA ASP E 116 14.40 -37.83 -18.11
C ASP E 116 14.14 -37.91 -16.58
N GLY E 117 13.08 -37.26 -16.13
CA GLY E 117 12.63 -37.32 -14.75
C GLY E 117 13.42 -36.51 -13.74
N GLN E 118 14.34 -35.67 -14.22
CA GLN E 118 15.15 -34.80 -13.35
C GLN E 118 14.82 -33.34 -13.62
N ASP E 119 14.87 -32.50 -12.58
CA ASP E 119 14.64 -31.06 -12.74
C ASP E 119 15.44 -30.51 -13.90
N PHE E 120 14.82 -29.65 -14.67
CA PHE E 120 15.46 -29.07 -15.85
C PHE E 120 15.37 -27.55 -15.80
N LEU E 121 14.14 -27.03 -15.76
CA LEU E 121 13.85 -25.59 -15.68
C LEU E 121 12.76 -25.34 -14.63
N ILE E 122 12.98 -24.33 -13.78
CA ILE E 122 12.03 -23.98 -12.75
C ILE E 122 11.76 -22.47 -12.82
N PHE E 123 10.50 -22.11 -13.06
CA PHE E 123 10.12 -20.72 -13.24
C PHE E 123 10.05 -19.99 -11.91
N ASN E 124 10.56 -18.77 -11.87
CA ASN E 124 10.38 -17.99 -10.65
C ASN E 124 9.50 -16.82 -11.01
N LYS E 125 8.24 -16.85 -10.56
CA LYS E 125 7.26 -15.84 -10.96
C LYS E 125 7.51 -14.50 -10.24
N ASP E 126 8.33 -14.52 -9.20
CA ASP E 126 8.59 -13.30 -8.42
C ASP E 126 9.67 -12.44 -9.08
N THR E 127 10.63 -13.07 -9.75
CA THR E 127 11.59 -12.31 -10.56
C THR E 127 11.39 -12.47 -12.06
N LEU E 128 10.36 -13.22 -12.45
CA LEU E 128 10.12 -13.49 -13.87
C LEU E 128 11.36 -14.07 -14.53
N SER E 129 11.91 -15.14 -13.97
CA SER E 129 13.02 -15.78 -14.63
C SER E 129 12.94 -17.28 -14.47
N TRP E 130 13.74 -17.95 -15.27
CA TRP E 130 13.82 -19.39 -15.25
C TRP E 130 15.16 -19.83 -14.69
N LEU E 131 15.09 -20.71 -13.70
CA LEU E 131 16.28 -21.29 -13.14
C LEU E 131 16.64 -22.57 -13.92
N ALA E 132 17.86 -22.63 -14.44
CA ALA E 132 18.32 -23.72 -15.29
C ALA E 132 19.32 -24.60 -14.58
N VAL E 133 19.19 -25.92 -14.75
CA VAL E 133 20.09 -26.86 -14.07
C VAL E 133 21.45 -27.06 -14.75
N ASP E 134 21.52 -26.82 -16.06
CA ASP E 134 22.77 -27.03 -16.76
C ASP E 134 22.85 -26.14 -18.01
N ASN E 135 23.91 -26.31 -18.81
CA ASN E 135 24.11 -25.49 -20.00
C ASN E 135 22.96 -25.57 -21.05
N VAL E 136 22.37 -26.75 -21.22
CA VAL E 136 21.25 -26.92 -22.16
C VAL E 136 20.01 -26.20 -21.65
N ALA E 137 19.69 -26.43 -20.37
CA ALA E 137 18.62 -25.68 -19.75
C ALA E 137 18.87 -24.18 -19.88
N HIS E 138 20.12 -23.75 -19.73
CA HIS E 138 20.46 -22.33 -19.88
C HIS E 138 20.11 -21.79 -21.28
N THR E 139 20.40 -22.60 -22.30
CA THR E 139 20.05 -22.23 -23.68
C THR E 139 18.55 -21.97 -23.81
N ILE E 140 17.75 -22.83 -23.20
CA ILE E 140 16.29 -22.68 -23.27
C ILE E 140 15.81 -21.51 -22.45
N LYS E 141 16.42 -21.33 -21.27
CA LYS E 141 16.14 -20.20 -20.42
C LYS E 141 16.31 -18.88 -21.19
N GLN E 142 17.40 -18.75 -21.93
CA GLN E 142 17.66 -17.50 -22.66
C GLN E 142 16.56 -17.23 -23.68
N ALA E 143 16.17 -18.26 -24.42
CA ALA E 143 15.09 -18.11 -25.38
C ALA E 143 13.78 -17.72 -24.69
N TRP E 144 13.45 -18.40 -23.59
CA TRP E 144 12.17 -18.16 -22.96
C TRP E 144 12.14 -16.79 -22.28
N GLU E 145 13.29 -16.36 -21.77
CA GLU E 145 13.37 -15.08 -21.06
C GLU E 145 13.41 -13.89 -22.03
N ALA E 146 13.65 -14.14 -23.31
CA ALA E 146 13.72 -13.07 -24.30
C ALA E 146 12.32 -12.49 -24.58
N ASN E 147 11.29 -13.26 -24.23
CA ASN E 147 9.91 -12.88 -24.46
C ASN E 147 9.26 -12.35 -23.19
N GLN E 148 9.46 -11.05 -22.92
CA GLN E 148 9.03 -10.46 -21.66
C GLN E 148 7.54 -10.65 -21.42
N HIS E 149 6.73 -10.41 -22.45
CA HIS E 149 5.29 -10.57 -22.34
C HIS E 149 4.84 -11.97 -21.93
N GLU E 150 5.56 -12.99 -22.36
CA GLU E 150 5.11 -14.33 -22.05
C GLU E 150 5.43 -14.64 -20.58
N LEU E 151 6.48 -14.01 -20.06
CA LEU E 151 6.79 -14.17 -18.63
C LEU E 151 5.67 -13.57 -17.79
N LEU E 152 5.18 -12.39 -18.21
CA LEU E 152 4.09 -11.70 -17.52
C LEU E 152 2.80 -12.49 -17.62
N TYR E 153 2.55 -13.03 -18.82
CA TYR E 153 1.41 -13.90 -19.00
C TYR E 153 1.43 -15.11 -18.04
N GLN E 154 2.58 -15.76 -17.86
CA GLN E 154 2.62 -16.93 -16.96
C GLN E 154 2.39 -16.51 -15.50
N LYS E 155 2.91 -15.34 -15.13
CA LYS E 155 2.71 -14.85 -13.76
C LYS E 155 1.22 -14.66 -13.55
N ASN E 156 0.56 -14.01 -14.50
CA ASN E 156 -0.87 -13.79 -14.37
C ASN E 156 -1.65 -15.12 -14.30
N TRP E 157 -1.23 -16.08 -15.10
CA TRP E 157 -1.98 -17.35 -15.13
C TRP E 157 -1.87 -18.06 -13.79
N LEU E 158 -0.65 -18.18 -13.27
CA LEU E 158 -0.41 -18.79 -11.97
C LEU E 158 -1.13 -18.08 -10.84
N GLU E 159 -1.11 -16.74 -10.88
CA GLU E 159 -1.59 -15.97 -9.72
C GLU E 159 -3.08 -15.68 -9.75
N GLU E 160 -3.65 -15.55 -10.95
CA GLU E 160 -5.07 -15.21 -11.08
C GLU E 160 -5.90 -16.35 -11.69
N GLU E 161 -5.56 -16.79 -12.89
CA GLU E 161 -6.39 -17.78 -13.60
C GLU E 161 -6.41 -19.12 -12.87
N CYS E 162 -5.24 -19.60 -12.50
CA CYS E 162 -5.12 -20.90 -11.84
C CYS E 162 -5.98 -20.90 -10.57
N ILE E 163 -5.86 -19.84 -9.79
CA ILE E 163 -6.59 -19.76 -8.53
C ILE E 163 -8.09 -19.68 -8.79
N ALA E 164 -8.49 -18.93 -9.82
CA ALA E 164 -9.92 -18.86 -10.17
C ALA E 164 -10.45 -20.24 -10.60
N TRP E 165 -9.68 -20.95 -11.41
CA TRP E 165 -10.06 -22.32 -11.76
C TRP E 165 -10.18 -23.21 -10.52
N LEU E 166 -9.17 -23.14 -9.67
CA LEU E 166 -9.17 -23.93 -8.45
C LEU E 166 -10.46 -23.66 -7.64
N LYS E 167 -10.79 -22.40 -7.41
CA LYS E 167 -11.98 -22.06 -6.62
C LYS E 167 -13.24 -22.62 -7.27
N ARG E 168 -13.27 -22.54 -8.60
CA ARG E 168 -14.40 -23.04 -9.38
C ARG E 168 -14.55 -24.56 -9.22
N PHE E 169 -13.47 -25.30 -9.38
CA PHE E 169 -13.49 -26.76 -9.27
C PHE E 169 -13.76 -27.20 -7.82
N LEU E 170 -13.29 -26.39 -6.87
CA LEU E 170 -13.51 -26.70 -5.46
C LEU E 170 -14.99 -26.71 -5.15
N GLU E 171 -15.72 -25.76 -5.71
CA GLU E 171 -17.16 -25.71 -5.51
C GLU E 171 -17.84 -26.89 -6.22
N TYR E 172 -17.47 -27.17 -7.47
CA TYR E 172 -18.00 -28.35 -8.16
C TYR E 172 -17.84 -29.60 -7.32
N GLY E 173 -16.66 -29.78 -6.73
CA GLY E 173 -16.34 -31.01 -6.04
C GLY E 173 -16.50 -30.94 -4.54
N LYS E 174 -17.24 -29.96 -4.05
CA LYS E 174 -17.28 -29.66 -2.61
C LYS E 174 -17.67 -30.87 -1.75
N ASP E 175 -18.63 -31.66 -2.22
CA ASP E 175 -19.08 -32.82 -1.46
C ASP E 175 -17.96 -33.84 -1.25
N THR E 176 -17.02 -33.87 -2.19
CA THR E 176 -15.87 -34.76 -2.08
C THR E 176 -14.67 -34.09 -1.41
N LEU E 177 -14.31 -32.92 -1.94
CA LEU E 177 -13.06 -32.26 -1.59
C LEU E 177 -13.07 -31.58 -0.22
N GLN E 178 -14.26 -31.17 0.22
CA GLN E 178 -14.37 -30.42 1.46
C GLN E 178 -14.97 -31.23 2.60
N ARG E 179 -15.25 -32.51 2.36
CA ARG E 179 -15.79 -33.37 3.41
C ARG E 179 -14.70 -33.78 4.41
N THR E 180 -15.12 -34.34 5.54
CA THR E 180 -14.18 -34.85 6.52
C THR E 180 -14.61 -36.24 6.96
N GLU E 181 -13.72 -37.20 6.81
CA GLU E 181 -13.96 -38.52 7.40
C GLU E 181 -12.89 -38.77 8.45
N PRO E 182 -13.26 -38.73 9.73
CA PRO E 182 -12.31 -38.83 10.84
C PRO E 182 -11.60 -40.19 10.82
N PRO E 183 -10.36 -40.24 11.27
CA PRO E 183 -9.61 -41.51 11.31
C PRO E 183 -10.04 -42.46 12.42
N LEU E 184 -9.97 -43.75 12.11
CA LEU E 184 -10.11 -44.77 13.13
C LEU E 184 -8.70 -45.12 13.55
N VAL E 185 -8.40 -44.98 14.84
CA VAL E 185 -7.02 -45.14 15.28
C VAL E 185 -6.90 -46.21 16.36
N ARG E 186 -5.92 -47.09 16.22
CA ARG E 186 -5.72 -48.10 17.24
C ARG E 186 -4.24 -48.16 17.59
N VAL E 187 -3.93 -48.66 18.78
CA VAL E 187 -2.53 -48.93 19.08
C VAL E 187 -2.36 -50.41 19.35
N ASN E 188 -1.36 -51.00 18.71
CA ASN E 188 -1.05 -52.41 18.91
C ASN E 188 0.30 -52.54 19.60
N ARG E 189 0.39 -53.51 20.48
CA ARG E 189 1.59 -53.75 21.25
C ARG E 189 2.02 -55.20 21.03
N LYS E 190 3.32 -55.42 20.88
CA LYS E 190 3.81 -56.77 20.63
C LYS E 190 5.27 -56.91 21.03
N GLU E 191 5.62 -57.99 21.72
CA GLU E 191 7.03 -58.30 21.87
C GLU E 191 7.51 -58.92 20.56
N THR E 192 8.61 -58.40 20.05
CA THR E 192 9.12 -58.86 18.76
C THR E 192 10.37 -59.69 19.03
N PHE E 193 11.53 -59.23 18.57
CA PHE E 193 12.81 -59.81 18.99
C PHE E 193 12.81 -59.83 20.51
N PRO E 194 13.33 -60.92 21.12
CA PRO E 194 13.34 -61.05 22.58
C PRO E 194 13.80 -59.78 23.31
N GLY E 195 12.96 -59.26 24.19
CA GLY E 195 13.30 -58.08 24.94
C GLY E 195 13.01 -56.74 24.29
N VAL E 196 12.50 -56.71 23.06
CA VAL E 196 12.07 -55.44 22.49
C VAL E 196 10.61 -55.44 22.05
N THR E 197 9.87 -54.49 22.62
CA THR E 197 8.45 -54.36 22.39
C THR E 197 8.19 -53.27 21.36
N ALA E 198 7.39 -53.59 20.35
CA ALA E 198 7.04 -52.63 19.33
C ALA E 198 5.63 -52.09 19.56
N LEU E 199 5.50 -50.78 19.52
CA LEU E 199 4.19 -50.11 19.57
C LEU E 199 3.85 -49.55 18.20
N PHE E 200 2.71 -49.95 17.65
CA PHE E 200 2.21 -49.43 16.39
C PHE E 200 0.96 -48.60 16.60
N CYS E 201 0.97 -47.36 16.12
CA CYS E 201 -0.23 -46.54 16.11
C CYS E 201 -0.74 -46.50 14.67
N LYS E 202 -1.94 -47.03 14.43
CA LYS E 202 -2.40 -47.23 13.06
C LYS E 202 -3.70 -46.53 12.84
N ALA E 203 -3.79 -45.80 11.73
CA ALA E 203 -4.99 -45.04 11.40
C ALA E 203 -5.49 -45.43 10.04
N HIS E 204 -6.80 -45.45 9.88
CA HIS E 204 -7.39 -45.69 8.58
C HIS E 204 -8.79 -45.07 8.50
N GLY E 205 -9.35 -45.10 7.30
CA GLY E 205 -10.69 -44.61 7.06
C GLY E 205 -10.77 -43.10 7.00
N PHE E 206 -9.64 -42.40 6.92
CA PHE E 206 -9.74 -40.94 7.00
C PHE E 206 -9.65 -40.22 5.65
N TYR E 207 -10.30 -39.07 5.59
CA TYR E 207 -10.18 -38.14 4.48
C TYR E 207 -10.34 -36.73 5.02
N PRO E 208 -9.52 -35.76 4.58
CA PRO E 208 -8.46 -35.81 3.56
C PRO E 208 -7.21 -36.61 3.99
N PRO E 209 -6.30 -36.90 3.05
CA PRO E 209 -5.14 -37.73 3.41
C PRO E 209 -4.19 -37.08 4.41
N GLU E 210 -4.22 -35.75 4.51
CA GLU E 210 -3.30 -35.06 5.40
C GLU E 210 -3.63 -35.39 6.85
N ILE E 211 -2.66 -35.98 7.54
CA ILE E 211 -2.83 -36.39 8.91
C ILE E 211 -1.48 -36.32 9.60
N TYR E 212 -1.50 -35.98 10.88
N TYR E 212 -1.52 -35.94 10.88
CA TYR E 212 -0.29 -35.93 11.68
CA TYR E 212 -0.32 -35.92 11.71
C TYR E 212 -0.32 -36.99 12.78
C TYR E 212 -0.37 -37.05 12.72
N MET E 213 0.73 -37.77 12.87
CA MET E 213 0.83 -38.87 13.84
C MET E 213 2.20 -38.81 14.49
N THR E 214 2.26 -38.98 15.80
CA THR E 214 3.55 -39.03 16.44
C THR E 214 3.42 -39.77 17.75
N TRP E 215 4.56 -40.11 18.35
CA TRP E 215 4.56 -40.78 19.63
C TRP E 215 5.16 -39.83 20.64
N MET E 216 4.57 -39.76 21.82
CA MET E 216 5.15 -38.98 22.90
C MET E 216 5.47 -39.88 24.09
N LYS E 217 6.53 -39.54 24.82
CA LYS E 217 6.91 -40.25 26.05
C LYS E 217 6.70 -39.33 27.23
N ASN E 218 5.89 -39.76 28.19
CA ASN E 218 5.60 -38.95 29.37
C ASN E 218 5.09 -37.56 28.99
N GLY E 219 4.22 -37.49 27.99
CA GLY E 219 3.62 -36.24 27.57
C GLY E 219 4.55 -35.29 26.81
N GLU E 220 5.82 -35.64 26.70
CA GLU E 220 6.77 -34.82 25.95
C GLU E 220 7.30 -35.54 24.69
N GLU E 221 7.94 -34.75 23.81
CA GLU E 221 8.48 -35.25 22.54
C GLU E 221 9.51 -36.36 22.71
N ILE E 222 9.46 -37.34 21.81
CA ILE E 222 10.37 -38.48 21.84
C ILE E 222 11.70 -38.14 21.17
N VAL E 223 12.79 -38.77 21.62
CA VAL E 223 14.08 -38.60 20.96
C VAL E 223 14.48 -39.85 20.15
N GLN E 224 13.93 -41.02 20.52
CA GLN E 224 14.26 -42.27 19.85
C GLN E 224 13.73 -42.36 18.40
N GLU E 225 14.10 -43.45 17.73
CA GLU E 225 13.74 -43.66 16.33
C GLU E 225 12.27 -43.93 16.15
N ILE E 226 11.62 -43.14 15.32
CA ILE E 226 10.23 -43.39 14.96
C ILE E 226 10.13 -43.81 13.49
N ASP E 227 9.40 -44.89 13.23
N ASP E 227 9.42 -44.91 13.23
CA ASP E 227 9.17 -45.37 11.87
CA ASP E 227 9.19 -45.34 11.86
C ASP E 227 7.80 -44.90 11.40
C ASP E 227 7.81 -44.86 11.42
N TYR E 228 7.73 -44.36 10.19
CA TYR E 228 6.47 -43.83 9.66
C TYR E 228 5.97 -44.62 8.47
N GLY E 229 4.69 -44.99 8.51
CA GLY E 229 4.06 -45.59 7.35
C GLY E 229 3.65 -44.51 6.38
N ASP E 230 3.73 -44.81 5.09
CA ASP E 230 3.24 -43.88 4.09
C ASP E 230 1.75 -43.68 4.26
N ILE E 231 1.26 -42.52 3.86
CA ILE E 231 -0.18 -42.32 3.76
C ILE E 231 -0.60 -42.99 2.46
N LEU E 232 -1.36 -44.07 2.56
CA LEU E 232 -1.76 -44.86 1.40
C LEU E 232 -3.25 -44.82 1.16
N PRO E 233 -3.65 -44.82 -0.13
CA PRO E 233 -5.08 -44.86 -0.47
C PRO E 233 -5.61 -46.28 -0.21
N SER E 234 -6.79 -46.39 0.41
CA SER E 234 -7.35 -47.69 0.74
C SER E 234 -8.26 -48.20 -0.37
N GLY E 235 -8.51 -47.33 -1.35
CA GLY E 235 -9.26 -47.70 -2.53
C GLY E 235 -10.73 -47.31 -2.49
N ASP E 236 -11.21 -46.85 -1.33
CA ASP E 236 -12.60 -46.39 -1.22
C ASP E 236 -12.69 -44.86 -1.09
N GLY E 237 -11.62 -44.16 -1.39
CA GLY E 237 -11.62 -42.70 -1.26
C GLY E 237 -11.05 -42.23 0.08
N THR E 238 -10.75 -43.18 0.98
CA THR E 238 -10.10 -42.86 2.24
C THR E 238 -8.65 -43.35 2.27
N TYR E 239 -7.97 -43.05 3.37
CA TYR E 239 -6.53 -43.29 3.48
C TYR E 239 -6.15 -43.97 4.80
N GLN E 240 -4.95 -44.53 4.86
CA GLN E 240 -4.45 -45.18 6.06
C GLN E 240 -2.98 -44.86 6.23
N ALA E 241 -2.50 -44.89 7.47
CA ALA E 241 -1.11 -44.54 7.76
C ALA E 241 -0.79 -45.10 9.15
N TRP E 242 0.48 -45.06 9.53
CA TRP E 242 0.83 -45.51 10.87
C TRP E 242 2.18 -44.96 11.29
N ALA E 243 2.44 -45.04 12.58
CA ALA E 243 3.77 -44.72 13.09
C ALA E 243 4.12 -45.72 14.18
N SER E 244 5.38 -46.11 14.28
CA SER E 244 5.75 -47.05 15.34
C SER E 244 7.02 -46.65 16.06
N ILE E 245 7.15 -47.15 17.30
CA ILE E 245 8.35 -46.98 18.13
C ILE E 245 8.67 -48.29 18.86
N GLU E 246 9.81 -48.31 19.58
CA GLU E 246 10.11 -49.37 20.56
C GLU E 246 10.06 -48.81 21.98
N LEU E 247 10.10 -49.69 22.98
CA LEU E 247 10.08 -49.25 24.38
C LEU E 247 11.48 -49.18 25.00
N LEU E 254 5.77 -44.06 30.04
CA LEU E 254 4.40 -43.69 29.68
C LEU E 254 4.33 -43.20 28.23
N TYR E 255 3.79 -44.02 27.34
CA TYR E 255 3.76 -43.67 25.92
C TYR E 255 2.36 -43.35 25.41
N SER E 256 2.28 -42.40 24.49
CA SER E 256 1.00 -42.05 23.91
C SER E 256 1.15 -41.76 22.43
N CYS E 257 0.15 -42.16 21.66
CA CYS E 257 0.08 -41.80 20.25
C CYS E 257 -0.79 -40.58 20.08
N HIS E 258 -0.28 -39.58 19.35
CA HIS E 258 -1.05 -38.36 19.13
C HIS E 258 -1.37 -38.22 17.65
N VAL E 259 -2.64 -37.99 17.36
CA VAL E 259 -3.07 -37.88 15.98
C VAL E 259 -3.81 -36.56 15.79
N GLU E 260 -3.46 -35.83 14.74
CA GLU E 260 -4.24 -34.63 14.44
C GLU E 260 -4.78 -34.75 13.04
N HIS E 261 -6.07 -34.50 12.90
CA HIS E 261 -6.69 -34.61 11.59
C HIS E 261 -7.80 -33.59 11.47
N SER E 262 -7.74 -32.76 10.43
CA SER E 262 -8.78 -31.75 10.17
C SER E 262 -9.28 -31.00 11.40
N GLY E 263 -8.36 -30.52 12.23
CA GLY E 263 -8.74 -29.71 13.36
C GLY E 263 -9.20 -30.48 14.58
N VAL E 264 -9.03 -31.81 14.56
CA VAL E 264 -9.35 -32.58 15.75
C VAL E 264 -8.12 -33.32 16.22
N HIS E 265 -7.84 -33.25 17.51
CA HIS E 265 -6.69 -33.92 18.08
C HIS E 265 -7.17 -35.13 18.87
N MET E 266 -6.36 -36.18 18.86
CA MET E 266 -6.74 -37.43 19.50
C MET E 266 -5.52 -37.99 20.21
N VAL E 267 -5.73 -38.54 21.41
CA VAL E 267 -4.63 -39.14 22.14
C VAL E 267 -4.96 -40.59 22.50
N LEU E 268 -4.03 -41.50 22.26
CA LEU E 268 -4.21 -42.90 22.65
C LEU E 268 -3.08 -43.27 23.58
N GLN E 269 -3.44 -43.43 24.86
CA GLN E 269 -2.48 -43.76 25.92
C GLN E 269 -2.21 -45.26 25.95
N VAL E 270 -0.94 -45.65 25.98
CA VAL E 270 -0.60 -47.07 26.08
C VAL E 270 -0.62 -47.53 27.53
N PRO E 271 -1.48 -48.51 27.83
CA PRO E 271 -1.55 -49.08 29.18
C PRO E 271 -0.35 -49.97 29.50
N GLN F 2 -20.16 -12.64 -22.50
CA GLN F 2 -18.85 -11.97 -22.55
C GLN F 2 -18.88 -10.79 -23.51
N ASN F 3 -18.35 -9.65 -23.10
CA ASN F 3 -18.39 -8.52 -24.00
C ASN F 3 -17.22 -7.56 -23.85
N ILE F 4 -16.99 -6.79 -24.91
CA ILE F 4 -15.94 -5.81 -24.95
C ILE F 4 -16.48 -4.56 -25.63
N ASP F 5 -16.21 -3.41 -25.02
CA ASP F 5 -16.78 -2.16 -25.51
C ASP F 5 -15.71 -1.11 -25.72
N GLN F 6 -15.74 -0.53 -26.90
CA GLN F 6 -14.89 0.60 -27.22
C GLN F 6 -15.73 1.56 -28.05
N PRO F 7 -15.40 2.87 -27.99
CA PRO F 7 -16.19 3.83 -28.77
C PRO F 7 -16.18 3.52 -30.29
N THR F 8 -17.28 3.81 -30.96
CA THR F 8 -17.40 3.55 -32.39
C THR F 8 -16.41 4.41 -33.17
N GLU F 9 -16.33 5.68 -32.81
CA GLU F 9 -15.51 6.63 -33.53
C GLU F 9 -14.98 7.72 -32.58
N MET F 10 -13.77 8.21 -32.86
CA MET F 10 -13.25 9.38 -32.17
C MET F 10 -12.59 10.32 -33.17
N THR F 11 -12.64 11.62 -32.88
CA THR F 11 -11.95 12.61 -33.69
C THR F 11 -11.08 13.49 -32.80
N ALA F 12 -9.81 13.63 -33.16
CA ALA F 12 -8.92 14.52 -32.45
C ALA F 12 -8.07 15.31 -33.45
N THR F 13 -7.39 16.35 -32.97
CA THR F 13 -6.68 17.24 -33.85
C THR F 13 -5.21 16.85 -34.00
N GLU F 14 -4.70 17.01 -35.23
CA GLU F 14 -3.31 16.77 -35.53
C GLU F 14 -2.38 17.47 -34.54
N GLY F 15 -1.39 16.74 -34.05
CA GLY F 15 -0.42 17.25 -33.09
C GLY F 15 -0.84 17.09 -31.64
N ALA F 16 -2.11 16.78 -31.42
CA ALA F 16 -2.61 16.57 -30.07
C ALA F 16 -2.50 15.11 -29.63
N ILE F 17 -3.36 14.74 -28.69
CA ILE F 17 -3.32 13.45 -28.02
C ILE F 17 -4.71 12.84 -28.06
N VAL F 18 -4.82 11.52 -28.19
CA VAL F 18 -6.12 10.90 -28.03
C VAL F 18 -5.97 9.61 -27.22
N GLN F 19 -6.97 9.32 -26.39
CA GLN F 19 -7.02 8.13 -25.57
C GLN F 19 -8.23 7.29 -25.96
N ILE F 20 -7.96 6.07 -26.44
CA ILE F 20 -9.03 5.17 -26.88
C ILE F 20 -9.31 4.14 -25.80
N ASN F 21 -10.48 4.24 -25.17
CA ASN F 21 -10.85 3.35 -24.09
C ASN F 21 -11.36 1.99 -24.57
N CYS F 22 -11.12 0.96 -23.77
CA CYS F 22 -11.68 -0.37 -24.02
C CYS F 22 -12.05 -1.02 -22.69
N THR F 23 -13.32 -1.36 -22.50
CA THR F 23 -13.71 -2.10 -21.30
C THR F 23 -14.19 -3.49 -21.69
N TYR F 24 -13.87 -4.48 -20.86
CA TYR F 24 -14.25 -5.86 -21.14
C TYR F 24 -14.88 -6.51 -19.92
N GLN F 25 -15.82 -7.42 -20.17
CA GLN F 25 -16.35 -8.31 -19.14
C GLN F 25 -16.22 -9.72 -19.68
N THR F 26 -15.29 -10.49 -19.13
CA THR F 26 -15.01 -11.79 -19.70
C THR F 26 -15.03 -12.90 -18.67
N SER F 27 -15.21 -14.12 -19.14
CA SER F 27 -14.99 -15.31 -18.34
C SER F 27 -13.50 -15.58 -18.34
N GLY F 28 -12.79 -14.93 -17.42
CA GLY F 28 -11.35 -15.07 -17.29
C GLY F 28 -10.58 -14.08 -18.14
N PHE F 29 -9.27 -13.99 -17.89
CA PHE F 29 -8.47 -12.98 -18.59
C PHE F 29 -7.04 -13.47 -18.81
N ASN F 30 -6.61 -13.47 -20.07
CA ASN F 30 -5.26 -13.91 -20.39
C ASN F 30 -4.51 -12.92 -21.27
N GLY F 31 -4.95 -11.67 -21.26
CA GLY F 31 -4.24 -10.62 -21.95
C GLY F 31 -5.18 -9.78 -22.79
N LEU F 32 -4.75 -8.56 -23.08
CA LEU F 32 -5.55 -7.64 -23.89
C LEU F 32 -4.66 -7.13 -24.99
N PHE F 33 -5.16 -7.21 -26.23
CA PHE F 33 -4.41 -6.81 -27.41
C PHE F 33 -5.00 -5.55 -28.05
N TRP F 34 -4.15 -4.70 -28.63
CA TRP F 34 -4.62 -3.65 -29.52
C TRP F 34 -4.07 -3.91 -30.92
N TYR F 35 -4.94 -3.78 -31.93
CA TYR F 35 -4.50 -3.88 -33.32
C TYR F 35 -4.81 -2.57 -34.05
N GLN F 36 -3.98 -2.23 -35.02
CA GLN F 36 -4.27 -1.12 -35.93
C GLN F 36 -4.74 -1.66 -37.26
N GLN F 37 -5.84 -1.12 -37.77
CA GLN F 37 -6.32 -1.54 -39.09
C GLN F 37 -6.62 -0.31 -39.94
N HIS F 38 -5.70 0.00 -40.85
CA HIS F 38 -5.95 1.03 -41.83
C HIS F 38 -7.07 0.58 -42.77
N ALA F 39 -7.81 1.56 -43.26
CA ALA F 39 -8.90 1.36 -44.22
C ALA F 39 -8.44 0.49 -45.39
N GLY F 40 -9.18 -0.59 -45.62
CA GLY F 40 -8.91 -1.48 -46.74
C GLY F 40 -7.72 -2.39 -46.53
N GLU F 41 -7.15 -2.34 -45.32
CA GLU F 41 -5.95 -3.10 -45.00
C GLU F 41 -6.23 -4.12 -43.92
N ALA F 42 -5.21 -4.95 -43.65
CA ALA F 42 -5.27 -5.97 -42.63
C ALA F 42 -4.95 -5.37 -41.26
N PRO F 43 -5.52 -5.95 -40.19
CA PRO F 43 -5.10 -5.50 -38.86
C PRO F 43 -3.66 -5.90 -38.60
N THR F 44 -2.95 -5.05 -37.86
CA THR F 44 -1.59 -5.36 -37.42
C THR F 44 -1.48 -5.14 -35.89
N PHE F 45 -0.70 -6.00 -35.24
CA PHE F 45 -0.52 -5.99 -33.80
C PHE F 45 0.12 -4.68 -33.36
N LEU F 46 -0.45 -4.05 -32.33
CA LEU F 46 0.13 -2.82 -31.76
C LEU F 46 0.69 -3.09 -30.37
N SER F 47 -0.09 -3.76 -29.53
CA SER F 47 0.34 -3.93 -28.14
C SER F 47 -0.35 -5.08 -27.44
N TYR F 48 0.26 -5.52 -26.35
CA TYR F 48 -0.28 -6.53 -25.45
C TYR F 48 -0.03 -6.13 -24.00
N ASN F 49 -1.06 -6.18 -23.17
CA ASN F 49 -0.91 -6.03 -21.71
C ASN F 49 -1.60 -7.19 -21.02
N VAL F 50 -1.06 -7.64 -19.90
CA VAL F 50 -1.76 -8.68 -19.14
C VAL F 50 -1.67 -8.43 -17.63
N LEU F 51 -0.65 -7.69 -17.19
CA LEU F 51 -0.56 -7.24 -15.80
C LEU F 51 -0.77 -5.72 -15.75
N ASP F 52 -0.86 -5.16 -14.56
CA ASP F 52 -1.24 -3.76 -14.48
C ASP F 52 -0.08 -2.85 -14.77
N GLY F 53 -0.34 -1.87 -15.62
CA GLY F 53 0.62 -0.81 -15.87
C GLY F 53 0.52 -0.21 -17.25
N LEU F 54 1.55 0.52 -17.62
CA LEU F 54 1.56 1.27 -18.87
C LEU F 54 2.83 0.94 -19.65
N GLU F 55 2.67 0.50 -20.90
CA GLU F 55 3.85 0.28 -21.75
C GLU F 55 3.86 1.22 -22.94
N GLU F 56 4.97 1.92 -23.13
CA GLU F 56 5.10 2.82 -24.27
C GLU F 56 5.90 2.23 -25.41
N LYS F 57 5.41 2.42 -26.64
CA LYS F 57 6.11 2.04 -27.86
C LYS F 57 6.06 3.21 -28.82
N GLY F 58 7.07 4.08 -28.74
CA GLY F 58 7.09 5.28 -29.57
C GLY F 58 6.00 6.24 -29.14
N ARG F 59 5.13 6.62 -30.08
CA ARG F 59 4.04 7.55 -29.76
C ARG F 59 2.83 6.87 -29.16
N PHE F 60 2.89 5.54 -29.08
CA PHE F 60 1.75 4.74 -28.64
C PHE F 60 2.00 4.18 -27.25
N SER F 61 1.01 4.30 -26.37
CA SER F 61 1.09 3.72 -25.05
C SER F 61 -0.13 2.88 -24.80
N SER F 62 0.04 1.74 -24.15
CA SER F 62 -1.10 0.92 -23.81
C SER F 62 -1.17 0.69 -22.31
N PHE F 63 -2.35 0.96 -21.76
CA PHE F 63 -2.61 0.87 -20.33
C PHE F 63 -3.55 -0.27 -20.01
N LEU F 64 -3.38 -0.86 -18.84
CA LEU F 64 -4.28 -1.92 -18.38
C LEU F 64 -4.54 -1.80 -16.88
N SER F 65 -5.80 -1.86 -16.49
CA SER F 65 -6.16 -2.09 -15.09
C SER F 65 -7.01 -3.35 -15.00
N ARG F 66 -6.46 -4.41 -14.42
CA ARG F 66 -7.15 -5.69 -14.42
C ARG F 66 -8.39 -5.64 -13.54
N SER F 67 -8.31 -4.92 -12.43
CA SER F 67 -9.40 -4.86 -11.47
C SER F 67 -10.61 -4.10 -12.01
N LYS F 68 -10.37 -3.21 -12.96
CA LYS F 68 -11.46 -2.45 -13.57
C LYS F 68 -11.88 -3.01 -14.93
N GLY F 69 -11.20 -4.05 -15.41
CA GLY F 69 -11.46 -4.58 -16.73
C GLY F 69 -11.42 -3.44 -17.75
N TYR F 70 -10.29 -2.75 -17.76
CA TYR F 70 -10.15 -1.50 -18.48
C TYR F 70 -8.77 -1.36 -19.14
N SER F 71 -8.77 -0.97 -20.41
CA SER F 71 -7.52 -0.62 -21.08
C SER F 71 -7.68 0.68 -21.86
N TYR F 72 -6.61 1.44 -22.04
CA TYR F 72 -6.68 2.42 -23.10
C TYR F 72 -5.43 2.35 -23.96
N LEU F 73 -5.60 2.79 -25.19
CA LEU F 73 -4.51 3.01 -26.12
C LEU F 73 -4.35 4.52 -26.26
N LEU F 74 -3.14 5.00 -26.02
CA LEU F 74 -2.88 6.44 -25.98
C LEU F 74 -1.97 6.86 -27.13
N LEU F 75 -2.45 7.73 -27.99
CA LEU F 75 -1.64 8.18 -29.11
C LEU F 75 -1.22 9.62 -28.89
N LYS F 76 0.09 9.86 -28.85
CA LYS F 76 0.63 11.21 -28.64
C LYS F 76 1.09 11.84 -29.95
N GLU F 77 1.13 13.17 -30.00
CA GLU F 77 1.63 13.91 -31.15
C GLU F 77 0.99 13.39 -32.45
N LEU F 78 -0.34 13.41 -32.48
CA LEU F 78 -1.10 12.78 -33.56
C LEU F 78 -0.69 13.23 -34.95
N GLN F 79 -0.57 12.26 -35.85
CA GLN F 79 -0.27 12.51 -37.26
C GLN F 79 -1.43 12.05 -38.12
N MET F 80 -1.56 12.61 -39.32
CA MET F 80 -2.65 12.24 -40.21
C MET F 80 -2.65 10.74 -40.47
N LYS F 81 -1.47 10.12 -40.46
CA LYS F 81 -1.37 8.70 -40.80
C LYS F 81 -1.91 7.81 -39.67
N ASP F 82 -2.23 8.42 -38.53
CA ASP F 82 -2.82 7.67 -37.43
C ASP F 82 -4.31 7.42 -37.66
N SER F 83 -4.87 8.07 -38.68
CA SER F 83 -6.25 7.78 -39.08
C SER F 83 -6.40 6.31 -39.46
N ALA F 84 -7.23 5.60 -38.70
CA ALA F 84 -7.37 4.14 -38.85
C ALA F 84 -8.44 3.67 -37.88
N SER F 85 -8.72 2.38 -37.91
CA SER F 85 -9.50 1.76 -36.87
C SER F 85 -8.56 1.06 -35.91
N TYR F 86 -8.93 1.07 -34.64
CA TYR F 86 -8.13 0.47 -33.59
C TYR F 86 -9.00 -0.58 -32.92
N LEU F 87 -8.50 -1.82 -32.94
CA LEU F 87 -9.27 -2.96 -32.47
C LEU F 87 -8.74 -3.40 -31.10
N CYS F 88 -9.64 -3.49 -30.14
CA CYS F 88 -9.38 -4.03 -28.82
C CYS F 88 -9.84 -5.50 -28.76
N ALA F 89 -8.97 -6.40 -28.30
CA ALA F 89 -9.32 -7.82 -28.21
C ALA F 89 -8.83 -8.44 -26.90
N VAL F 90 -9.68 -9.23 -26.26
CA VAL F 90 -9.28 -9.87 -25.01
C VAL F 90 -9.28 -11.40 -25.12
N LYS F 91 -8.26 -12.05 -24.55
CA LYS F 91 -8.24 -13.52 -24.48
C LYS F 91 -8.91 -13.98 -23.20
N ASP F 92 -9.95 -14.79 -23.32
CA ASP F 92 -10.65 -15.23 -22.14
C ASP F 92 -9.96 -16.44 -21.47
N SER F 93 -10.64 -17.06 -20.50
CA SER F 93 -10.09 -18.23 -19.77
C SER F 93 -9.73 -19.41 -20.63
N ASN F 94 -10.39 -19.53 -21.77
CA ASN F 94 -10.12 -20.65 -22.66
C ASN F 94 -9.27 -20.23 -23.84
N TYR F 95 -8.59 -19.09 -23.64
CA TYR F 95 -7.62 -18.53 -24.59
C TYR F 95 -8.28 -18.19 -25.93
N GLN F 96 -9.58 -17.93 -25.90
CA GLN F 96 -10.29 -17.49 -27.09
C GLN F 96 -10.29 -15.96 -27.14
N LEU F 97 -10.11 -15.40 -28.33
CA LEU F 97 -10.15 -13.94 -28.48
C LEU F 97 -11.57 -13.43 -28.59
N ILE F 98 -11.93 -12.47 -27.75
CA ILE F 98 -13.18 -11.75 -27.88
C ILE F 98 -12.85 -10.37 -28.46
N TRP F 99 -13.41 -10.06 -29.63
CA TRP F 99 -13.02 -8.86 -30.36
C TRP F 99 -13.98 -7.70 -30.17
N GLY F 100 -13.44 -6.53 -29.86
CA GLY F 100 -14.25 -5.31 -29.87
C GLY F 100 -14.58 -4.93 -31.31
N ALA F 101 -15.57 -4.07 -31.49
CA ALA F 101 -16.07 -3.74 -32.83
C ALA F 101 -15.19 -2.68 -33.50
N GLY F 102 -14.21 -2.18 -32.76
CA GLY F 102 -13.27 -1.24 -33.35
C GLY F 102 -13.67 0.22 -33.13
N THR F 103 -12.65 1.06 -33.04
CA THR F 103 -12.82 2.53 -32.94
C THR F 103 -12.21 3.17 -34.16
N LYS F 104 -13.02 3.78 -35.01
CA LYS F 104 -12.49 4.53 -36.13
C LYS F 104 -11.90 5.85 -35.63
N LEU F 105 -10.61 6.08 -35.82
CA LEU F 105 -10.00 7.34 -35.38
C LEU F 105 -9.81 8.26 -36.56
N ILE F 106 -10.35 9.47 -36.41
CA ILE F 106 -10.29 10.49 -37.43
C ILE F 106 -9.43 11.65 -36.94
N ILE F 107 -8.48 12.09 -37.76
CA ILE F 107 -7.54 13.12 -37.37
C ILE F 107 -7.84 14.39 -38.14
N LYS F 108 -8.17 15.46 -37.43
CA LYS F 108 -8.43 16.75 -38.08
C LYS F 108 -7.11 17.49 -38.27
N PRO F 109 -6.79 17.84 -39.51
CA PRO F 109 -5.57 18.60 -39.78
C PRO F 109 -5.65 19.99 -39.18
N ASP F 110 -4.50 20.55 -38.81
CA ASP F 110 -4.47 21.90 -38.31
C ASP F 110 -4.32 22.88 -39.47
N ILE F 111 -5.42 23.52 -39.86
CA ILE F 111 -5.46 24.28 -41.10
C ILE F 111 -4.73 25.62 -40.99
N GLN F 112 -3.59 25.70 -41.68
CA GLN F 112 -2.79 26.90 -41.91
C GLN F 112 -3.52 28.21 -41.65
N ASN F 113 -4.10 28.77 -42.70
CA ASN F 113 -5.20 29.71 -42.57
C ASN F 113 -6.18 29.41 -43.69
N PRO F 114 -7.44 29.13 -43.32
CA PRO F 114 -8.47 28.72 -44.27
C PRO F 114 -8.64 29.68 -45.44
N ASP F 115 -8.99 29.14 -46.60
CA ASP F 115 -9.35 29.95 -47.77
C ASP F 115 -10.54 29.31 -48.48
N PRO F 116 -11.68 29.21 -47.78
CA PRO F 116 -12.82 28.42 -48.29
C PRO F 116 -13.31 28.89 -49.65
N ALA F 117 -13.44 27.96 -50.58
CA ALA F 117 -13.96 28.29 -51.91
C ALA F 117 -14.63 27.09 -52.57
N VAL F 118 -15.54 27.39 -53.49
CA VAL F 118 -16.16 26.37 -54.31
C VAL F 118 -15.80 26.64 -55.76
N TYR F 119 -15.05 25.73 -56.37
CA TYR F 119 -14.61 25.91 -57.75
C TYR F 119 -15.39 25.00 -58.68
N GLN F 120 -15.45 25.39 -59.95
CA GLN F 120 -16.05 24.53 -60.96
C GLN F 120 -14.98 23.99 -61.90
N LEU F 121 -14.90 22.66 -61.99
CA LEU F 121 -13.89 22.02 -62.82
C LEU F 121 -14.51 21.58 -64.15
N ARG F 122 -13.79 21.85 -65.25
CA ARG F 122 -14.30 21.50 -66.58
C ARG F 122 -13.91 20.07 -66.95
N ASP F 123 -14.88 19.36 -67.54
CA ASP F 123 -14.68 17.99 -67.98
C ASP F 123 -13.60 17.93 -69.07
N SER F 124 -12.79 16.87 -69.06
CA SER F 124 -11.71 16.68 -70.04
C SER F 124 -12.17 15.94 -71.30
N LYS F 125 -13.47 16.02 -71.61
CA LYS F 125 -14.00 15.42 -72.84
C LYS F 125 -15.42 15.90 -73.10
N SER F 130 -20.44 18.57 -65.26
CA SER F 130 -19.26 19.13 -64.62
C SER F 130 -19.19 18.81 -63.12
N VAL F 131 -18.15 19.29 -62.46
CA VAL F 131 -17.89 18.97 -61.05
C VAL F 131 -17.58 20.21 -60.19
N CYS F 132 -18.13 20.23 -58.98
CA CYS F 132 -17.86 21.31 -58.02
C CYS F 132 -16.96 20.83 -56.90
N LEU F 133 -15.88 21.56 -56.68
CA LEU F 133 -14.93 21.25 -55.62
C LEU F 133 -15.01 22.30 -54.52
N PHE F 134 -15.53 21.92 -53.37
CA PHE F 134 -15.51 22.76 -52.17
C PHE F 134 -14.20 22.48 -51.45
N THR F 135 -13.36 23.49 -51.29
CA THR F 135 -12.01 23.23 -50.77
C THR F 135 -11.47 24.30 -49.83
N ASP F 136 -10.39 23.95 -49.13
CA ASP F 136 -9.59 24.90 -48.34
C ASP F 136 -10.34 25.51 -47.16
N PHE F 137 -11.39 24.82 -46.71
CA PHE F 137 -12.14 25.27 -45.54
C PHE F 137 -11.56 24.68 -44.26
N ASP F 138 -11.87 25.32 -43.14
CA ASP F 138 -11.32 24.92 -41.84
C ASP F 138 -11.88 23.59 -41.39
N SER F 139 -11.07 22.84 -40.64
CA SER F 139 -11.41 21.46 -40.26
C SER F 139 -12.62 21.38 -39.35
N GLN F 140 -13.18 22.53 -38.99
CA GLN F 140 -14.35 22.54 -38.12
C GLN F 140 -15.63 22.60 -38.96
N THR F 141 -15.50 22.91 -40.25
CA THR F 141 -16.63 22.86 -41.15
C THR F 141 -16.95 21.39 -41.51
N ASN F 142 -18.23 21.04 -41.44
CA ASN F 142 -18.66 19.70 -41.79
C ASN F 142 -19.56 19.71 -43.03
N VAL F 143 -19.26 18.83 -43.98
CA VAL F 143 -20.03 18.71 -45.21
C VAL F 143 -21.17 17.73 -45.02
N SER F 144 -22.38 18.16 -45.33
CA SER F 144 -23.55 17.29 -45.19
C SER F 144 -23.92 16.69 -46.54
N GLN F 145 -24.64 15.56 -46.49
CA GLN F 145 -25.20 14.97 -47.69
C GLN F 145 -26.35 15.81 -48.18
N SER F 146 -26.78 15.60 -49.42
CA SER F 146 -27.88 16.39 -49.96
C SER F 146 -28.85 15.55 -50.77
N LYS F 147 -30.01 16.14 -51.07
CA LYS F 147 -31.10 15.42 -51.72
C LYS F 147 -31.32 15.87 -53.16
N ASP F 148 -31.32 14.92 -54.11
CA ASP F 148 -31.03 13.51 -53.85
C ASP F 148 -30.58 12.84 -55.15
N SER F 149 -31.56 12.58 -56.01
CA SER F 149 -31.31 11.95 -57.30
C SER F 149 -30.52 12.86 -58.22
N ASP F 150 -29.60 12.25 -58.97
CA ASP F 150 -28.76 12.96 -59.95
C ASP F 150 -27.82 14.00 -59.33
N VAL F 151 -27.76 14.08 -58.00
CA VAL F 151 -26.80 14.96 -57.33
C VAL F 151 -26.04 14.21 -56.23
N TYR F 152 -24.72 14.14 -56.35
CA TYR F 152 -23.91 13.36 -55.43
C TYR F 152 -22.87 14.23 -54.73
N ILE F 153 -22.79 14.10 -53.41
CA ILE F 153 -21.84 14.88 -52.62
C ILE F 153 -20.98 13.97 -51.76
N THR F 154 -19.68 13.99 -52.00
CA THR F 154 -18.76 13.16 -51.23
C THR F 154 -18.55 13.76 -49.86
N ASP F 155 -18.01 12.96 -48.94
CA ASP F 155 -17.69 13.49 -47.64
C ASP F 155 -16.37 14.25 -47.71
N LYS F 156 -16.07 14.99 -46.65
CA LYS F 156 -14.83 15.73 -46.54
C LYS F 156 -13.62 14.80 -46.69
N CYS F 157 -12.57 15.26 -47.38
CA CYS F 157 -11.37 14.47 -47.63
C CYS F 157 -10.14 15.36 -47.41
N VAL F 158 -9.16 14.87 -46.65
CA VAL F 158 -7.95 15.65 -46.38
C VAL F 158 -6.77 15.21 -47.23
N LEU F 159 -6.17 16.15 -47.94
CA LEU F 159 -4.99 15.82 -48.74
C LEU F 159 -3.79 16.56 -48.18
N ASP F 160 -2.61 15.99 -48.40
CA ASP F 160 -1.38 16.48 -47.79
C ASP F 160 -0.31 16.66 -48.86
N MET F 161 0.03 17.91 -49.17
CA MET F 161 1.10 18.18 -50.12
C MET F 161 2.43 18.23 -49.40
N ARG F 162 3.14 17.11 -49.39
CA ARG F 162 4.31 16.93 -48.53
C ARG F 162 5.60 17.55 -49.07
N SER F 163 5.61 18.03 -50.31
CA SER F 163 6.77 18.74 -50.86
C SER F 163 6.90 20.09 -50.17
N MET F 164 5.80 20.82 -50.19
CA MET F 164 5.55 21.92 -49.24
C MET F 164 5.06 21.27 -47.93
N ASP F 165 4.57 22.05 -46.98
CA ASP F 165 3.77 21.44 -45.92
C ASP F 165 2.43 22.13 -45.95
N PHE F 166 1.50 21.52 -46.67
CA PHE F 166 0.19 22.09 -46.83
C PHE F 166 -0.86 20.99 -46.82
N LYS F 167 -1.82 21.10 -45.90
CA LYS F 167 -2.94 20.18 -45.89
C LYS F 167 -4.20 20.95 -46.19
N SER F 168 -5.09 20.36 -46.98
CA SER F 168 -6.35 21.00 -47.26
C SER F 168 -7.50 20.01 -47.24
N ASN F 169 -8.66 20.49 -46.79
CA ASN F 169 -9.89 19.74 -46.87
C ASN F 169 -10.56 19.97 -48.22
N SER F 170 -11.32 18.97 -48.67
CA SER F 170 -12.24 19.21 -49.76
C SER F 170 -13.35 18.18 -49.78
N ALA F 171 -14.40 18.52 -50.50
CA ALA F 171 -15.47 17.60 -50.84
C ALA F 171 -15.89 17.88 -52.28
N VAL F 172 -16.35 16.84 -52.97
CA VAL F 172 -16.76 17.00 -54.36
C VAL F 172 -18.27 16.87 -54.45
N ALA F 173 -18.88 17.65 -55.34
CA ALA F 173 -20.27 17.48 -55.71
C ALA F 173 -20.39 17.47 -57.22
N TRP F 174 -21.35 16.71 -57.75
CA TRP F 174 -21.56 16.68 -59.20
C TRP F 174 -22.93 16.18 -59.56
N SER F 175 -23.29 16.33 -60.84
CA SER F 175 -24.66 16.06 -61.27
C SER F 175 -24.83 15.98 -62.78
N ASN F 176 -25.77 15.15 -63.23
CA ASN F 176 -26.15 15.11 -64.64
C ASN F 176 -27.31 16.08 -64.90
N LYS F 177 -28.07 16.40 -63.86
CA LYS F 177 -29.14 17.38 -63.94
C LYS F 177 -28.60 18.75 -64.29
N SER F 178 -29.40 19.56 -64.98
CA SER F 178 -28.95 20.87 -65.45
C SER F 178 -29.54 22.04 -64.65
N ASP F 179 -30.29 21.71 -63.61
CA ASP F 179 -30.73 22.72 -62.63
C ASP F 179 -29.69 22.81 -61.52
N PHE F 180 -28.47 22.37 -61.82
CA PHE F 180 -27.40 22.28 -60.84
C PHE F 180 -26.19 23.13 -61.22
N ALA F 181 -25.87 24.08 -60.35
CA ALA F 181 -24.66 24.88 -60.51
C ALA F 181 -23.87 24.86 -59.21
N CYS F 182 -22.61 25.25 -59.27
CA CYS F 182 -21.72 25.21 -58.11
C CYS F 182 -22.10 26.18 -56.99
N ALA F 183 -22.88 27.21 -57.32
CA ALA F 183 -23.34 28.14 -56.30
C ALA F 183 -24.37 27.47 -55.42
N ASN F 184 -24.95 26.40 -55.94
CA ASN F 184 -26.07 25.72 -55.30
C ASN F 184 -25.66 24.41 -54.64
N ALA F 185 -24.52 23.88 -55.08
CA ALA F 185 -24.06 22.53 -54.71
C ALA F 185 -24.14 22.20 -53.21
N PHE F 186 -23.51 23.02 -52.37
CA PHE F 186 -23.29 22.66 -50.98
C PHE F 186 -24.18 23.39 -49.96
N ASN F 187 -25.46 23.58 -50.25
CA ASN F 187 -26.32 24.43 -49.43
C ASN F 187 -26.80 23.81 -48.11
N ASN F 188 -27.06 22.50 -48.08
CA ASN F 188 -27.46 21.84 -46.81
C ASN F 188 -26.33 21.81 -45.79
N SER F 189 -25.13 22.19 -46.22
CA SER F 189 -24.05 22.25 -45.26
C SER F 189 -23.79 23.66 -44.77
N ILE F 190 -23.25 23.76 -43.56
CA ILE F 190 -22.93 25.05 -42.96
C ILE F 190 -21.54 25.47 -43.42
N ILE F 191 -21.50 26.29 -44.46
CA ILE F 191 -20.23 26.69 -45.05
C ILE F 191 -19.83 28.08 -44.57
N PRO F 192 -18.50 28.35 -44.52
CA PRO F 192 -17.98 29.63 -44.01
C PRO F 192 -18.59 30.86 -44.67
N GLU F 193 -18.80 31.92 -43.90
CA GLU F 193 -19.35 33.17 -44.41
C GLU F 193 -18.54 33.70 -45.57
N ASP F 194 -17.22 33.62 -45.45
CA ASP F 194 -16.32 34.19 -46.45
C ASP F 194 -15.95 33.21 -47.57
N THR F 195 -16.81 32.22 -47.82
CA THR F 195 -16.55 31.24 -48.87
C THR F 195 -16.58 31.86 -50.26
N PHE F 196 -15.45 31.76 -50.94
CA PHE F 196 -15.25 32.36 -52.25
C PHE F 196 -16.00 31.62 -53.36
N PHE F 197 -17.00 32.28 -53.94
CA PHE F 197 -17.72 31.74 -55.09
C PHE F 197 -17.35 32.52 -56.34
N PRO F 198 -16.31 32.05 -57.06
CA PRO F 198 -15.77 32.77 -58.23
C PRO F 198 -16.77 32.93 -59.37
N SER F 199 -16.99 34.18 -59.76
CA SER F 199 -17.80 34.51 -60.92
C SER F 199 -17.01 34.23 -62.20
N PRO F 200 -17.61 33.51 -63.15
CA PRO F 200 -17.02 33.48 -64.50
C PRO F 200 -17.83 34.29 -65.50
N ALA G 2 3.69 -10.09 -46.88
CA ALA G 2 4.19 -10.33 -45.54
C ALA G 2 4.29 -11.83 -45.24
N GLY G 3 4.01 -12.23 -44.01
CA GLY G 3 4.07 -13.62 -43.60
C GLY G 3 2.91 -14.48 -44.05
N VAL G 4 1.71 -13.89 -44.10
CA VAL G 4 0.49 -14.63 -44.43
C VAL G 4 -0.05 -14.24 -45.80
N THR G 5 -0.11 -15.22 -46.71
CA THR G 5 -0.57 -14.99 -48.08
C THR G 5 -1.93 -15.63 -48.34
N GLN G 6 -2.96 -14.81 -48.49
CA GLN G 6 -4.28 -15.36 -48.83
C GLN G 6 -4.74 -14.86 -50.18
N THR G 7 -5.48 -15.72 -50.86
CA THR G 7 -6.05 -15.39 -52.16
C THR G 7 -7.48 -15.93 -52.24
N PRO G 8 -8.36 -15.28 -53.02
CA PRO G 8 -8.12 -14.08 -53.83
C PRO G 8 -8.42 -12.79 -53.07
N LYS G 9 -7.90 -11.68 -53.56
CA LYS G 9 -8.20 -10.36 -53.03
C LYS G 9 -9.67 -9.98 -53.16
N PHE G 10 -10.25 -10.31 -54.33
CA PHE G 10 -11.63 -9.98 -54.64
C PHE G 10 -12.29 -11.13 -55.35
N GLN G 11 -13.59 -11.27 -55.15
CA GLN G 11 -14.32 -12.33 -55.82
C GLN G 11 -15.80 -12.03 -55.88
N VAL G 12 -16.36 -12.11 -57.09
CA VAL G 12 -17.79 -12.08 -57.28
C VAL G 12 -18.31 -13.51 -57.43
N LEU G 13 -19.35 -13.86 -56.69
CA LEU G 13 -19.98 -15.18 -56.77
C LEU G 13 -21.48 -15.08 -56.93
N LYS G 14 -22.05 -15.99 -57.70
CA LYS G 14 -23.49 -16.12 -57.79
C LYS G 14 -23.96 -17.03 -56.67
N THR G 15 -25.14 -16.75 -56.12
CA THR G 15 -25.74 -17.62 -55.13
C THR G 15 -25.67 -19.09 -55.57
N GLY G 16 -25.21 -19.96 -54.67
CA GLY G 16 -25.15 -21.39 -54.96
C GLY G 16 -23.81 -21.86 -55.50
N GLN G 17 -22.97 -20.91 -55.91
CA GLN G 17 -21.63 -21.25 -56.38
C GLN G 17 -20.76 -21.68 -55.20
N SER G 18 -19.79 -22.55 -55.46
CA SER G 18 -18.83 -22.92 -54.44
C SER G 18 -17.53 -22.15 -54.67
N MET G 19 -16.75 -22.02 -53.61
CA MET G 19 -15.60 -21.14 -53.60
C MET G 19 -14.61 -21.64 -52.55
N THR G 20 -13.32 -21.67 -52.89
CA THR G 20 -12.30 -21.93 -51.87
C THR G 20 -11.34 -20.76 -51.78
N LEU G 21 -11.11 -20.29 -50.55
CA LEU G 21 -10.12 -19.25 -50.31
C LEU G 21 -8.84 -19.95 -49.85
N GLN G 22 -7.70 -19.49 -50.33
CA GLN G 22 -6.45 -20.12 -49.92
C GLN G 22 -5.68 -19.23 -48.96
N CYS G 23 -4.87 -19.86 -48.12
CA CYS G 23 -4.03 -19.13 -47.16
C CYS G 23 -2.83 -19.97 -46.84
N ALA G 24 -1.65 -19.38 -46.98
CA ALA G 24 -0.42 -20.03 -46.61
C ALA G 24 0.41 -19.09 -45.77
N GLN G 25 1.14 -19.64 -44.82
CA GLN G 25 2.14 -18.88 -44.08
C GLN G 25 3.43 -19.66 -44.03
N ASP G 26 4.54 -18.97 -44.17
CA ASP G 26 5.84 -19.63 -44.06
C ASP G 26 6.60 -19.18 -42.80
N MET G 27 5.88 -18.82 -41.74
CA MET G 27 6.52 -18.42 -40.49
C MET G 27 6.67 -19.58 -39.48
N ASN G 28 6.43 -20.80 -39.93
CA ASN G 28 6.47 -22.01 -39.08
C ASN G 28 5.47 -21.92 -37.94
N HIS G 29 4.37 -21.20 -38.17
CA HIS G 29 3.31 -21.13 -37.18
C HIS G 29 2.50 -22.41 -37.12
N ASN G 30 2.02 -22.74 -35.93
CA ASN G 30 1.24 -23.94 -35.75
C ASN G 30 -0.25 -23.69 -35.88
N SER G 31 -0.68 -22.47 -35.58
CA SER G 31 -2.09 -22.17 -35.48
C SER G 31 -2.55 -21.28 -36.60
N MET G 32 -3.66 -21.63 -37.23
CA MET G 32 -4.20 -20.78 -38.28
C MET G 32 -5.70 -20.59 -38.07
N TYR G 33 -6.22 -19.49 -38.62
CA TYR G 33 -7.55 -18.96 -38.30
C TYR G 33 -8.24 -18.39 -39.53
N TRP G 34 -9.56 -18.55 -39.64
CA TRP G 34 -10.33 -17.83 -40.65
C TRP G 34 -11.40 -16.99 -39.99
N TYR G 35 -11.36 -15.69 -40.29
CA TYR G 35 -12.28 -14.72 -39.71
C TYR G 35 -13.09 -14.07 -40.81
N ARG G 36 -14.30 -13.62 -40.49
CA ARG G 36 -14.97 -12.69 -41.37
C ARG G 36 -15.13 -11.38 -40.62
N GLN G 37 -15.05 -10.26 -41.34
CA GLN G 37 -15.20 -8.94 -40.74
C GLN G 37 -16.37 -8.22 -41.41
N ASP G 38 -17.35 -7.77 -40.63
CA ASP G 38 -18.52 -7.10 -41.17
C ASP G 38 -18.71 -5.78 -40.46
N PRO G 39 -19.36 -4.82 -41.12
CA PRO G 39 -19.59 -3.51 -40.49
C PRO G 39 -20.30 -3.61 -39.14
N GLY G 40 -19.74 -2.90 -38.17
CA GLY G 40 -20.39 -2.67 -36.89
C GLY G 40 -20.20 -3.73 -35.82
N MET G 41 -19.35 -4.71 -36.09
CA MET G 41 -19.14 -5.79 -35.13
C MET G 41 -17.70 -6.25 -35.16
N GLY G 42 -17.25 -6.86 -34.07
CA GLY G 42 -15.90 -7.34 -34.00
C GLY G 42 -15.76 -8.56 -34.89
N LEU G 43 -14.51 -8.85 -35.26
CA LEU G 43 -14.15 -10.05 -36.02
C LEU G 43 -14.83 -11.27 -35.48
N ARG G 44 -15.33 -12.12 -36.38
CA ARG G 44 -15.89 -13.39 -35.95
C ARG G 44 -15.16 -14.58 -36.55
N LEU G 45 -14.80 -15.51 -35.67
CA LEU G 45 -14.01 -16.68 -36.04
C LEU G 45 -14.90 -17.70 -36.73
N ILE G 46 -14.50 -18.13 -37.91
CA ILE G 46 -15.30 -19.10 -38.65
C ILE G 46 -14.89 -20.52 -38.31
N TYR G 47 -13.60 -20.83 -38.56
CA TYR G 47 -12.96 -22.08 -38.15
C TYR G 47 -11.53 -21.78 -37.73
N TYR G 48 -10.90 -22.70 -37.01
CA TYR G 48 -9.49 -22.54 -36.71
C TYR G 48 -8.80 -23.87 -36.68
N SER G 49 -7.48 -23.81 -36.62
CA SER G 49 -6.66 -25.00 -36.62
C SER G 49 -5.56 -24.76 -35.59
N ALA G 50 -5.72 -25.34 -34.41
CA ALA G 50 -4.77 -25.08 -33.32
C ALA G 50 -3.37 -25.62 -33.63
N SER G 51 -3.30 -26.67 -34.44
CA SER G 51 -2.02 -27.15 -34.96
C SER G 51 -2.29 -28.04 -36.16
N GLU G 52 -1.24 -28.39 -36.87
CA GLU G 52 -1.35 -29.30 -38.02
C GLU G 52 -2.08 -30.57 -37.60
N GLY G 53 -3.06 -30.97 -38.39
CA GLY G 53 -3.76 -32.22 -38.11
C GLY G 53 -4.97 -32.10 -37.20
N THR G 54 -5.40 -30.87 -36.91
CA THR G 54 -6.67 -30.68 -36.21
C THR G 54 -7.30 -29.35 -36.60
N THR G 55 -8.63 -29.35 -36.65
CA THR G 55 -9.35 -28.12 -36.91
C THR G 55 -10.59 -28.16 -36.04
N ASP G 56 -11.23 -27.01 -35.86
CA ASP G 56 -12.52 -27.01 -35.15
C ASP G 56 -13.30 -25.76 -35.48
N LYS G 57 -14.60 -25.79 -35.21
CA LYS G 57 -15.48 -24.67 -35.53
C LYS G 57 -15.17 -23.49 -34.62
N GLY G 58 -15.39 -22.28 -35.15
CA GLY G 58 -15.35 -21.06 -34.40
C GLY G 58 -16.77 -20.67 -34.05
N GLU G 59 -17.04 -19.36 -34.09
CA GLU G 59 -18.33 -18.82 -33.71
C GLU G 59 -19.37 -18.92 -34.83
N VAL G 60 -18.93 -18.83 -36.09
CA VAL G 60 -19.89 -18.83 -37.21
C VAL G 60 -19.54 -19.87 -38.31
N PRO G 61 -19.45 -21.15 -37.95
CA PRO G 61 -19.06 -22.19 -38.91
C PRO G 61 -20.07 -22.51 -40.03
N ASN G 62 -21.34 -22.23 -39.82
CA ASN G 62 -22.37 -22.73 -40.75
C ASN G 62 -22.24 -22.09 -42.12
N GLY G 63 -22.13 -22.91 -43.14
CA GLY G 63 -22.01 -22.43 -44.51
C GLY G 63 -20.58 -22.52 -44.97
N TYR G 64 -19.70 -22.91 -44.06
CA TYR G 64 -18.29 -23.04 -44.38
C TYR G 64 -17.73 -24.39 -43.97
N ASN G 65 -16.54 -24.69 -44.46
CA ASN G 65 -15.73 -25.75 -43.90
C ASN G 65 -14.28 -25.43 -44.25
N VAL G 66 -13.34 -26.17 -43.66
CA VAL G 66 -11.93 -25.88 -43.83
C VAL G 66 -11.11 -27.13 -44.00
N SER G 67 -9.91 -26.96 -44.55
CA SER G 67 -8.93 -28.03 -44.57
C SER G 67 -7.59 -27.45 -44.18
N ARG G 68 -7.01 -28.01 -43.12
CA ARG G 68 -5.61 -27.75 -42.78
C ARG G 68 -4.80 -28.73 -43.61
N LEU G 69 -4.27 -28.24 -44.73
CA LEU G 69 -3.73 -29.14 -45.74
C LEU G 69 -2.36 -29.68 -45.32
N ASN G 70 -1.68 -28.91 -44.50
CA ASN G 70 -0.33 -29.21 -44.05
C ASN G 70 -0.01 -28.10 -43.06
N LYS G 71 1.23 -28.01 -42.59
CA LYS G 71 1.57 -27.00 -41.58
C LYS G 71 1.34 -25.57 -42.10
N ARG G 72 1.60 -25.38 -43.38
CA ARG G 72 1.56 -24.06 -43.99
C ARG G 72 0.18 -23.58 -44.43
N GLU G 73 -0.71 -24.50 -44.76
CA GLU G 73 -1.89 -24.11 -45.54
C GLU G 73 -3.23 -24.41 -44.90
N PHE G 74 -4.15 -23.46 -44.99
CA PHE G 74 -5.44 -23.57 -44.35
C PHE G 74 -6.50 -22.96 -45.25
N SER G 75 -7.19 -23.79 -46.00
CA SER G 75 -8.16 -23.25 -46.95
C SER G 75 -9.56 -23.26 -46.36
N LEU G 76 -10.34 -22.31 -46.84
CA LEU G 76 -11.69 -22.06 -46.40
C LEU G 76 -12.60 -22.27 -47.59
N ARG G 77 -13.62 -23.09 -47.41
CA ARG G 77 -14.54 -23.39 -48.49
C ARG G 77 -15.93 -22.87 -48.19
N LEU G 78 -16.55 -22.28 -49.20
CA LEU G 78 -17.96 -21.95 -49.15
C LEU G 78 -18.65 -23.00 -50.02
N GLU G 79 -19.54 -23.77 -49.39
CA GLU G 79 -20.20 -24.90 -50.00
C GLU G 79 -21.15 -24.43 -51.09
N SER G 80 -22.06 -23.56 -50.66
CA SER G 80 -23.08 -23.01 -51.54
C SER G 80 -23.25 -21.56 -51.14
N ALA G 81 -22.58 -20.66 -51.85
CA ALA G 81 -22.53 -19.26 -51.46
C ALA G 81 -23.92 -18.66 -51.30
N ALA G 82 -24.12 -17.96 -50.18
CA ALA G 82 -25.37 -17.25 -49.95
C ALA G 82 -25.06 -15.76 -49.74
N PRO G 83 -26.03 -14.88 -50.04
CA PRO G 83 -25.75 -13.44 -49.91
C PRO G 83 -25.27 -13.04 -48.51
N SER G 84 -25.64 -13.80 -47.49
CA SER G 84 -25.23 -13.49 -46.11
C SER G 84 -23.72 -13.63 -45.92
N GLN G 85 -23.08 -14.33 -46.86
CA GLN G 85 -21.64 -14.58 -46.81
C GLN G 85 -20.83 -13.49 -47.52
N THR G 86 -21.53 -12.51 -48.10
CA THR G 86 -20.90 -11.26 -48.50
C THR G 86 -20.16 -10.65 -47.29
N SER G 87 -18.84 -10.57 -47.39
CA SER G 87 -18.04 -10.16 -46.23
C SER G 87 -16.58 -9.91 -46.65
N VAL G 88 -15.76 -9.50 -45.69
CA VAL G 88 -14.34 -9.47 -45.90
C VAL G 88 -13.73 -10.58 -45.02
N TYR G 89 -13.01 -11.50 -45.64
CA TYR G 89 -12.48 -12.66 -44.95
C TYR G 89 -11.01 -12.45 -44.65
N PHE G 90 -10.59 -12.71 -43.40
CA PHE G 90 -9.16 -12.71 -43.06
C PHE G 90 -8.64 -14.04 -42.54
N CYS G 91 -7.56 -14.50 -43.16
CA CYS G 91 -6.78 -15.62 -42.64
C CYS G 91 -5.76 -15.06 -41.68
N ALA G 92 -5.52 -15.74 -40.56
CA ALA G 92 -4.44 -15.31 -39.68
C ALA G 92 -3.69 -16.52 -39.15
N SER G 93 -2.53 -16.28 -38.55
CA SER G 93 -1.80 -17.35 -37.91
C SER G 93 -1.14 -16.84 -36.64
N SER G 94 -0.79 -17.77 -35.76
CA SER G 94 -0.03 -17.46 -34.56
C SER G 94 0.86 -18.66 -34.27
N VAL G 95 1.94 -18.46 -33.52
CA VAL G 95 2.91 -19.52 -33.30
C VAL G 95 2.21 -20.73 -32.70
N TRP G 96 1.42 -20.47 -31.66
CA TRP G 96 0.67 -21.48 -30.95
C TRP G 96 -0.71 -20.97 -30.57
N THR G 97 -1.54 -21.86 -30.05
CA THR G 97 -2.81 -21.46 -29.44
C THR G 97 -2.74 -21.77 -27.95
N GLY G 98 -3.21 -20.87 -27.11
CA GLY G 98 -3.09 -21.11 -25.68
C GLY G 98 -1.69 -20.82 -25.16
N GLU G 99 -0.97 -19.98 -25.90
CA GLU G 99 0.11 -19.17 -25.34
C GLU G 99 -0.50 -17.76 -25.29
N GLY G 100 -0.30 -17.06 -24.19
CA GLY G 100 -1.16 -15.94 -23.92
C GLY G 100 -0.79 -14.66 -24.62
N SER G 101 0.50 -14.48 -24.88
CA SER G 101 0.95 -13.20 -25.38
C SER G 101 1.17 -13.22 -26.88
N GLY G 102 1.16 -14.40 -27.49
CA GLY G 102 1.42 -14.45 -28.93
C GLY G 102 0.33 -13.77 -29.75
N GLU G 103 0.72 -12.90 -30.67
CA GLU G 103 -0.26 -12.14 -31.42
C GLU G 103 -0.66 -12.88 -32.70
N LEU G 104 -1.70 -12.39 -33.34
CA LEU G 104 -2.11 -12.89 -34.65
C LEU G 104 -1.39 -12.12 -35.75
N PHE G 105 -1.06 -12.83 -36.82
CA PHE G 105 -0.53 -12.24 -38.04
C PHE G 105 -1.56 -12.42 -39.13
N PHE G 106 -2.00 -11.32 -39.74
CA PHE G 106 -3.16 -11.36 -40.63
C PHE G 106 -2.77 -11.36 -42.10
N GLY G 107 -3.50 -12.14 -42.91
CA GLY G 107 -3.39 -12.05 -44.35
C GLY G 107 -3.99 -10.72 -44.82
N GLU G 108 -3.87 -10.43 -46.12
CA GLU G 108 -4.29 -9.11 -46.62
C GLU G 108 -5.80 -8.99 -46.77
N GLY G 109 -6.52 -10.10 -46.64
CA GLY G 109 -7.97 -10.05 -46.69
C GLY G 109 -8.53 -10.40 -48.06
N SER G 110 -9.74 -10.94 -48.07
CA SER G 110 -10.44 -11.35 -49.30
C SER G 110 -11.82 -10.75 -49.32
N ARG G 111 -12.11 -9.89 -50.29
CA ARG G 111 -13.47 -9.35 -50.36
C ARG G 111 -14.36 -10.23 -51.22
N LEU G 112 -15.40 -10.77 -50.61
CA LEU G 112 -16.35 -11.60 -51.34
C LEU G 112 -17.72 -10.92 -51.42
N THR G 113 -18.27 -10.85 -52.63
CA THR G 113 -19.64 -10.39 -52.78
C THR G 113 -20.46 -11.47 -53.46
N VAL G 114 -21.51 -11.92 -52.78
CA VAL G 114 -22.39 -12.96 -53.32
C VAL G 114 -23.69 -12.34 -53.83
N LEU G 115 -23.94 -12.52 -55.14
CA LEU G 115 -25.06 -11.90 -55.84
C LEU G 115 -26.06 -12.94 -56.38
N GLU G 116 -27.35 -12.61 -56.31
CA GLU G 116 -28.38 -13.51 -56.84
C GLU G 116 -28.11 -13.84 -58.31
N ASP G 117 -27.68 -12.85 -59.07
CA ASP G 117 -27.20 -13.05 -60.43
C ASP G 117 -26.15 -11.98 -60.77
N LEU G 118 -25.51 -12.09 -61.93
CA LEU G 118 -24.40 -11.20 -62.28
C LEU G 118 -24.82 -10.07 -63.21
N LYS G 119 -26.12 -9.88 -63.39
CA LYS G 119 -26.60 -8.99 -64.45
C LYS G 119 -26.50 -7.51 -64.11
N ASN G 120 -26.24 -7.19 -62.85
CA ASN G 120 -26.06 -5.78 -62.48
C ASN G 120 -24.57 -5.42 -62.33
N VAL G 121 -23.69 -6.36 -62.68
CA VAL G 121 -22.25 -6.12 -62.54
C VAL G 121 -21.76 -5.21 -63.67
N PHE G 122 -21.14 -4.10 -63.30
CA PHE G 122 -20.68 -3.07 -64.25
C PHE G 122 -19.32 -2.52 -63.83
N PRO G 123 -18.40 -2.36 -64.80
CA PRO G 123 -17.13 -1.69 -64.51
C PRO G 123 -17.38 -0.20 -64.30
N PRO G 124 -16.41 0.53 -63.75
CA PRO G 124 -16.63 1.98 -63.65
C PRO G 124 -16.39 2.69 -64.97
N GLU G 125 -17.06 3.83 -65.13
CA GLU G 125 -16.63 4.87 -66.06
C GLU G 125 -15.72 5.81 -65.29
N VAL G 126 -14.64 6.25 -65.92
CA VAL G 126 -13.65 7.07 -65.25
C VAL G 126 -13.40 8.36 -66.02
N ALA G 127 -13.43 9.49 -65.32
CA ALA G 127 -13.17 10.79 -65.92
C ALA G 127 -12.31 11.68 -65.01
N VAL G 128 -11.39 12.42 -65.63
CA VAL G 128 -10.60 13.43 -64.93
C VAL G 128 -11.15 14.80 -65.25
N PHE G 129 -11.18 15.67 -64.24
CA PHE G 129 -11.72 17.02 -64.40
C PHE G 129 -10.62 18.03 -64.15
N GLU G 130 -10.48 18.95 -65.08
CA GLU G 130 -9.38 19.91 -65.08
C GLU G 130 -9.52 20.96 -63.99
N PRO G 131 -8.39 21.32 -63.38
CA PRO G 131 -8.33 22.37 -62.35
C PRO G 131 -9.03 23.65 -62.81
N SER G 132 -9.74 24.28 -61.88
CA SER G 132 -10.40 25.55 -62.13
C SER G 132 -9.39 26.69 -62.32
N GLU G 133 -9.66 27.57 -63.28
CA GLU G 133 -8.82 28.74 -63.51
C GLU G 133 -8.83 29.61 -62.26
N ALA G 134 -10.01 29.73 -61.66
CA ALA G 134 -10.17 30.52 -60.44
C ALA G 134 -9.28 30.00 -59.31
N GLU G 135 -9.19 28.68 -59.15
CA GLU G 135 -8.36 28.10 -58.09
C GLU G 135 -6.90 28.45 -58.28
N ILE G 136 -6.44 28.34 -59.52
CA ILE G 136 -5.05 28.60 -59.85
C ILE G 136 -4.65 30.04 -59.54
N SER G 137 -5.48 30.99 -59.94
CA SER G 137 -5.14 32.39 -59.74
C SER G 137 -5.39 32.86 -58.30
N HIS G 138 -6.16 32.09 -57.55
CA HIS G 138 -6.57 32.48 -56.20
C HIS G 138 -5.70 31.83 -55.12
N THR G 139 -5.14 30.67 -55.41
CA THR G 139 -4.42 29.89 -54.42
C THR G 139 -3.02 29.48 -54.88
N GLN G 140 -2.77 29.64 -56.17
CA GLN G 140 -1.53 29.20 -56.80
C GLN G 140 -1.33 27.69 -56.68
N LYS G 141 -2.44 26.97 -56.56
CA LYS G 141 -2.41 25.50 -56.60
C LYS G 141 -3.48 25.00 -57.57
N ALA G 142 -3.46 23.70 -57.85
CA ALA G 142 -4.41 23.16 -58.82
C ALA G 142 -4.86 21.76 -58.42
N THR G 143 -6.17 21.60 -58.30
CA THR G 143 -6.75 20.32 -57.88
C THR G 143 -7.38 19.62 -59.06
N LEU G 144 -6.89 18.42 -59.37
CA LEU G 144 -7.53 17.54 -60.32
C LEU G 144 -8.53 16.66 -59.60
N VAL G 145 -9.68 16.42 -60.21
CA VAL G 145 -10.63 15.47 -59.64
C VAL G 145 -10.86 14.30 -60.58
N CYS G 146 -10.80 13.09 -60.03
CA CYS G 146 -11.17 11.88 -60.77
C CYS G 146 -12.49 11.33 -60.27
N LEU G 147 -13.37 10.94 -61.19
CA LEU G 147 -14.63 10.30 -60.82
C LEU G 147 -14.77 8.92 -61.45
N ALA G 148 -14.99 7.93 -60.61
CA ALA G 148 -15.34 6.59 -61.07
C ALA G 148 -16.81 6.39 -60.74
N THR G 149 -17.61 6.13 -61.77
CA THR G 149 -19.06 6.12 -61.61
C THR G 149 -19.70 4.88 -62.20
N GLY G 150 -20.89 4.54 -61.68
CA GLY G 150 -21.70 3.47 -62.22
C GLY G 150 -21.18 2.05 -62.07
N PHE G 151 -20.23 1.82 -61.17
CA PHE G 151 -19.69 0.46 -61.03
C PHE G 151 -20.40 -0.37 -59.96
N TYR G 152 -20.26 -1.70 -60.08
CA TYR G 152 -20.95 -2.65 -59.21
C TYR G 152 -20.37 -4.03 -59.47
N PRO G 153 -20.01 -4.75 -58.39
CA PRO G 153 -20.13 -4.33 -57.00
C PRO G 153 -19.04 -3.36 -56.60
N ASP G 154 -19.00 -3.03 -55.31
CA ASP G 154 -18.01 -2.10 -54.81
C ASP G 154 -16.63 -2.77 -54.72
N HIS G 155 -16.05 -3.10 -55.86
CA HIS G 155 -14.72 -3.72 -55.91
C HIS G 155 -13.77 -2.88 -56.73
N VAL G 156 -13.37 -1.72 -56.24
CA VAL G 156 -12.43 -0.91 -56.99
C VAL G 156 -11.26 -0.46 -56.14
N GLU G 157 -10.16 -0.17 -56.81
CA GLU G 157 -9.02 0.49 -56.18
C GLU G 157 -8.60 1.60 -57.12
N LEU G 158 -8.60 2.84 -56.63
CA LEU G 158 -8.22 3.98 -57.45
C LEU G 158 -6.82 4.43 -57.06
N SER G 159 -6.08 4.89 -58.07
CA SER G 159 -4.72 5.35 -57.88
C SER G 159 -4.43 6.45 -58.89
N TRP G 160 -3.54 7.37 -58.52
CA TRP G 160 -3.14 8.47 -59.40
C TRP G 160 -1.76 8.21 -59.99
N TRP G 161 -1.60 8.50 -61.28
CA TRP G 161 -0.31 8.40 -61.94
C TRP G 161 -0.05 9.63 -62.79
N VAL G 162 1.03 10.35 -62.50
CA VAL G 162 1.42 11.51 -63.31
C VAL G 162 2.81 11.32 -63.91
N ASN G 163 2.89 11.46 -65.23
CA ASN G 163 4.13 11.36 -66.00
C ASN G 163 4.92 10.05 -65.83
N GLY G 164 4.37 9.10 -65.10
CA GLY G 164 5.06 7.83 -64.94
C GLY G 164 4.64 7.00 -63.75
N LYS G 165 4.75 7.54 -62.54
CA LYS G 165 4.52 6.68 -61.39
C LYS G 165 3.58 7.28 -60.34
N GLU G 166 3.00 6.35 -59.58
CA GLU G 166 1.95 6.56 -58.59
C GLU G 166 2.34 7.46 -57.41
N VAL G 167 1.63 8.57 -57.29
CA VAL G 167 1.84 9.52 -56.19
C VAL G 167 0.84 9.25 -55.07
N HIS G 168 1.20 9.59 -53.84
CA HIS G 168 0.26 9.45 -52.73
C HIS G 168 0.10 10.76 -52.00
N SER G 169 1.13 11.61 -52.07
CA SER G 169 1.08 12.93 -51.47
C SER G 169 0.27 13.84 -52.37
N GLY G 170 -0.59 14.67 -51.76
CA GLY G 170 -1.47 15.55 -52.51
C GLY G 170 -2.70 14.84 -53.02
N VAL G 171 -2.87 13.59 -52.60
CA VAL G 171 -4.01 12.77 -53.04
C VAL G 171 -4.97 12.54 -51.88
N CYS G 172 -6.26 12.57 -52.17
CA CYS G 172 -7.23 12.07 -51.21
C CYS G 172 -8.41 11.43 -51.93
N THR G 173 -8.61 10.13 -51.67
CA THR G 173 -9.67 9.35 -52.28
C THR G 173 -10.73 9.05 -51.23
N ASP G 174 -12.00 9.14 -51.60
CA ASP G 174 -13.08 8.80 -50.66
C ASP G 174 -12.84 7.41 -50.07
N PRO G 175 -12.94 7.29 -48.73
CA PRO G 175 -12.74 5.97 -48.11
C PRO G 175 -13.78 4.96 -48.57
N GLN G 176 -15.03 5.38 -48.68
CA GLN G 176 -16.06 4.52 -49.25
C GLN G 176 -16.80 5.19 -50.42
N PRO G 177 -17.30 4.37 -51.36
CA PRO G 177 -18.04 4.97 -52.47
C PRO G 177 -19.39 5.49 -51.99
N LEU G 178 -20.08 6.25 -52.82
CA LEU G 178 -21.45 6.59 -52.49
C LEU G 178 -22.38 5.80 -53.40
N LYS G 179 -23.65 5.74 -53.01
CA LYS G 179 -24.65 4.98 -53.76
C LYS G 179 -25.37 5.90 -54.74
N GLU G 180 -25.27 5.60 -56.02
CA GLU G 180 -25.85 6.47 -57.03
C GLU G 180 -27.38 6.38 -57.01
N GLN G 181 -27.91 5.26 -56.55
CA GLN G 181 -29.35 5.09 -56.36
C GLN G 181 -29.60 4.57 -54.95
N PRO G 182 -29.53 5.47 -53.95
CA PRO G 182 -29.45 5.02 -52.56
C PRO G 182 -30.68 4.25 -52.05
N ALA G 183 -31.80 4.36 -52.74
CA ALA G 183 -33.00 3.61 -52.35
C ALA G 183 -33.04 2.18 -52.92
N LEU G 184 -32.16 1.89 -53.88
CA LEU G 184 -32.12 0.57 -54.52
C LEU G 184 -31.21 -0.39 -53.78
N ASN G 185 -31.69 -1.60 -53.55
CA ASN G 185 -30.88 -2.59 -52.84
C ASN G 185 -29.62 -2.95 -53.64
N ASP G 186 -29.68 -2.81 -54.95
CA ASP G 186 -28.53 -3.06 -55.80
C ASP G 186 -27.96 -1.78 -56.43
N SER G 187 -28.00 -0.67 -55.69
CA SER G 187 -27.45 0.58 -56.21
C SER G 187 -26.04 0.42 -56.75
N ARG G 188 -25.76 1.02 -57.91
CA ARG G 188 -24.38 1.10 -58.38
C ARG G 188 -23.65 2.20 -57.61
N TYR G 189 -22.33 2.27 -57.77
CA TYR G 189 -21.49 3.10 -56.90
C TYR G 189 -20.72 4.17 -57.65
N ALA G 190 -20.37 5.24 -56.95
CA ALA G 190 -19.49 6.30 -57.45
C ALA G 190 -18.37 6.55 -56.45
N LEU G 191 -17.18 6.85 -56.95
CA LEU G 191 -16.04 7.16 -56.10
C LEU G 191 -15.30 8.37 -56.64
N SER G 192 -14.97 9.31 -55.78
CA SER G 192 -14.21 10.49 -56.20
C SER G 192 -12.83 10.48 -55.57
N SER G 193 -11.86 11.04 -56.28
CA SER G 193 -10.56 11.32 -55.70
C SER G 193 -10.01 12.64 -56.22
N ARG G 194 -9.12 13.24 -55.43
CA ARG G 194 -8.55 14.55 -55.72
C ARG G 194 -7.03 14.46 -55.76
N LEU G 195 -6.42 15.18 -56.69
CA LEU G 195 -4.97 15.31 -56.75
C LEU G 195 -4.58 16.78 -56.83
N ARG G 196 -3.97 17.30 -55.77
CA ARG G 196 -3.59 18.70 -55.79
C ARG G 196 -2.10 18.87 -56.05
N VAL G 197 -1.78 19.69 -57.05
CA VAL G 197 -0.39 20.05 -57.33
C VAL G 197 -0.26 21.56 -57.40
N SER G 198 0.97 22.05 -57.45
CA SER G 198 1.24 23.49 -57.57
C SER G 198 0.74 24.01 -58.92
N ALA G 199 0.47 25.31 -58.98
CA ALA G 199 -0.07 25.93 -60.19
C ALA G 199 0.85 25.77 -61.39
N THR G 200 2.12 26.09 -61.21
CA THR G 200 3.08 26.09 -62.30
C THR G 200 3.31 24.67 -62.86
N PHE G 201 3.14 23.67 -62.02
CA PHE G 201 3.33 22.28 -62.45
C PHE G 201 2.20 21.81 -63.36
N TRP G 202 1.00 22.31 -63.11
CA TRP G 202 -0.14 22.04 -63.99
C TRP G 202 -0.02 22.78 -65.31
N GLN G 203 0.78 23.84 -65.33
CA GLN G 203 0.86 24.70 -66.50
C GLN G 203 2.03 24.39 -67.45
N ASN G 204 2.59 23.18 -67.37
CA ASN G 204 3.78 22.85 -68.18
C ASN G 204 3.44 22.42 -69.61
N PHE G 209 -0.89 13.37 -66.36
CA PHE G 209 -1.82 13.02 -65.27
C PHE G 209 -2.83 11.98 -65.72
N ARG G 210 -2.84 10.84 -65.02
CA ARG G 210 -3.77 9.77 -65.31
C ARG G 210 -4.39 9.21 -64.03
N CYS G 211 -5.72 9.21 -63.97
CA CYS G 211 -6.44 8.51 -62.92
C CYS G 211 -6.71 7.06 -63.32
N GLN G 212 -6.20 6.10 -62.55
CA GLN G 212 -6.37 4.70 -62.87
C GLN G 212 -7.30 4.01 -61.86
N VAL G 213 -8.27 3.25 -62.37
CA VAL G 213 -9.17 2.49 -61.50
C VAL G 213 -9.18 1.01 -61.83
N GLN G 214 -8.67 0.20 -60.90
CA GLN G 214 -8.73 -1.24 -61.03
C GLN G 214 -10.10 -1.72 -60.58
N PHE G 215 -10.79 -2.45 -61.45
CA PHE G 215 -12.10 -2.99 -61.12
C PHE G 215 -11.99 -4.51 -61.01
N TYR G 216 -12.65 -5.08 -60.01
CA TYR G 216 -12.66 -6.52 -59.84
C TYR G 216 -14.06 -7.03 -60.07
N GLY G 217 -14.26 -7.69 -61.21
CA GLY G 217 -15.58 -8.13 -61.62
C GLY G 217 -15.56 -9.61 -61.90
N LEU G 218 -16.01 -9.98 -63.11
CA LEU G 218 -16.17 -11.39 -63.47
C LEU G 218 -14.87 -12.00 -63.99
N SER G 219 -14.80 -13.32 -63.91
CA SER G 219 -13.63 -14.05 -64.41
C SER G 219 -13.92 -14.56 -65.81
N GLU G 220 -13.06 -15.42 -66.34
CA GLU G 220 -13.22 -15.91 -67.70
C GLU G 220 -14.24 -17.04 -67.70
N ASN G 221 -14.18 -17.88 -66.68
CA ASN G 221 -15.11 -19.01 -66.55
C ASN G 221 -16.53 -18.57 -66.24
N ASP G 222 -16.71 -17.28 -65.94
CA ASP G 222 -18.05 -16.74 -65.72
C ASP G 222 -18.82 -16.70 -67.03
N GLU G 223 -20.04 -17.24 -66.99
CA GLU G 223 -20.93 -17.22 -68.13
C GLU G 223 -21.54 -15.84 -68.28
N TRP G 224 -21.68 -15.39 -69.52
CA TRP G 224 -22.26 -14.08 -69.78
C TRP G 224 -23.17 -14.15 -71.00
N THR G 225 -24.46 -13.94 -70.78
CA THR G 225 -25.47 -14.10 -71.82
C THR G 225 -25.83 -12.78 -72.48
N GLN G 226 -25.78 -11.70 -71.71
CA GLN G 226 -26.27 -10.39 -72.14
C GLN G 226 -25.49 -9.78 -73.30
N ASP G 227 -26.13 -8.81 -73.95
CA ASP G 227 -25.59 -8.16 -75.14
C ASP G 227 -24.34 -7.36 -74.79
N ARG G 228 -24.43 -6.55 -73.74
CA ARG G 228 -23.34 -5.67 -73.35
C ARG G 228 -22.06 -6.44 -73.03
N ALA G 229 -20.93 -5.75 -73.18
CA ALA G 229 -19.63 -6.34 -72.93
C ALA G 229 -19.55 -6.92 -71.53
N LYS G 230 -19.05 -8.15 -71.44
CA LYS G 230 -18.88 -8.84 -70.16
C LYS G 230 -18.07 -8.01 -69.17
N PRO G 231 -18.62 -7.81 -67.96
CA PRO G 231 -17.97 -6.94 -66.97
C PRO G 231 -16.86 -7.66 -66.20
N VAL G 232 -15.80 -8.01 -66.93
CA VAL G 232 -14.66 -8.70 -66.36
C VAL G 232 -13.87 -7.76 -65.47
N THR G 233 -13.11 -8.34 -64.55
CA THR G 233 -12.02 -7.66 -63.89
C THR G 233 -11.20 -6.89 -64.90
N GLN G 234 -10.91 -5.62 -64.61
CA GLN G 234 -10.25 -4.76 -65.60
C GLN G 234 -9.81 -3.42 -65.00
N ILE G 235 -8.91 -2.75 -65.70
CA ILE G 235 -8.52 -1.38 -65.36
C ILE G 235 -9.17 -0.37 -66.29
N VAL G 236 -9.81 0.64 -65.72
CA VAL G 236 -10.37 1.74 -66.51
C VAL G 236 -9.71 3.03 -66.06
N SER G 237 -9.29 3.87 -67.01
CA SER G 237 -8.56 5.08 -66.64
C SER G 237 -8.87 6.31 -67.49
N ALA G 238 -8.41 7.47 -67.03
CA ALA G 238 -8.70 8.74 -67.69
C ALA G 238 -7.48 9.67 -67.64
N GLU G 239 -7.36 10.53 -68.65
CA GLU G 239 -6.14 11.30 -68.88
C GLU G 239 -6.30 12.81 -68.80
N ALA G 240 -5.19 13.49 -68.54
CA ALA G 240 -5.14 14.95 -68.58
C ALA G 240 -3.74 15.47 -68.90
N TRP G 241 -3.67 16.41 -69.83
CA TRP G 241 -2.44 17.14 -70.10
C TRP G 241 -2.58 18.56 -69.56
N GLY G 242 -1.46 19.15 -69.13
CA GLY G 242 -1.48 20.47 -68.52
C GLY G 242 -1.49 21.65 -69.48
N ARG G 243 -2.59 22.38 -69.49
CA ARG G 243 -2.71 23.59 -70.32
C ARG G 243 -2.13 24.80 -69.57
N ALA G 244 -1.60 25.78 -70.32
CA ALA G 244 -1.06 26.99 -69.72
C ALA G 244 -1.96 28.20 -69.97
N ILE H 1 19.05 -41.45 -15.26
CA ILE H 1 18.68 -42.00 -13.96
C ILE H 1 17.29 -42.64 -13.96
N GLN H 2 17.24 -43.93 -13.66
CA GLN H 2 15.98 -44.64 -13.59
C GLN H 2 15.69 -45.01 -12.14
N ARG H 3 14.41 -45.08 -11.79
CA ARG H 3 13.99 -45.30 -10.41
C ARG H 3 13.06 -46.50 -10.29
N THR H 4 13.48 -47.50 -9.52
CA THR H 4 12.73 -48.75 -9.46
C THR H 4 11.46 -48.58 -8.59
N PRO H 5 10.37 -49.28 -8.92
CA PRO H 5 9.16 -48.99 -8.15
C PRO H 5 9.17 -49.47 -6.70
N LYS H 6 8.60 -48.63 -5.82
CA LYS H 6 8.19 -49.03 -4.49
C LYS H 6 6.88 -49.79 -4.61
N ILE H 7 6.74 -50.88 -3.86
CA ILE H 7 5.60 -51.77 -4.00
C ILE H 7 5.08 -52.11 -2.61
N GLN H 8 3.81 -51.77 -2.36
CA GLN H 8 3.21 -51.92 -1.04
C GLN H 8 1.88 -52.63 -1.18
N VAL H 9 1.73 -53.72 -0.45
CA VAL H 9 0.55 -54.55 -0.50
C VAL H 9 -0.12 -54.56 0.86
N TYR H 10 -1.41 -54.27 0.89
CA TYR H 10 -2.09 -54.01 2.15
C TYR H 10 -3.59 -54.10 1.92
N SER H 11 -4.34 -54.43 2.96
CA SER H 11 -5.80 -54.53 2.84
C SER H 11 -6.45 -53.16 3.06
N ARG H 12 -7.65 -52.99 2.52
CA ARG H 12 -8.43 -51.76 2.68
C ARG H 12 -8.74 -51.51 4.16
N HIS H 13 -9.28 -52.54 4.79
CA HIS H 13 -9.65 -52.56 6.21
C HIS H 13 -8.72 -53.51 6.94
N PRO H 14 -8.60 -53.36 8.27
CA PRO H 14 -7.81 -54.35 9.02
C PRO H 14 -8.31 -55.75 8.73
N ALA H 15 -7.39 -56.65 8.40
CA ALA H 15 -7.76 -57.94 7.85
C ALA H 15 -8.28 -58.91 8.92
N GLU H 16 -9.19 -59.76 8.50
CA GLU H 16 -9.82 -60.75 9.37
C GLU H 16 -10.20 -61.96 8.52
N ASN H 17 -9.57 -63.10 8.77
CA ASN H 17 -9.86 -64.31 8.01
C ASN H 17 -11.37 -64.60 7.98
N GLY H 18 -11.88 -64.83 6.78
CA GLY H 18 -13.29 -65.15 6.62
C GLY H 18 -14.17 -63.93 6.44
N LYS H 19 -13.58 -62.74 6.49
CA LYS H 19 -14.34 -61.51 6.31
C LYS H 19 -13.90 -60.79 5.04
N SER H 20 -14.86 -60.44 4.18
CA SER H 20 -14.54 -59.86 2.88
C SER H 20 -13.93 -58.47 3.05
N ASN H 21 -13.15 -58.08 2.06
CA ASN H 21 -12.20 -56.99 2.17
C ASN H 21 -11.70 -56.65 0.76
N PHE H 22 -10.78 -55.69 0.68
CA PHE H 22 -10.15 -55.35 -0.58
C PHE H 22 -8.62 -55.39 -0.42
N LEU H 23 -7.95 -56.02 -1.36
CA LEU H 23 -6.50 -56.08 -1.37
C LEU H 23 -5.88 -55.05 -2.31
N ASN H 24 -5.04 -54.19 -1.77
CA ASN H 24 -4.39 -53.11 -2.53
C ASN H 24 -2.93 -53.38 -2.85
N CYS H 25 -2.53 -53.00 -4.05
CA CYS H 25 -1.12 -52.90 -4.35
C CYS H 25 -0.86 -51.50 -4.88
N TYR H 26 -0.11 -50.72 -4.11
CA TYR H 26 0.28 -49.36 -4.45
C TYR H 26 1.72 -49.37 -4.95
N VAL H 27 1.90 -49.00 -6.23
CA VAL H 27 3.19 -49.04 -6.88
C VAL H 27 3.59 -47.62 -7.21
N SER H 28 4.72 -47.15 -6.67
CA SER H 28 4.96 -45.73 -6.70
C SER H 28 6.42 -45.40 -6.83
N GLY H 29 6.69 -44.11 -7.07
CA GLY H 29 8.07 -43.61 -7.11
C GLY H 29 8.94 -44.12 -8.25
N PHE H 30 8.32 -44.61 -9.32
CA PHE H 30 9.13 -45.15 -10.41
C PHE H 30 9.25 -44.22 -11.60
N HIS H 31 10.30 -44.43 -12.38
CA HIS H 31 10.57 -43.70 -13.60
C HIS H 31 11.53 -44.55 -14.44
N PRO H 32 11.26 -44.71 -15.75
CA PRO H 32 10.17 -44.14 -16.55
C PRO H 32 8.83 -44.85 -16.35
N SER H 33 7.84 -44.56 -17.20
CA SER H 33 6.42 -44.84 -16.87
C SER H 33 5.90 -46.23 -17.22
N ASP H 34 6.55 -46.92 -18.15
CA ASP H 34 6.13 -48.27 -18.52
C ASP H 34 6.21 -49.21 -17.32
N ILE H 35 5.09 -49.85 -17.01
CA ILE H 35 5.04 -50.74 -15.87
C ILE H 35 3.98 -51.85 -16.09
N GLU H 36 4.23 -53.03 -15.55
CA GLU H 36 3.22 -54.10 -15.54
C GLU H 36 2.95 -54.51 -14.11
N VAL H 37 1.68 -54.59 -13.74
CA VAL H 37 1.28 -55.01 -12.40
C VAL H 37 0.22 -56.10 -12.48
N ASP H 38 0.40 -57.20 -11.76
CA ASP H 38 -0.67 -58.16 -11.55
C ASP H 38 -0.83 -58.51 -10.08
N LEU H 39 -2.05 -58.85 -9.70
CA LEU H 39 -2.33 -59.36 -8.37
C LEU H 39 -2.46 -60.87 -8.51
N LEU H 40 -1.88 -61.59 -7.55
CA LEU H 40 -1.85 -63.05 -7.60
C LEU H 40 -2.53 -63.67 -6.38
N LYS H 41 -3.18 -64.80 -6.61
CA LYS H 41 -3.67 -65.64 -5.52
C LYS H 41 -2.99 -67.00 -5.64
N ASN H 42 -2.24 -67.36 -4.61
CA ASN H 42 -1.43 -68.58 -4.60
C ASN H 42 -0.63 -68.79 -5.90
N GLY H 43 0.00 -67.72 -6.37
CA GLY H 43 0.87 -67.82 -7.52
C GLY H 43 0.19 -67.54 -8.84
N GLU H 44 -1.14 -67.53 -8.85
CA GLU H 44 -1.89 -67.40 -10.10
C GLU H 44 -2.53 -66.02 -10.27
N ARG H 45 -2.47 -65.49 -11.49
CA ARG H 45 -2.95 -64.16 -11.77
C ARG H 45 -4.44 -64.01 -11.46
N ILE H 46 -4.80 -63.00 -10.67
CA ILE H 46 -6.21 -62.74 -10.40
C ILE H 46 -6.80 -61.93 -11.56
N GLU H 47 -7.91 -62.39 -12.08
CA GLU H 47 -8.45 -61.81 -13.31
C GLU H 47 -9.28 -60.57 -13.06
N LYS H 48 -10.02 -60.55 -11.95
CA LYS H 48 -10.88 -59.40 -11.68
C LYS H 48 -10.16 -58.35 -10.85
N VAL H 49 -9.33 -57.53 -11.49
CA VAL H 49 -8.58 -56.49 -10.78
C VAL H 49 -8.84 -55.12 -11.37
N GLU H 50 -9.11 -54.16 -10.49
CA GLU H 50 -9.32 -52.77 -10.84
C GLU H 50 -8.02 -51.99 -10.65
N HIS H 51 -7.82 -50.95 -11.45
CA HIS H 51 -6.66 -50.11 -11.22
C HIS H 51 -6.91 -48.67 -11.63
N SER H 52 -6.19 -47.77 -10.98
CA SER H 52 -6.21 -46.36 -11.31
C SER H 52 -5.39 -46.12 -12.57
N ASP H 53 -5.57 -44.95 -13.18
CA ASP H 53 -4.72 -44.55 -14.29
C ASP H 53 -3.35 -44.23 -13.74
N LEU H 54 -2.34 -44.19 -14.62
CA LEU H 54 -1.01 -43.71 -14.25
C LEU H 54 -1.15 -42.35 -13.59
N SER H 55 -0.47 -42.14 -12.48
CA SER H 55 -0.58 -40.87 -11.79
C SER H 55 0.77 -40.19 -11.66
N PHE H 56 0.74 -38.86 -11.51
CA PHE H 56 1.98 -38.07 -11.55
C PHE H 56 2.34 -37.48 -10.19
N SER H 57 3.58 -37.68 -9.78
CA SER H 57 4.07 -37.04 -8.55
C SER H 57 4.91 -35.81 -8.87
N LYS H 58 5.00 -34.90 -7.90
CA LYS H 58 5.79 -33.68 -8.08
C LYS H 58 7.27 -33.93 -8.28
N ASP H 59 7.77 -35.11 -7.87
CA ASP H 59 9.20 -35.41 -8.05
C ASP H 59 9.50 -36.06 -9.40
N TRP H 60 8.49 -36.05 -10.28
CA TRP H 60 8.53 -36.49 -11.67
C TRP H 60 8.38 -38.01 -11.81
N SER H 61 8.25 -38.71 -10.68
CA SER H 61 8.00 -40.15 -10.71
C SER H 61 6.50 -40.41 -10.87
N PHE H 62 6.13 -41.69 -11.00
CA PHE H 62 4.73 -42.07 -11.22
C PHE H 62 4.24 -43.04 -10.15
N TYR H 63 2.93 -43.18 -10.04
CA TYR H 63 2.34 -44.13 -9.13
C TYR H 63 1.00 -44.64 -9.66
N LEU H 64 0.63 -45.83 -9.20
CA LEU H 64 -0.59 -46.54 -9.59
C LEU H 64 -1.16 -47.29 -8.41
N LEU H 65 -2.48 -47.48 -8.39
CA LEU H 65 -3.10 -48.34 -7.40
C LEU H 65 -3.85 -49.48 -8.09
N TYR H 66 -3.50 -50.71 -7.73
CA TYR H 66 -4.24 -51.89 -8.18
C TYR H 66 -4.97 -52.51 -7.01
N TYR H 67 -6.19 -53.00 -7.22
CA TYR H 67 -6.91 -53.65 -6.12
C TYR H 67 -7.93 -54.68 -6.59
N THR H 68 -8.35 -55.53 -5.67
CA THR H 68 -9.33 -56.57 -5.95
C THR H 68 -10.08 -56.96 -4.67
N GLU H 69 -11.32 -57.40 -4.82
CA GLU H 69 -12.09 -57.89 -3.69
C GLU H 69 -11.58 -59.27 -3.31
N PHE H 70 -11.32 -59.49 -2.02
CA PHE H 70 -10.82 -60.78 -1.55
C PHE H 70 -11.38 -61.10 -0.16
N THR H 71 -11.42 -62.39 0.17
CA THR H 71 -11.70 -62.81 1.52
C THR H 71 -10.51 -63.60 2.03
N PRO H 72 -9.67 -62.97 2.87
CA PRO H 72 -8.44 -63.58 3.38
C PRO H 72 -8.69 -64.88 4.16
N THR H 73 -7.86 -65.88 3.90
CA THR H 73 -7.88 -67.13 4.66
C THR H 73 -6.44 -67.46 5.02
N GLU H 74 -6.26 -68.30 6.05
CA GLU H 74 -4.93 -68.72 6.45
C GLU H 74 -4.19 -69.41 5.30
N LYS H 75 -4.94 -70.17 4.49
CA LYS H 75 -4.37 -70.95 3.41
C LYS H 75 -3.89 -70.07 2.26
N ASP H 76 -4.73 -69.12 1.88
CA ASP H 76 -4.52 -68.32 0.67
C ASP H 76 -3.37 -67.31 0.79
N GLU H 77 -2.51 -67.31 -0.21
CA GLU H 77 -1.32 -66.47 -0.22
C GLU H 77 -1.42 -65.45 -1.36
N TYR H 78 -1.44 -64.17 -1.00
CA TYR H 78 -1.64 -63.13 -2.02
C TYR H 78 -0.36 -62.34 -2.27
N ALA H 79 -0.22 -61.84 -3.49
CA ALA H 79 1.00 -61.16 -3.90
C ALA H 79 0.74 -60.12 -4.98
N CYS H 80 1.73 -59.26 -5.18
CA CYS H 80 1.66 -58.26 -6.22
C CYS H 80 2.90 -58.41 -7.05
N ARG H 81 2.72 -58.65 -8.35
CA ARG H 81 3.82 -58.91 -9.27
C ARG H 81 4.00 -57.73 -10.21
N VAL H 82 5.21 -57.20 -10.22
CA VAL H 82 5.49 -55.96 -10.91
C VAL H 82 6.71 -56.10 -11.79
N ASN H 83 6.62 -55.59 -13.02
CA ASN H 83 7.79 -55.55 -13.88
C ASN H 83 8.01 -54.13 -14.36
N HIS H 84 9.27 -53.78 -14.57
CA HIS H 84 9.67 -52.42 -14.89
C HIS H 84 11.06 -52.55 -15.49
N VAL H 85 11.49 -51.59 -16.29
CA VAL H 85 12.77 -51.67 -16.98
C VAL H 85 13.93 -51.78 -15.99
N THR H 86 13.75 -51.28 -14.77
CA THR H 86 14.81 -51.37 -13.77
C THR H 86 14.96 -52.80 -13.24
N LEU H 87 14.00 -53.66 -13.55
CA LEU H 87 13.99 -55.01 -12.97
C LEU H 87 14.39 -56.04 -14.02
N SER H 88 15.33 -56.92 -13.68
CA SER H 88 15.77 -58.00 -14.57
C SER H 88 14.66 -58.99 -14.83
N GLN H 89 13.87 -59.24 -13.78
CA GLN H 89 12.74 -60.14 -13.86
C GLN H 89 11.64 -59.56 -13.00
N PRO H 90 10.39 -60.00 -13.25
CA PRO H 90 9.25 -59.56 -12.43
C PRO H 90 9.49 -59.80 -10.94
N LYS H 91 9.16 -58.79 -10.14
CA LYS H 91 9.24 -58.90 -8.70
C LYS H 91 7.87 -59.24 -8.12
N ILE H 92 7.81 -60.37 -7.42
CA ILE H 92 6.61 -60.80 -6.73
C ILE H 92 6.68 -60.39 -5.25
N VAL H 93 5.87 -59.42 -4.85
CA VAL H 93 5.87 -58.94 -3.46
C VAL H 93 4.68 -59.54 -2.72
N LYS H 94 4.96 -60.33 -1.67
CA LYS H 94 3.91 -60.98 -0.89
C LYS H 94 3.20 -60.06 0.08
N TRP H 95 1.88 -60.24 0.20
CA TRP H 95 1.09 -59.58 1.23
C TRP H 95 1.53 -60.10 2.60
N ASP H 96 1.80 -59.20 3.54
CA ASP H 96 2.23 -59.60 4.89
C ASP H 96 1.06 -59.97 5.80
N ARG H 97 -0.13 -60.14 5.21
CA ARG H 97 -1.34 -60.55 5.92
C ARG H 97 -1.74 -59.56 7.04
N ASP H 98 -1.35 -58.30 6.89
CA ASP H 98 -1.69 -57.24 7.83
C ASP H 98 -1.06 -57.53 9.21
N MET H 99 0.15 -58.07 9.19
CA MET H 99 0.88 -58.45 10.41
C MET H 99 1.10 -57.28 11.36
#